data_2VXO
#
_entry.id   2VXO
#
_cell.length_a   98.520
_cell.length_b   123.420
_cell.length_c   127.960
_cell.angle_alpha   90.00
_cell.angle_beta   90.00
_cell.angle_gamma   90.00
#
_symmetry.space_group_name_H-M   'P 21 21 21'
#
loop_
_entity.id
_entity.type
_entity.pdbx_description
1 polymer 'GMP SYNTHASE [GLUTAMINE-HYDROLYZING]'
2 non-polymer "XANTHOSINE-5'-MONOPHOSPHATE"
3 non-polymer 'SULFATE ION'
4 water water
#
_entity_poly.entity_id   1
_entity_poly.type   'polypeptide(L)'
_entity_poly.pdbx_seq_one_letter_code
;MHHHHHHSSGVDLGTENLYFQSMGHHHYEGAVVILDAGAQYGKVIDRRVRELFVQSEIFPLETPAFAIKEQGFRAIIISG
GPNSVYAEDAPWFDPAIFTIGKPVLGICYGMQMMNKVFGGTVHKKSVREDGVFNISVDNTCSLFRGLQKEEVVLLTHGDS
VDKVADGFKVVARSGNIVAGIANESKKLYGAQFHPEVGLTENGKVILKNFLYDIAGCSGTFTVQNRELECIREIKERVGT
SKVLVLLSGGVDSTVCTALLNRALNQEQVIAVHIDNGFMRKRESQSVEEALKKLGIQVKVINAAHSFYNGTTTLPISDED
RTPRKRISKTLNMTTSPEEKRKIIGDTFVKIANEVIGEMNLKPEEVFLAQGTLRPDLIESASLVASGKAELIKTHHNDTE
LIRKLREEGKVIEPLKDFHKDEVRILGRELGLPEELVSRHPFPGPGLAIRVICAEEPYICKDFPETNNILKIVADFSASV
KKPHTLLQRVKACTTEEDQEKLMQITSLHSLNAFLLPIKTVGVQGDCRSYSYVCGISSKDEPDWESLIFLARLIPRMCHN
VNRVVYIFGPPVKEPPTDVTPTFLTTGVLSTLRQADFEAHNILRESGYAGKISQMPVILTPLHFDRDPLQKQPSCQRSVV
IRTFITSDFMTGIPATPGNEIPVEVVLKMVTEIKKIPGISRIMYDLTSKPPGTTEWE
;
_entity_poly.pdbx_strand_id   A,B
#
# COMPACT_ATOMS: atom_id res chain seq x y z
N GLU A 29 -13.78 31.07 12.24
CA GLU A 29 -13.79 32.20 13.23
C GLU A 29 -12.42 32.24 13.93
N GLY A 30 -11.46 32.88 13.29
CA GLY A 30 -10.06 32.74 13.67
C GLY A 30 -9.40 31.62 12.87
N ALA A 31 -10.20 30.96 12.04
CA ALA A 31 -9.75 29.85 11.22
C ALA A 31 -9.57 30.24 9.77
N VAL A 32 -9.11 29.28 8.97
CA VAL A 32 -8.83 29.48 7.57
C VAL A 32 -9.45 28.32 6.80
N VAL A 33 -10.16 28.65 5.72
CA VAL A 33 -10.73 27.62 4.86
C VAL A 33 -9.81 27.27 3.71
N ILE A 34 -9.73 25.97 3.42
CA ILE A 34 -8.97 25.43 2.31
C ILE A 34 -9.94 24.90 1.25
N LEU A 35 -9.77 25.38 0.03
CA LEU A 35 -10.56 24.86 -1.07
C LEU A 35 -9.63 24.16 -2.04
N ASP A 36 -9.75 22.83 -2.14
CA ASP A 36 -8.92 22.05 -3.07
C ASP A 36 -9.67 21.60 -4.31
N ALA A 37 -8.97 21.62 -5.44
CA ALA A 37 -9.46 21.05 -6.70
C ALA A 37 -8.61 19.81 -7.08
N GLY A 38 -8.59 18.82 -6.19
CA GLY A 38 -7.80 17.61 -6.36
C GLY A 38 -7.67 16.81 -5.07
N TYR A 41 -3.75 17.84 -2.21
CA TYR A 41 -3.04 18.94 -1.55
C TYR A 41 -3.77 19.50 -0.32
N GLY A 42 -5.10 19.44 -0.32
CA GLY A 42 -5.91 19.92 0.79
C GLY A 42 -5.45 19.38 2.14
N LYS A 43 -5.29 18.06 2.20
CA LYS A 43 -4.77 17.37 3.38
C LYS A 43 -3.39 17.92 3.78
N VAL A 44 -2.52 18.14 2.78
CA VAL A 44 -1.16 18.61 3.04
C VAL A 44 -1.14 20.05 3.60
N ILE A 45 -1.91 20.94 2.98
CA ILE A 45 -2.07 22.31 3.46
C ILE A 45 -2.68 22.27 4.86
N ASP A 46 -3.65 21.37 5.05
CA ASP A 46 -4.31 21.23 6.34
C ASP A 46 -3.31 20.88 7.43
N ARG A 47 -2.40 19.96 7.12
CA ARG A 47 -1.35 19.56 8.04
C ARG A 47 -0.34 20.70 8.35
N ARG A 48 0.11 21.41 7.30
CA ARG A 48 1.00 22.55 7.47
C ARG A 48 0.37 23.68 8.29
N VAL A 49 -0.90 24.00 8.00
CA VAL A 49 -1.59 25.07 8.73
C VAL A 49 -1.74 24.68 10.22
N ARG A 50 -2.09 23.43 10.47
CA ARG A 50 -2.16 22.87 11.83
C ARG A 50 -0.79 22.94 12.53
N GLU A 51 0.27 22.56 11.82
CA GLU A 51 1.62 22.62 12.38
C GLU A 51 2.04 24.07 12.67
N LEU A 52 1.34 25.02 12.07
CA LEU A 52 1.56 26.43 12.37
C LEU A 52 0.53 27.02 13.35
N PHE A 53 -0.25 26.17 14.01
CA PHE A 53 -1.12 26.57 15.14
C PHE A 53 -2.29 27.45 14.72
N VAL A 54 -2.76 27.24 13.50
CA VAL A 54 -3.97 27.89 13.03
C VAL A 54 -4.98 26.81 12.61
N GLN A 55 -6.26 27.03 12.94
CA GLN A 55 -7.33 26.09 12.60
C GLN A 55 -7.68 26.13 11.10
N SER A 56 -7.81 24.94 10.52
CA SER A 56 -7.92 24.80 9.09
C SER A 56 -9.00 23.76 8.74
N GLU A 57 -10.13 24.22 8.21
CA GLU A 57 -11.16 23.31 7.68
C GLU A 57 -11.06 23.26 6.16
N ILE A 58 -11.11 22.06 5.58
CA ILE A 58 -11.19 21.91 4.13
C ILE A 58 -12.65 21.85 3.69
N PHE A 59 -12.98 22.57 2.63
CA PHE A 59 -14.31 22.62 2.07
C PHE A 59 -14.25 22.23 0.59
N PRO A 60 -15.40 21.83 0.00
CA PRO A 60 -15.38 21.53 -1.44
C PRO A 60 -15.28 22.81 -2.27
N LEU A 61 -14.71 22.71 -3.47
CA LEU A 61 -14.46 23.88 -4.31
C LEU A 61 -15.71 24.72 -4.58
N GLU A 62 -16.87 24.08 -4.55
CA GLU A 62 -18.11 24.74 -4.94
C GLU A 62 -18.71 25.56 -3.80
N THR A 63 -18.09 25.52 -2.62
CA THR A 63 -18.58 26.28 -1.46
C THR A 63 -18.74 27.75 -1.85
N PRO A 64 -19.92 28.34 -1.57
CA PRO A 64 -20.18 29.75 -1.87
C PRO A 64 -19.51 30.69 -0.87
N ALA A 65 -19.23 31.91 -1.31
CA ALA A 65 -18.51 32.89 -0.48
C ALA A 65 -19.32 33.35 0.73
N PHE A 66 -20.64 33.42 0.57
CA PHE A 66 -21.49 33.81 1.71
C PHE A 66 -21.39 32.76 2.83
N ALA A 67 -21.28 31.48 2.46
CA ALA A 67 -21.04 30.40 3.42
C ALA A 67 -19.72 30.58 4.18
N ILE A 68 -18.70 31.06 3.49
CA ILE A 68 -17.41 31.33 4.11
C ILE A 68 -17.47 32.61 4.94
N LYS A 69 -18.21 33.60 4.48
CA LYS A 69 -18.38 34.82 5.29
C LYS A 69 -19.19 34.55 6.56
N GLU A 70 -20.24 33.74 6.44
CA GLU A 70 -21.12 33.41 7.56
C GLU A 70 -20.36 32.71 8.69
N GLN A 71 -19.45 31.81 8.30
CA GLN A 71 -18.69 31.02 9.25
C GLN A 71 -17.53 31.80 9.88
N GLY A 72 -17.19 32.94 9.30
CA GLY A 72 -16.18 33.86 9.87
C GLY A 72 -14.72 33.47 9.72
N PHE A 73 -14.40 32.69 8.69
CA PHE A 73 -13.01 32.37 8.35
C PHE A 73 -12.19 33.64 8.07
N ARG A 74 -10.93 33.65 8.50
CA ARG A 74 -10.10 34.84 8.34
C ARG A 74 -9.50 34.95 6.96
N ALA A 75 -9.26 33.82 6.33
CA ALA A 75 -8.58 33.79 5.04
C ALA A 75 -8.93 32.53 4.30
N ILE A 76 -8.59 32.49 3.02
CA ILE A 76 -8.94 31.39 2.15
C ILE A 76 -7.69 30.90 1.45
N ILE A 77 -7.49 29.59 1.41
CA ILE A 77 -6.40 29.00 0.65
C ILE A 77 -7.01 28.13 -0.45
N ILE A 78 -6.58 28.34 -1.68
CA ILE A 78 -7.11 27.61 -2.83
C ILE A 78 -5.99 26.92 -3.58
N SER A 79 -6.13 25.61 -3.77
CA SER A 79 -5.13 24.81 -4.48
C SER A 79 -5.72 23.82 -5.47
N GLY A 80 -4.85 23.17 -6.24
CA GLY A 80 -5.25 22.15 -7.22
C GLY A 80 -4.14 21.82 -8.20
N GLY A 81 -4.18 20.59 -8.76
CA GLY A 81 -3.13 20.05 -9.62
C GLY A 81 -2.95 20.75 -10.96
N PRO A 82 -2.48 20.01 -11.99
CA PRO A 82 -2.18 20.59 -13.30
C PRO A 82 -3.43 21.04 -14.07
N ALA A 90 -13.86 23.42 -16.84
CA ALA A 90 -13.38 23.96 -15.57
C ALA A 90 -14.45 23.90 -14.46
N PRO A 91 -14.07 23.36 -13.28
CA PRO A 91 -15.03 23.15 -12.17
C PRO A 91 -15.69 24.41 -11.61
N TRP A 92 -16.87 24.22 -11.06
CA TRP A 92 -17.76 25.29 -10.61
C TRP A 92 -17.23 25.87 -9.32
N PHE A 93 -16.84 27.15 -9.35
CA PHE A 93 -16.56 27.85 -8.11
C PHE A 93 -17.23 29.20 -8.08
N ASP A 94 -17.45 29.72 -6.89
CA ASP A 94 -17.99 31.05 -6.70
C ASP A 94 -16.85 32.07 -6.78
N PRO A 95 -16.81 32.89 -7.86
CA PRO A 95 -15.76 33.89 -7.97
C PRO A 95 -15.80 34.93 -6.86
N ALA A 96 -16.87 34.97 -6.07
CA ALA A 96 -16.95 35.87 -4.91
C ALA A 96 -15.97 35.49 -3.80
N ILE A 97 -15.41 34.29 -3.87
CA ILE A 97 -14.37 33.93 -2.90
C ILE A 97 -13.18 34.89 -2.97
N PHE A 98 -12.93 35.45 -4.16
CA PHE A 98 -11.92 36.50 -4.36
C PHE A 98 -12.39 37.92 -4.06
N THR A 99 -13.70 38.13 -3.99
CA THR A 99 -14.20 39.52 -3.97
C THR A 99 -14.72 39.97 -2.61
N ILE A 100 -14.92 39.04 -1.68
CA ILE A 100 -15.58 39.38 -0.40
C ILE A 100 -14.69 40.05 0.63
N GLY A 101 -13.46 40.39 0.26
CA GLY A 101 -12.57 41.14 1.16
C GLY A 101 -11.76 40.28 2.13
N LYS A 102 -11.69 38.99 1.89
CA LYS A 102 -10.83 38.14 2.68
C LYS A 102 -9.51 37.87 1.96
N PRO A 103 -8.38 37.88 2.70
CA PRO A 103 -7.10 37.49 2.10
C PRO A 103 -7.20 36.11 1.45
N VAL A 104 -6.61 35.96 0.27
CA VAL A 104 -6.65 34.70 -0.47
C VAL A 104 -5.28 34.32 -0.99
N LEU A 105 -4.94 33.04 -0.78
CA LEU A 105 -3.72 32.45 -1.31
C LEU A 105 -4.07 31.38 -2.36
N GLY A 106 -3.72 31.67 -3.60
CA GLY A 106 -3.89 30.71 -4.69
C GLY A 106 -2.62 29.93 -4.96
N ILE A 107 -2.63 28.65 -4.64
CA ILE A 107 -1.52 27.77 -4.97
C ILE A 107 -1.85 26.99 -6.23
N CYS A 108 -1.10 27.24 -7.29
CA CYS A 108 -1.17 26.50 -8.57
C CYS A 108 -2.40 26.80 -9.40
N TYR A 109 -3.34 25.87 -9.42
CA TYR A 109 -4.60 26.04 -10.10
C TYR A 109 -5.33 27.21 -9.46
N GLY A 110 -5.19 27.33 -8.14
CA GLY A 110 -5.78 28.43 -7.39
C GLY A 110 -5.28 29.76 -7.89
N MET A 111 -3.97 29.83 -8.13
CA MET A 111 -3.37 31.00 -8.75
C MET A 111 -3.93 31.25 -10.15
N GLN A 112 -4.16 30.17 -10.91
CA GLN A 112 -4.74 30.29 -12.26
C GLN A 112 -6.16 30.83 -12.22
N MET A 113 -6.98 30.27 -11.32
CA MET A 113 -8.34 30.79 -11.09
C MET A 113 -8.29 32.26 -10.75
N MET A 114 -7.46 32.61 -9.76
CA MET A 114 -7.30 33.99 -9.33
C MET A 114 -7.02 34.91 -10.53
N ASN A 115 -6.03 34.54 -11.34
CA ASN A 115 -5.66 35.31 -12.52
C ASN A 115 -6.80 35.41 -13.54
N LYS A 116 -7.43 34.27 -13.86
CA LYS A 116 -8.54 34.23 -14.80
C LYS A 116 -9.70 35.12 -14.36
N VAL A 117 -10.05 35.04 -13.08
CA VAL A 117 -11.15 35.84 -12.53
C VAL A 117 -10.89 37.33 -12.67
N PHE A 118 -9.62 37.74 -12.63
CA PHE A 118 -9.31 39.16 -12.72
C PHE A 118 -8.86 39.64 -14.12
N GLY A 119 -9.15 38.82 -15.14
CA GLY A 119 -8.94 39.21 -16.53
C GLY A 119 -7.80 38.48 -17.23
N GLY A 120 -6.78 38.10 -16.46
CA GLY A 120 -5.57 37.48 -17.01
C GLY A 120 -5.77 36.27 -17.90
N THR A 121 -4.78 36.00 -18.75
CA THR A 121 -4.86 34.90 -19.71
C THR A 121 -3.74 33.89 -19.52
N VAL A 122 -3.66 32.95 -20.46
CA VAL A 122 -2.65 31.89 -20.46
C VAL A 122 -2.13 31.73 -21.91
N HIS A 123 -0.96 31.12 -22.07
CA HIS A 123 -0.46 30.73 -23.39
C HIS A 123 -0.06 29.24 -23.45
N LYS A 124 0.67 28.88 -24.51
CA LYS A 124 1.16 27.51 -24.76
C LYS A 124 0.02 26.48 -24.83
N VAL A 132 11.41 20.77 -9.37
CA VAL A 132 12.27 21.44 -8.38
C VAL A 132 13.30 22.40 -9.00
N PHE A 133 13.06 23.69 -8.83
CA PHE A 133 13.85 24.74 -9.47
C PHE A 133 14.22 25.84 -8.50
N ASN A 134 15.31 26.52 -8.82
CA ASN A 134 15.77 27.66 -8.08
C ASN A 134 15.18 28.88 -8.77
N ILE A 135 14.18 29.50 -8.16
CA ILE A 135 13.46 30.63 -8.75
C ILE A 135 13.81 31.98 -8.12
N SER A 136 13.41 33.04 -8.81
CA SER A 136 13.54 34.39 -8.27
C SER A 136 12.21 34.88 -7.68
N VAL A 137 12.33 35.51 -6.53
CA VAL A 137 11.20 35.95 -5.73
C VAL A 137 11.42 37.42 -5.36
N ASP A 138 10.34 38.20 -5.36
CA ASP A 138 10.38 39.57 -4.88
C ASP A 138 10.05 39.61 -3.38
N ASN A 139 11.08 39.71 -2.57
CA ASN A 139 10.90 39.69 -1.12
C ASN A 139 10.32 40.96 -0.51
N THR A 140 9.85 41.89 -1.36
CA THR A 140 9.09 43.04 -0.87
C THR A 140 7.58 42.72 -0.83
N CYS A 141 7.16 41.72 -1.60
CA CYS A 141 5.79 41.24 -1.57
C CYS A 141 5.47 40.59 -0.23
N SER A 142 4.27 40.85 0.28
CA SER A 142 3.90 40.43 1.63
C SER A 142 4.07 38.93 1.85
N LEU A 143 3.76 38.15 0.82
CA LEU A 143 3.88 36.71 0.89
C LEU A 143 5.33 36.25 1.06
N PHE A 144 6.27 37.08 0.62
CA PHE A 144 7.68 36.67 0.53
C PHE A 144 8.68 37.42 1.45
N ARG A 145 8.17 38.17 2.44
CA ARG A 145 9.05 38.90 3.36
C ARG A 145 9.94 37.94 4.14
N GLY A 146 11.23 38.27 4.21
CA GLY A 146 12.18 37.45 4.94
C GLY A 146 12.74 36.28 4.15
N LEU A 147 12.48 36.27 2.85
CA LEU A 147 13.11 35.29 1.97
C LEU A 147 14.29 35.92 1.22
N GLN A 148 15.14 35.06 0.67
CA GLN A 148 16.17 35.49 -0.28
C GLN A 148 15.49 35.77 -1.60
N LYS A 149 16.14 36.56 -2.46
CA LYS A 149 15.74 36.75 -3.85
C LYS A 149 15.64 35.43 -4.61
N GLU A 150 16.43 34.44 -4.18
CA GLU A 150 16.49 33.11 -4.80
C GLU A 150 15.90 32.06 -3.88
N GLU A 151 14.97 31.27 -4.41
CA GLU A 151 14.34 30.23 -3.61
C GLU A 151 14.22 28.92 -4.38
N VAL A 152 14.45 27.82 -3.65
CA VAL A 152 14.22 26.47 -4.14
C VAL A 152 12.73 26.09 -3.97
N VAL A 153 12.05 25.82 -5.08
CA VAL A 153 10.62 25.48 -5.03
C VAL A 153 10.25 24.30 -5.92
N LEU A 154 9.18 23.60 -5.54
CA LEU A 154 8.60 22.53 -6.36
C LEU A 154 7.57 23.11 -7.33
N LEU A 155 7.96 23.19 -8.60
CA LEU A 155 7.11 23.68 -9.68
C LEU A 155 6.52 22.50 -10.43
N THR A 156 5.19 22.48 -10.57
CA THR A 156 4.52 21.39 -11.30
C THR A 156 4.18 21.76 -12.75
N HIS A 157 4.22 20.76 -13.64
CA HIS A 157 3.94 20.96 -15.07
C HIS A 157 2.48 21.35 -15.35
N GLY A 158 2.29 22.24 -16.32
CA GLY A 158 0.96 22.71 -16.69
C GLY A 158 0.97 24.13 -17.22
N ASP A 159 -0.20 24.77 -17.17
CA ASP A 159 -0.38 26.13 -17.69
C ASP A 159 0.48 27.17 -16.99
N SER A 160 0.52 28.35 -17.59
CA SER A 160 1.37 29.44 -17.12
C SER A 160 0.83 30.77 -17.63
N VAL A 161 0.87 31.78 -16.77
CA VAL A 161 0.26 33.09 -17.01
C VAL A 161 0.85 33.82 -18.21
N ASP A 162 -0.02 34.45 -19.00
CA ASP A 162 0.36 35.27 -20.12
C ASP A 162 0.10 36.71 -19.73
N LYS A 163 -1.10 37.22 -20.05
CA LYS A 163 -1.51 38.54 -19.56
C LYS A 163 -1.75 38.42 -18.06
N VAL A 164 -1.08 39.27 -17.32
CA VAL A 164 -1.18 39.28 -15.87
C VAL A 164 -2.37 40.16 -15.53
N ALA A 165 -3.30 39.60 -14.75
CA ALA A 165 -4.57 40.26 -14.42
C ALA A 165 -4.37 41.71 -13.96
N ASP A 166 -5.31 42.59 -14.34
CA ASP A 166 -5.21 44.01 -13.98
C ASP A 166 -5.25 44.21 -12.47
N GLY A 167 -4.35 45.06 -11.98
CA GLY A 167 -4.24 45.33 -10.54
C GLY A 167 -3.25 44.40 -9.86
N PHE A 168 -2.81 43.37 -10.60
CA PHE A 168 -1.84 42.38 -10.11
C PHE A 168 -0.44 42.65 -10.63
N LYS A 169 0.53 42.16 -9.89
CA LYS A 169 1.93 42.39 -10.17
C LYS A 169 2.65 41.04 -10.07
N VAL A 170 3.64 40.82 -10.94
CA VAL A 170 4.44 39.59 -10.89
C VAL A 170 5.44 39.72 -9.76
N VAL A 171 5.51 38.70 -8.91
CA VAL A 171 6.32 38.76 -7.70
C VAL A 171 7.23 37.54 -7.56
N ALA A 172 7.17 36.66 -8.55
CA ALA A 172 8.06 35.50 -8.63
C ALA A 172 8.19 35.05 -10.07
N ARG A 173 9.40 34.61 -10.42
CA ARG A 173 9.74 34.26 -11.78
C ARG A 173 10.63 33.00 -11.81
N SER A 174 10.35 32.11 -12.76
CA SER A 174 11.21 30.96 -13.06
C SER A 174 11.52 31.03 -14.53
N GLY A 175 12.70 31.57 -14.86
CA GLY A 175 12.98 31.98 -16.22
C GLY A 175 12.00 33.08 -16.58
N ASN A 176 11.17 32.82 -17.58
CA ASN A 176 10.12 33.75 -17.99
C ASN A 176 8.78 33.38 -17.39
N ILE A 177 8.57 32.08 -17.18
CA ILE A 177 7.36 31.57 -16.54
C ILE A 177 7.05 32.36 -15.26
N VAL A 178 5.87 32.98 -15.23
CA VAL A 178 5.37 33.68 -14.04
C VAL A 178 5.14 32.66 -12.93
N ALA A 179 5.80 32.87 -11.80
CA ALA A 179 5.73 31.93 -10.67
C ALA A 179 4.95 32.49 -9.48
N GLY A 180 4.64 33.78 -9.52
CA GLY A 180 3.92 34.44 -8.45
C GLY A 180 3.27 35.73 -8.88
N ILE A 181 2.05 35.97 -8.40
CA ILE A 181 1.34 37.22 -8.65
C ILE A 181 0.78 37.79 -7.34
N ALA A 182 0.49 39.07 -7.33
CA ALA A 182 0.02 39.72 -6.11
C ALA A 182 -0.70 41.03 -6.36
N ASN A 183 -1.83 41.17 -5.69
CA ASN A 183 -2.49 42.46 -5.52
C ASN A 183 -2.49 42.73 -4.03
N GLU A 184 -1.65 43.66 -3.60
CA GLU A 184 -1.48 43.93 -2.18
C GLU A 184 -2.72 44.56 -1.55
N SER A 185 -3.31 45.54 -2.26
CA SER A 185 -4.46 46.27 -1.73
C SER A 185 -5.66 45.36 -1.52
N LYS A 186 -5.84 44.37 -2.39
CA LYS A 186 -6.91 43.39 -2.19
C LYS A 186 -6.46 42.14 -1.38
N LYS A 187 -5.17 42.09 -1.06
CA LYS A 187 -4.57 40.97 -0.33
C LYS A 187 -4.84 39.61 -1.00
N LEU A 188 -4.68 39.57 -2.33
CA LEU A 188 -4.79 38.33 -3.08
C LEU A 188 -3.41 37.94 -3.62
N TYR A 189 -3.04 36.68 -3.39
CA TYR A 189 -1.69 36.20 -3.71
C TYR A 189 -1.72 34.87 -4.43
N GLY A 190 -0.94 34.80 -5.50
CA GLY A 190 -0.87 33.58 -6.29
C GLY A 190 0.54 33.06 -6.32
N ALA A 191 0.68 31.76 -6.13
CA ALA A 191 1.97 31.09 -6.30
C ALA A 191 1.80 29.87 -7.20
N GLN A 192 2.67 29.76 -8.21
CA GLN A 192 2.67 28.60 -9.10
C GLN A 192 3.19 27.33 -8.42
N PHE A 193 4.18 27.48 -7.54
CA PHE A 193 4.74 26.34 -6.79
C PHE A 193 3.88 25.94 -5.58
N HIS A 194 4.24 24.82 -4.94
CA HIS A 194 3.56 24.38 -3.72
C HIS A 194 4.42 24.68 -2.50
N PRO A 195 4.03 25.68 -1.68
CA PRO A 195 4.81 25.96 -0.48
C PRO A 195 4.52 24.95 0.61
N GLU A 196 3.46 24.18 0.45
CA GLU A 196 2.98 23.26 1.46
C GLU A 196 3.78 21.96 1.55
N VAL A 197 4.62 21.68 0.55
CA VAL A 197 5.54 20.54 0.63
C VAL A 197 6.86 20.95 1.30
N GLY A 198 7.62 19.97 1.79
CA GLY A 198 8.97 20.20 2.34
C GLY A 198 10.03 20.35 1.24
N LEU A 199 9.70 19.93 0.03
CA LEU A 199 10.60 20.06 -1.12
C LEU A 199 10.76 21.53 -1.49
N THR A 200 9.74 22.34 -1.19
CA THR A 200 9.88 23.80 -1.15
C THR A 200 10.44 24.17 0.22
N GLU A 201 11.74 24.45 0.24
CA GLU A 201 12.55 24.55 1.46
C GLU A 201 12.07 25.59 2.50
N ASN A 202 11.69 26.77 2.02
CA ASN A 202 11.18 27.85 2.86
C ASN A 202 9.65 28.03 2.73
N GLY A 203 8.95 26.94 2.40
CA GLY A 203 7.51 26.98 2.25
C GLY A 203 6.77 27.33 3.53
N LYS A 204 7.35 26.91 4.64
CA LYS A 204 6.81 27.19 5.96
C LYS A 204 6.85 28.70 6.25
N VAL A 205 7.87 29.39 5.76
CA VAL A 205 7.96 30.84 5.89
C VAL A 205 6.82 31.53 5.10
N ILE A 206 6.62 31.10 3.86
CA ILE A 206 5.53 31.63 3.02
C ILE A 206 4.18 31.48 3.72
N LEU A 207 3.86 30.25 4.16
CA LEU A 207 2.61 29.98 4.86
C LEU A 207 2.43 30.83 6.13
N LYS A 208 3.54 31.04 6.83
CA LYS A 208 3.59 31.90 8.00
C LYS A 208 3.23 33.35 7.62
N ASN A 209 3.86 33.88 6.57
CA ASN A 209 3.52 35.20 6.04
C ASN A 209 2.04 35.34 5.68
N PHE A 210 1.46 34.31 5.06
CA PHE A 210 0.05 34.33 4.75
C PHE A 210 -0.84 34.30 5.98
N LEU A 211 -0.61 33.33 6.87
CA LEU A 211 -1.50 33.15 8.02
C LEU A 211 -1.39 34.28 9.04
N TYR A 212 -0.18 34.64 9.41
CA TYR A 212 0.06 35.64 10.47
C TYR A 212 0.10 37.08 9.97
N ASP A 213 1.04 37.39 9.08
CA ASP A 213 1.26 38.78 8.64
C ASP A 213 0.09 39.37 7.88
N ILE A 214 -0.40 38.61 6.92
CA ILE A 214 -1.45 39.03 6.02
C ILE A 214 -2.83 38.80 6.65
N ALA A 215 -3.10 37.56 7.05
CA ALA A 215 -4.44 37.23 7.53
C ALA A 215 -4.65 37.62 8.98
N GLY A 216 -3.56 37.78 9.73
CA GLY A 216 -3.65 38.14 11.15
C GLY A 216 -4.10 37.03 12.11
N CYS A 217 -3.96 35.77 11.71
CA CYS A 217 -4.19 34.65 12.64
C CYS A 217 -3.17 34.71 13.77
N SER A 218 -3.61 34.44 14.99
CA SER A 218 -2.77 34.67 16.16
C SER A 218 -1.95 33.46 16.63
N GLY A 219 -2.15 32.31 16.01
CA GLY A 219 -1.41 31.11 16.37
C GLY A 219 -1.83 30.47 17.68
N THR A 220 -3.14 30.38 17.94
CA THR A 220 -3.62 29.80 19.19
C THR A 220 -4.26 28.42 19.07
N PHE A 221 -4.27 27.85 17.86
CA PHE A 221 -4.79 26.52 17.65
C PHE A 221 -3.72 25.48 17.97
N THR A 222 -3.46 25.33 19.27
CA THR A 222 -2.48 24.38 19.79
C THR A 222 -3.20 23.20 20.44
N VAL A 223 -2.44 22.16 20.77
CA VAL A 223 -2.98 21.01 21.44
C VAL A 223 -3.57 21.41 22.80
N GLN A 224 -2.88 22.33 23.50
CA GLN A 224 -3.33 22.79 24.80
C GLN A 224 -4.71 23.43 24.74
N ASN A 225 -4.92 24.32 23.77
CA ASN A 225 -6.21 24.98 23.64
C ASN A 225 -7.32 24.07 23.11
N ARG A 226 -6.98 23.20 22.17
CA ARG A 226 -7.90 22.20 21.67
C ARG A 226 -8.30 21.23 22.80
N GLU A 227 -7.34 20.91 23.67
CA GLU A 227 -7.64 20.09 24.83
C GLU A 227 -8.69 20.75 25.73
N LEU A 228 -8.55 22.05 25.93
CA LEU A 228 -9.50 22.81 26.76
C LEU A 228 -10.85 22.96 26.10
N GLU A 229 -10.86 23.07 24.78
CA GLU A 229 -12.14 23.09 24.09
C GLU A 229 -12.78 21.68 24.21
N CYS A 230 -11.96 20.66 24.04
CA CYS A 230 -12.40 19.29 24.17
C CYS A 230 -12.99 19.01 25.56
N ILE A 231 -12.36 19.55 26.61
CA ILE A 231 -12.87 19.41 27.97
C ILE A 231 -14.25 20.05 28.09
N ARG A 232 -14.39 21.28 27.58
CA ARG A 232 -15.68 21.98 27.59
C ARG A 232 -16.78 21.17 26.91
N GLU A 233 -16.50 20.64 25.72
CA GLU A 233 -17.46 19.77 25.01
C GLU A 233 -17.81 18.49 25.80
N ILE A 234 -16.82 17.89 26.46
CA ILE A 234 -17.10 16.76 27.33
C ILE A 234 -18.04 17.17 28.48
N LYS A 235 -17.73 18.29 29.15
CA LYS A 235 -18.58 18.79 30.24
C LYS A 235 -20.01 18.97 29.77
N GLU A 236 -20.14 19.52 28.56
CA GLU A 236 -21.43 19.84 27.96
C GLU A 236 -22.23 18.58 27.57
N ARG A 237 -21.57 17.55 27.05
CA ARG A 237 -22.24 16.33 26.60
C ARG A 237 -22.70 15.48 27.78
N VAL A 238 -21.82 15.31 28.76
CA VAL A 238 -21.99 14.37 29.88
C VAL A 238 -22.79 14.96 31.06
N GLY A 239 -22.57 16.23 31.35
CA GLY A 239 -23.20 16.89 32.49
C GLY A 239 -22.82 16.17 33.75
N THR A 240 -23.81 15.60 34.43
CA THR A 240 -23.60 14.95 35.73
C THR A 240 -23.53 13.42 35.65
N SER A 241 -23.68 12.87 34.44
CA SER A 241 -23.67 11.41 34.24
C SER A 241 -22.32 10.80 34.53
N LYS A 242 -22.32 9.50 34.82
CA LYS A 242 -21.07 8.77 35.01
C LYS A 242 -20.55 8.33 33.65
N VAL A 243 -19.25 8.14 33.56
CA VAL A 243 -18.61 7.71 32.32
C VAL A 243 -17.76 6.48 32.60
N LEU A 244 -18.10 5.40 31.92
CA LEU A 244 -17.30 4.21 32.02
C LEU A 244 -16.31 4.19 30.86
N VAL A 245 -15.06 3.86 31.18
CA VAL A 245 -14.05 3.68 30.14
C VAL A 245 -13.46 2.28 30.23
N LEU A 246 -13.38 1.62 29.09
CA LEU A 246 -12.81 0.28 29.01
C LEU A 246 -11.34 0.44 28.67
N LEU A 247 -10.54 0.47 29.72
CA LEU A 247 -9.12 0.73 29.62
C LEU A 247 -8.37 -0.56 29.34
N SER A 248 -7.75 -0.64 28.16
CA SER A 248 -6.99 -1.80 27.72
C SER A 248 -5.51 -1.75 28.13
N GLY A 249 -5.04 -0.58 28.52
CA GLY A 249 -3.65 -0.42 28.90
C GLY A 249 -2.84 0.25 27.81
N GLY A 250 -3.38 0.32 26.60
CA GLY A 250 -2.75 1.04 25.49
C GLY A 250 -2.72 2.54 25.67
N VAL A 251 -1.97 3.22 24.80
CA VAL A 251 -1.77 4.66 24.89
C VAL A 251 -3.06 5.48 24.81
N ASP A 252 -3.87 5.25 23.78
CA ASP A 252 -5.11 6.02 23.51
C ASP A 252 -6.12 5.92 24.64
N SER A 253 -6.27 4.71 25.15
CA SER A 253 -7.22 4.39 26.19
C SER A 253 -6.85 5.09 27.51
N THR A 254 -5.54 5.13 27.78
CA THR A 254 -5.03 5.76 28.98
C THR A 254 -5.16 7.28 28.91
N VAL A 255 -4.83 7.88 27.77
CA VAL A 255 -5.00 9.32 27.57
C VAL A 255 -6.49 9.68 27.65
N CYS A 256 -7.33 8.86 27.02
CA CYS A 256 -8.77 9.05 27.09
C CYS A 256 -9.23 9.09 28.53
N THR A 257 -8.83 8.08 29.30
CA THR A 257 -9.15 8.02 30.72
C THR A 257 -8.66 9.28 31.46
N ALA A 258 -7.44 9.72 31.17
CA ALA A 258 -6.90 10.86 31.87
C ALA A 258 -7.61 12.15 31.45
N LEU A 259 -7.99 12.22 30.17
CA LEU A 259 -8.74 13.35 29.64
C LEU A 259 -10.14 13.45 30.26
N LEU A 260 -10.81 12.29 30.39
CA LEU A 260 -12.14 12.25 30.99
C LEU A 260 -12.10 12.65 32.45
N ASN A 261 -11.11 12.15 33.15
CA ASN A 261 -10.92 12.52 34.54
C ASN A 261 -10.64 14.00 34.71
N ARG A 262 -9.86 14.58 33.79
CA ARG A 262 -9.54 16.00 33.82
C ARG A 262 -10.78 16.86 33.53
N ALA A 263 -11.65 16.40 32.63
CA ALA A 263 -12.87 17.13 32.27
C ALA A 263 -13.95 17.06 33.35
N LEU A 264 -13.97 15.98 34.10
CA LEU A 264 -15.08 15.69 35.00
C LEU A 264 -14.67 15.54 36.48
N ASN A 265 -15.64 15.38 37.36
CA ASN A 265 -15.36 15.05 38.76
C ASN A 265 -14.70 13.68 38.90
N GLN A 266 -14.03 13.48 40.02
CA GLN A 266 -13.33 12.22 40.26
C GLN A 266 -14.32 11.07 40.29
N GLU A 267 -15.50 11.34 40.84
CA GLU A 267 -16.53 10.32 41.02
C GLU A 267 -17.27 9.94 39.74
N GLN A 268 -17.10 10.75 38.69
CA GLN A 268 -17.80 10.53 37.42
C GLN A 268 -17.13 9.56 36.46
N VAL A 269 -15.85 9.27 36.69
CA VAL A 269 -15.12 8.46 35.73
C VAL A 269 -14.77 7.12 36.35
N ILE A 270 -15.31 6.06 35.75
CA ILE A 270 -14.98 4.72 36.20
C ILE A 270 -14.13 4.06 35.12
N ALA A 271 -12.86 3.81 35.48
CA ALA A 271 -11.93 3.09 34.61
C ALA A 271 -11.93 1.60 34.95
N VAL A 272 -12.18 0.77 33.94
CA VAL A 272 -12.25 -0.68 34.12
C VAL A 272 -11.29 -1.40 33.17
N HIS A 273 -10.31 -2.08 33.77
CA HIS A 273 -9.38 -2.87 32.98
C HIS A 273 -9.73 -4.34 33.09
N ILE A 274 -10.12 -4.94 31.96
CA ILE A 274 -10.33 -6.39 31.92
C ILE A 274 -9.06 -7.04 31.40
N ASP A 275 -8.38 -7.76 32.28
CA ASP A 275 -7.14 -8.44 31.94
C ASP A 275 -7.45 -9.79 31.33
N ASN A 276 -7.08 -9.96 30.07
CA ASN A 276 -7.38 -11.14 29.31
C ASN A 276 -6.38 -12.27 29.44
N GLY A 277 -5.36 -12.08 30.29
CA GLY A 277 -4.30 -13.08 30.46
C GLY A 277 -3.23 -13.12 29.38
N PHE A 278 -3.31 -12.20 28.41
CA PHE A 278 -2.38 -12.15 27.28
C PHE A 278 -1.58 -10.84 27.22
N MET A 279 -1.57 -10.10 28.33
CA MET A 279 -0.83 -8.86 28.42
CA MET A 279 -0.82 -8.85 28.42
C MET A 279 0.65 -9.14 28.73
N ARG A 280 1.51 -8.18 28.41
CA ARG A 280 2.95 -8.29 28.63
C ARG A 280 3.28 -8.21 30.11
N LYS A 281 4.54 -8.47 30.43
CA LYS A 281 5.05 -8.46 31.80
C LYS A 281 5.03 -7.05 32.40
N ARG A 282 4.34 -6.90 33.54
CA ARG A 282 4.42 -5.68 34.39
C ARG A 282 3.80 -4.40 33.82
N GLU A 283 3.31 -4.45 32.57
CA GLU A 283 2.78 -3.26 31.89
C GLU A 283 1.31 -2.96 32.17
N SER A 284 0.60 -3.92 32.76
CA SER A 284 -0.71 -3.63 33.33
C SER A 284 -0.48 -2.81 34.60
N GLN A 285 0.38 -3.33 35.48
CA GLN A 285 0.65 -2.69 36.77
C GLN A 285 1.11 -1.24 36.64
N SER A 286 1.96 -0.96 35.66
CA SER A 286 2.52 0.39 35.51
C SER A 286 1.54 1.40 34.92
N VAL A 287 0.49 0.93 34.25
CA VAL A 287 -0.55 1.82 33.72
C VAL A 287 -1.49 2.23 34.85
N GLU A 288 -1.86 1.25 35.66
CA GLU A 288 -2.58 1.46 36.92
C GLU A 288 -1.81 2.43 37.81
N GLU A 289 -0.52 2.17 38.01
CA GLU A 289 0.33 3.01 38.87
C GLU A 289 0.41 4.47 38.40
N ALA A 290 0.50 4.66 37.08
CA ALA A 290 0.57 6.00 36.51
C ALA A 290 -0.74 6.74 36.69
N LEU A 291 -1.85 6.05 36.44
CA LEU A 291 -3.17 6.66 36.57
C LEU A 291 -3.50 6.95 38.03
N LYS A 292 -3.02 6.06 38.91
CA LYS A 292 -3.16 6.19 40.35
C LYS A 292 -2.47 7.48 40.81
N LYS A 293 -1.23 7.65 40.39
CA LYS A 293 -0.45 8.86 40.67
C LYS A 293 -1.24 10.15 40.35
N LEU A 294 -2.08 10.11 39.31
CA LEU A 294 -2.90 11.26 38.93
C LEU A 294 -4.29 11.30 39.58
N GLY A 295 -4.47 10.58 40.69
CA GLY A 295 -5.75 10.53 41.38
C GLY A 295 -6.85 9.79 40.66
N ILE A 296 -6.49 8.88 39.77
CA ILE A 296 -7.47 8.07 39.04
C ILE A 296 -7.34 6.61 39.45
N GLN A 297 -8.43 6.04 39.99
CA GLN A 297 -8.41 4.65 40.41
C GLN A 297 -9.00 3.77 39.30
N VAL A 298 -8.40 2.60 39.15
CA VAL A 298 -8.75 1.67 38.10
C VAL A 298 -9.29 0.39 38.71
N LYS A 299 -10.50 -0.01 38.32
CA LYS A 299 -11.00 -1.32 38.68
C LYS A 299 -10.48 -2.39 37.73
N VAL A 300 -9.72 -3.34 38.29
CA VAL A 300 -9.16 -4.45 37.55
C VAL A 300 -10.03 -5.71 37.66
N ILE A 301 -10.41 -6.28 36.53
CA ILE A 301 -11.04 -7.58 36.50
C ILE A 301 -10.01 -8.60 36.03
N ASN A 302 -9.62 -9.51 36.92
CA ASN A 302 -8.73 -10.63 36.58
C ASN A 302 -9.54 -11.71 35.89
N ALA A 303 -9.67 -11.61 34.57
CA ALA A 303 -10.53 -12.52 33.79
C ALA A 303 -9.77 -13.57 32.97
N ALA A 304 -8.48 -13.73 33.22
CA ALA A 304 -7.63 -14.68 32.50
C ALA A 304 -8.29 -16.05 32.30
N HIS A 305 -8.76 -16.65 33.40
CA HIS A 305 -9.41 -17.97 33.36
C HIS A 305 -10.55 -18.04 32.35
N SER A 306 -11.37 -16.98 32.28
CA SER A 306 -12.49 -16.95 31.35
C SER A 306 -12.09 -16.79 29.88
N PHE A 307 -10.89 -16.24 29.64
CA PHE A 307 -10.37 -16.14 28.29
C PHE A 307 -9.70 -17.43 27.87
N TYR A 308 -8.83 -17.97 28.74
CA TYR A 308 -8.20 -19.25 28.47
C TYR A 308 -9.25 -20.30 28.16
N ASN A 309 -10.30 -20.32 28.97
CA ASN A 309 -11.36 -21.30 28.80
C ASN A 309 -12.49 -20.75 27.94
N GLY A 310 -12.21 -19.64 27.26
CA GLY A 310 -13.18 -18.99 26.40
C GLY A 310 -13.66 -19.89 25.27
N THR A 311 -14.94 -19.75 24.95
CA THR A 311 -15.53 -20.51 23.86
C THR A 311 -16.72 -19.79 23.29
N THR A 312 -16.91 -19.93 21.99
CA THR A 312 -17.94 -19.18 21.32
C THR A 312 -18.53 -19.97 20.15
N THR A 313 -19.62 -19.44 19.60
CA THR A 313 -20.20 -19.89 18.34
C THR A 313 -19.38 -19.38 17.17
N LEU A 314 -19.11 -20.26 16.20
CA LEU A 314 -18.36 -19.90 15.00
C LEU A 314 -19.26 -19.79 13.77
N PRO A 315 -18.96 -18.82 12.87
CA PRO A 315 -19.84 -18.49 11.72
C PRO A 315 -20.19 -19.68 10.82
N ARG A 326 -22.06 -23.56 14.73
CA ARG A 326 -21.03 -24.49 15.22
C ARG A 326 -20.28 -23.95 16.45
N ILE A 327 -19.74 -24.83 17.28
CA ILE A 327 -19.15 -24.41 18.56
C ILE A 327 -17.64 -24.57 18.59
N SER A 328 -16.95 -23.50 18.99
CA SER A 328 -15.50 -23.44 19.01
C SER A 328 -14.92 -24.36 20.07
N LYS A 329 -13.66 -24.72 19.92
CA LYS A 329 -12.92 -25.34 21.01
C LYS A 329 -12.65 -24.25 22.05
N THR A 330 -12.21 -24.65 23.23
CA THR A 330 -11.80 -23.66 24.21
C THR A 330 -10.52 -23.01 23.68
N LEU A 331 -10.28 -21.77 24.09
CA LEU A 331 -9.19 -20.97 23.54
C LEU A 331 -7.87 -21.65 23.75
N ASN A 332 -7.71 -22.27 24.92
CA ASN A 332 -6.48 -22.95 25.27
C ASN A 332 -6.26 -24.24 24.52
N MET A 333 -7.16 -24.57 23.59
CA MET A 333 -6.98 -25.72 22.71
C MET A 333 -7.18 -25.42 21.24
N THR A 334 -7.26 -24.13 20.91
CA THR A 334 -7.46 -23.67 19.55
C THR A 334 -6.12 -23.49 18.84
N THR A 335 -6.07 -23.78 17.55
CA THR A 335 -4.90 -23.49 16.71
C THR A 335 -5.18 -22.35 15.71
N SER A 336 -6.44 -22.19 15.33
CA SER A 336 -6.87 -21.21 14.34
C SER A 336 -6.86 -19.76 14.85
N PRO A 337 -6.06 -18.91 14.20
CA PRO A 337 -5.96 -17.49 14.52
C PRO A 337 -7.30 -16.74 14.42
N GLU A 338 -8.10 -17.06 13.40
CA GLU A 338 -9.45 -16.51 13.28
C GLU A 338 -10.28 -16.89 14.50
N GLU A 339 -10.23 -18.16 14.88
CA GLU A 339 -10.94 -18.63 16.05
C GLU A 339 -10.45 -17.94 17.32
N LYS A 340 -9.13 -17.76 17.46
CA LYS A 340 -8.60 -17.05 18.61
C LYS A 340 -9.23 -15.65 18.73
N ARG A 341 -9.36 -14.95 17.62
CA ARG A 341 -9.81 -13.55 17.67
C ARG A 341 -11.28 -13.43 18.04
N LYS A 342 -12.09 -14.31 17.46
CA LYS A 342 -13.52 -14.33 17.76
C LYS A 342 -13.80 -14.69 19.23
N ILE A 343 -13.14 -15.73 19.72
CA ILE A 343 -13.27 -16.15 21.10
C ILE A 343 -12.95 -14.98 22.02
N ILE A 344 -11.77 -14.39 21.81
CA ILE A 344 -11.33 -13.25 22.63
C ILE A 344 -12.28 -12.07 22.47
N GLY A 345 -12.67 -11.76 21.24
CA GLY A 345 -13.62 -10.68 21.00
C GLY A 345 -14.95 -10.90 21.70
N ASP A 346 -15.53 -12.08 21.48
CA ASP A 346 -16.82 -12.45 22.06
C ASP A 346 -16.79 -12.51 23.59
N THR A 347 -15.67 -12.97 24.15
CA THR A 347 -15.51 -13.10 25.60
C THR A 347 -15.38 -11.74 26.25
N PHE A 348 -14.58 -10.86 25.65
CA PHE A 348 -14.38 -9.52 26.20
C PHE A 348 -15.73 -8.81 26.31
N VAL A 349 -16.52 -8.88 25.25
CA VAL A 349 -17.78 -8.14 25.21
C VAL A 349 -18.80 -8.70 26.23
N LYS A 350 -18.87 -10.02 26.36
CA LYS A 350 -19.72 -10.67 27.36
C LYS A 350 -19.34 -10.23 28.77
N ILE A 351 -18.04 -10.22 29.05
CA ILE A 351 -17.54 -9.76 30.35
C ILE A 351 -17.78 -8.26 30.56
N ALA A 352 -17.51 -7.44 29.55
CA ALA A 352 -17.74 -6.01 29.69
C ALA A 352 -19.22 -5.77 30.00
N ASN A 353 -20.11 -6.38 29.21
CA ASN A 353 -21.54 -6.21 29.39
C ASN A 353 -22.04 -6.56 30.80
N GLU A 354 -21.55 -7.68 31.33
CA GLU A 354 -21.83 -8.11 32.69
C GLU A 354 -21.32 -7.14 33.77
N VAL A 355 -20.08 -6.68 33.61
CA VAL A 355 -19.46 -5.80 34.57
C VAL A 355 -20.23 -4.47 34.64
N ILE A 356 -20.68 -3.98 33.51
CA ILE A 356 -21.50 -2.78 33.48
C ILE A 356 -22.80 -3.02 34.26
N GLY A 357 -23.44 -4.16 34.01
CA GLY A 357 -24.59 -4.61 34.78
C GLY A 357 -24.38 -4.60 36.29
N GLU A 358 -23.24 -5.14 36.74
CA GLU A 358 -22.94 -5.28 38.18
C GLU A 358 -22.76 -3.95 38.93
N MET A 359 -22.61 -2.86 38.20
CA MET A 359 -22.23 -1.60 38.83
C MET A 359 -23.38 -0.72 39.29
N ASN A 360 -24.62 -1.21 39.17
CA ASN A 360 -25.81 -0.57 39.77
C ASN A 360 -25.95 0.93 39.47
N LEU A 361 -25.62 1.30 38.24
CA LEU A 361 -25.70 2.67 37.77
C LEU A 361 -27.07 2.88 37.18
N LYS A 362 -27.62 4.09 37.32
CA LYS A 362 -28.82 4.47 36.59
C LYS A 362 -28.45 4.52 35.10
N PRO A 363 -28.94 3.54 34.31
CA PRO A 363 -28.38 3.26 32.97
C PRO A 363 -28.70 4.30 31.89
N GLU A 364 -29.59 5.25 32.20
CA GLU A 364 -29.85 6.39 31.33
C GLU A 364 -29.00 7.60 31.73
N GLU A 365 -28.11 7.40 32.70
CA GLU A 365 -27.12 8.40 33.10
C GLU A 365 -25.69 7.83 33.07
N VAL A 366 -25.42 6.96 32.10
CA VAL A 366 -24.10 6.35 31.94
C VAL A 366 -23.61 6.57 30.52
N PHE A 367 -22.36 6.98 30.40
CA PHE A 367 -21.72 7.00 29.09
C PHE A 367 -20.64 5.94 29.02
N LEU A 368 -20.36 5.48 27.81
CA LEU A 368 -19.21 4.63 27.57
C LEU A 368 -18.23 5.34 26.65
N ALA A 369 -17.00 5.47 27.13
CA ALA A 369 -15.96 6.19 26.41
C ALA A 369 -14.85 5.29 25.95
N GLN A 370 -14.41 5.52 24.72
CA GLN A 370 -13.36 4.73 24.10
C GLN A 370 -12.23 5.64 23.65
N GLY A 371 -11.03 5.07 23.54
CA GLY A 371 -9.86 5.78 23.04
C GLY A 371 -9.64 5.71 21.54
N THR A 372 -10.67 5.30 20.78
CA THR A 372 -10.53 5.16 19.34
C THR A 372 -10.34 6.51 18.67
N LEU A 373 -9.40 6.56 17.74
CA LEU A 373 -9.17 7.79 16.97
C LEU A 373 -10.04 7.86 15.73
N ARG A 374 -10.39 6.70 15.17
CA ARG A 374 -11.25 6.67 13.98
C ARG A 374 -12.46 5.80 14.26
N PRO A 375 -13.41 6.32 15.06
CA PRO A 375 -14.53 5.48 15.44
C PRO A 375 -15.51 5.23 14.28
N ASP A 376 -16.23 4.13 14.35
CA ASP A 376 -17.28 3.84 13.38
C ASP A 376 -18.65 3.65 14.05
N LEU A 377 -19.71 3.79 13.29
CA LEU A 377 -21.05 3.45 13.76
C LEU A 377 -21.31 1.96 13.71
N ILE A 378 -20.93 1.34 12.59
CA ILE A 378 -21.07 -0.10 12.40
C ILE A 378 -19.73 -0.71 11.98
N GLU A 379 -19.29 -1.70 12.75
CA GLU A 379 -18.10 -2.47 12.45
C GLU A 379 -18.47 -3.75 11.67
N SER A 380 -17.51 -4.35 10.95
CA SER A 380 -17.76 -5.64 10.33
C SER A 380 -17.08 -6.76 11.11
N ALA A 381 -17.77 -7.90 11.17
CA ALA A 381 -17.29 -9.09 11.89
C ALA A 381 -16.11 -9.70 11.14
N SER A 382 -16.07 -9.49 9.83
CA SER A 382 -14.92 -9.86 9.01
C SER A 382 -13.65 -9.23 9.56
N LEU A 383 -13.73 -7.95 9.89
CA LEU A 383 -12.60 -7.20 10.39
C LEU A 383 -12.22 -7.66 11.81
N VAL A 384 -13.22 -7.90 12.66
CA VAL A 384 -12.96 -8.49 13.99
C VAL A 384 -12.17 -9.79 13.87
N ALA A 385 -12.60 -10.63 12.92
CA ALA A 385 -12.01 -11.95 12.69
C ALA A 385 -10.53 -11.91 12.28
N SER A 386 -10.09 -10.81 11.68
CA SER A 386 -8.73 -10.74 11.10
C SER A 386 -7.74 -9.72 11.71
N GLY A 387 -8.25 -8.72 12.42
CA GLY A 387 -7.36 -7.74 13.04
C GLY A 387 -8.03 -6.75 13.95
N LYS A 388 -7.47 -5.55 13.98
CA LYS A 388 -7.96 -4.44 14.79
C LYS A 388 -9.38 -4.05 14.35
N ALA A 389 -10.21 -3.68 15.32
CA ALA A 389 -11.64 -3.44 15.10
C ALA A 389 -12.26 -2.92 16.39
N GLU A 390 -13.36 -2.18 16.28
CA GLU A 390 -14.08 -1.71 17.46
C GLU A 390 -15.08 -2.76 17.92
N LEU A 391 -14.75 -3.51 18.95
CA LEU A 391 -15.60 -4.61 19.43
C LEU A 391 -17.03 -4.19 19.79
N ILE A 392 -17.18 -3.05 20.45
CA ILE A 392 -18.49 -2.63 20.91
C ILE A 392 -19.38 -2.14 19.77
N LYS A 393 -18.79 -1.96 18.58
CA LYS A 393 -19.55 -1.47 17.42
C LYS A 393 -20.06 -2.59 16.51
N THR A 394 -19.72 -3.82 16.84
CA THR A 394 -20.29 -4.97 16.14
C THR A 394 -21.41 -5.64 16.96
N HIS A 395 -22.31 -6.36 16.29
CA HIS A 395 -23.46 -6.95 16.95
CA HIS A 395 -23.47 -6.98 16.93
C HIS A 395 -23.09 -8.29 17.60
N HIS A 396 -23.51 -8.46 18.85
CA HIS A 396 -23.21 -9.67 19.61
C HIS A 396 -24.44 -10.26 20.31
N ASN A 397 -24.27 -11.44 20.90
CA ASN A 397 -25.27 -12.07 21.77
C ASN A 397 -24.85 -11.92 23.23
N ASP A 398 -25.84 -11.66 24.09
CA ASP A 398 -25.62 -11.36 25.51
C ASP A 398 -24.85 -10.07 25.73
N THR A 399 -25.17 -9.03 24.96
CA THR A 399 -24.55 -7.71 25.16
C THR A 399 -25.58 -6.59 25.09
N GLU A 400 -26.70 -6.79 25.79
CA GLU A 400 -27.80 -5.82 25.76
C GLU A 400 -27.44 -4.41 26.27
N LEU A 401 -26.79 -4.33 27.43
CA LEU A 401 -26.39 -3.06 28.03
C LEU A 401 -25.55 -2.23 27.05
N ILE A 402 -24.56 -2.88 26.45
CA ILE A 402 -23.69 -2.25 25.46
C ILE A 402 -24.50 -1.81 24.24
N ARG A 403 -25.40 -2.69 23.77
CA ARG A 403 -26.26 -2.37 22.65
C ARG A 403 -27.06 -1.10 22.95
N LYS A 404 -27.65 -1.03 24.15
CA LYS A 404 -28.46 0.13 24.56
C LYS A 404 -27.65 1.42 24.63
N LEU A 405 -26.46 1.36 25.22
CA LEU A 405 -25.57 2.52 25.27
C LEU A 405 -25.24 3.01 23.87
N ARG A 406 -24.99 2.08 22.95
CA ARG A 406 -24.66 2.41 21.57
C ARG A 406 -25.86 3.07 20.88
N GLU A 407 -27.04 2.46 21.00
CA GLU A 407 -28.23 2.96 20.30
C GLU A 407 -28.81 4.20 20.95
N GLU A 408 -28.45 4.45 22.22
CA GLU A 408 -28.89 5.65 22.93
C GLU A 408 -27.96 6.84 22.71
N GLY A 409 -26.86 6.63 21.97
CA GLY A 409 -25.88 7.68 21.69
C GLY A 409 -25.00 7.98 22.88
N LYS A 410 -24.77 6.97 23.72
CA LYS A 410 -23.99 7.15 24.94
C LYS A 410 -22.54 6.68 24.81
N VAL A 411 -22.13 6.35 23.59
CA VAL A 411 -20.74 5.98 23.37
C VAL A 411 -20.00 7.22 22.85
N ILE A 412 -18.98 7.67 23.59
CA ILE A 412 -18.21 8.83 23.16
C ILE A 412 -16.74 8.55 22.85
N GLU A 413 -16.23 9.24 21.84
CA GLU A 413 -14.84 9.12 21.49
C GLU A 413 -14.15 10.49 21.49
N PRO A 414 -13.71 10.92 22.68
CA PRO A 414 -13.16 12.25 22.90
C PRO A 414 -11.93 12.52 22.03
N LEU A 415 -11.18 11.48 21.69
CA LEU A 415 -9.94 11.63 20.93
C LEU A 415 -10.12 11.66 19.42
N LYS A 416 -11.37 11.64 18.95
CA LYS A 416 -11.62 11.55 17.52
C LYS A 416 -11.08 12.73 16.72
N ASP A 417 -11.00 13.90 17.36
CA ASP A 417 -10.51 15.10 16.73
C ASP A 417 -9.00 15.30 16.86
N PHE A 418 -8.29 14.25 17.28
CA PHE A 418 -6.84 14.27 17.44
C PHE A 418 -6.12 13.23 16.59
N HIS A 419 -5.01 13.63 15.96
CA HIS A 419 -4.13 12.70 15.26
C HIS A 419 -3.25 11.97 16.26
N LYS A 420 -2.62 10.87 15.83
CA LYS A 420 -1.92 9.96 16.75
C LYS A 420 -0.80 10.64 17.53
N ASP A 421 -0.04 11.50 16.86
CA ASP A 421 1.05 12.26 17.49
C ASP A 421 0.52 13.25 18.51
N GLU A 422 -0.65 13.80 18.22
CA GLU A 422 -1.29 14.77 19.09
C GLU A 422 -1.72 14.11 20.39
N VAL A 423 -2.23 12.88 20.32
CA VAL A 423 -2.62 12.10 21.51
C VAL A 423 -1.46 11.99 22.52
N ARG A 424 -0.25 11.78 22.03
CA ARG A 424 0.97 11.76 22.87
C ARG A 424 1.23 13.09 23.58
N ILE A 425 1.14 14.19 22.84
CA ILE A 425 1.29 15.53 23.41
C ILE A 425 0.19 15.78 24.47
N LEU A 426 -1.01 15.33 24.15
CA LEU A 426 -2.17 15.41 25.03
C LEU A 426 -1.90 14.69 26.35
N GLY A 427 -1.34 13.47 26.26
CA GLY A 427 -0.95 12.67 27.43
C GLY A 427 0.12 13.30 28.30
N ARG A 428 1.14 13.88 27.68
CA ARG A 428 2.14 14.66 28.42
C ARG A 428 1.49 15.81 29.18
N GLU A 429 0.63 16.56 28.48
CA GLU A 429 -0.08 17.66 29.11
C GLU A 429 -0.96 17.23 30.26
N LEU A 430 -1.63 16.08 30.14
CA LEU A 430 -2.46 15.57 31.23
C LEU A 430 -1.63 15.01 32.39
N GLY A 431 -0.30 14.97 32.25
CA GLY A 431 0.59 14.50 33.31
C GLY A 431 1.01 13.04 33.28
N LEU A 432 0.90 12.39 32.13
CA LEU A 432 1.32 10.99 32.01
C LEU A 432 2.82 10.95 31.68
N PRO A 433 3.55 9.91 32.16
CA PRO A 433 4.99 9.85 31.86
C PRO A 433 5.26 9.62 30.37
N GLU A 434 6.34 10.21 29.87
CA GLU A 434 6.78 10.07 28.49
C GLU A 434 7.00 8.61 28.09
N GLU A 435 7.54 7.83 29.02
CA GLU A 435 7.73 6.39 28.81
C GLU A 435 6.41 5.73 28.43
N LEU A 436 5.34 6.12 29.14
CA LEU A 436 4.02 5.55 28.91
C LEU A 436 3.40 5.97 27.58
N VAL A 437 3.49 7.27 27.25
CA VAL A 437 2.83 7.78 26.05
C VAL A 437 3.56 7.45 24.75
N SER A 438 4.80 6.96 24.85
CA SER A 438 5.63 6.64 23.68
C SER A 438 5.63 5.16 23.35
N ARG A 439 4.86 4.37 24.09
CA ARG A 439 4.80 2.92 23.85
C ARG A 439 4.32 2.58 22.44
N HIS A 440 4.85 1.47 21.93
CA HIS A 440 4.42 0.90 20.65
C HIS A 440 3.00 0.36 20.80
N PRO A 441 2.27 0.23 19.67
CA PRO A 441 0.94 -0.37 19.76
C PRO A 441 1.03 -1.85 20.19
N PHE A 442 0.02 -2.30 20.91
CA PHE A 442 -0.06 -3.67 21.36
C PHE A 442 -1.49 -4.18 21.07
N PRO A 443 -1.61 -5.30 20.34
CA PRO A 443 -2.94 -5.71 19.87
C PRO A 443 -3.87 -6.20 21.00
N GLY A 444 -5.17 -5.92 20.87
CA GLY A 444 -6.20 -6.42 21.80
C GLY A 444 -6.00 -7.87 22.26
N PRO A 445 -5.88 -8.83 21.31
CA PRO A 445 -5.77 -10.22 21.73
C PRO A 445 -4.41 -10.51 22.35
N GLY A 446 -3.57 -9.49 22.45
CA GLY A 446 -2.24 -9.60 23.03
C GLY A 446 -1.43 -10.78 22.53
N LEU A 447 -0.74 -11.45 23.44
CA LEU A 447 0.15 -12.56 23.11
C LEU A 447 -0.53 -13.81 22.51
N ALA A 448 -1.86 -13.83 22.52
CA ALA A 448 -2.59 -14.97 21.95
C ALA A 448 -2.29 -15.15 20.46
N ILE A 449 -2.04 -14.05 19.75
CA ILE A 449 -1.75 -14.12 18.33
C ILE A 449 -0.25 -14.14 18.09
N ARG A 450 0.50 -14.37 19.16
CA ARG A 450 1.94 -14.38 19.09
C ARG A 450 2.53 -15.72 19.48
N VAL A 451 1.64 -16.70 19.63
CA VAL A 451 2.05 -18.09 19.84
C VAL A 451 1.51 -18.86 18.67
N ILE A 452 2.40 -19.43 17.86
CA ILE A 452 1.95 -20.35 16.82
C ILE A 452 1.54 -21.66 17.49
N CYS A 453 0.25 -21.96 17.43
CA CYS A 453 -0.30 -23.14 18.08
C CYS A 453 -0.44 -24.26 17.09
N ALA A 454 -0.03 -25.45 17.52
CA ALA A 454 -0.12 -26.62 16.66
C ALA A 454 0.02 -27.92 17.43
N GLU A 455 -0.56 -28.96 16.85
CA GLU A 455 -0.49 -30.32 17.35
C GLU A 455 0.37 -31.11 16.35
N GLU A 456 0.13 -30.85 15.07
CA GLU A 456 0.74 -31.54 13.95
C GLU A 456 1.64 -30.59 13.16
N PRO A 457 2.67 -31.13 12.48
CA PRO A 457 3.46 -30.34 11.52
C PRO A 457 2.61 -29.83 10.37
N TYR A 458 2.90 -28.61 9.88
CA TYR A 458 2.25 -28.12 8.69
C TYR A 458 3.03 -28.53 7.44
N ILE A 459 2.63 -29.65 6.84
CA ILE A 459 3.26 -30.19 5.64
C ILE A 459 2.23 -30.52 4.57
N CYS A 460 2.26 -29.79 3.48
CA CYS A 460 1.39 -30.06 2.34
C CYS A 460 2.20 -30.77 1.24
N LYS A 461 1.53 -31.20 0.18
CA LYS A 461 2.16 -31.96 -0.91
C LYS A 461 3.24 -31.18 -1.67
N ASP A 462 3.21 -29.86 -1.56
CA ASP A 462 4.19 -28.99 -2.22
C ASP A 462 5.50 -28.92 -1.44
N PHE A 463 5.48 -29.41 -0.19
CA PHE A 463 6.62 -29.34 0.74
C PHE A 463 7.95 -29.80 0.12
N PRO A 464 8.02 -31.04 -0.42
CA PRO A 464 9.31 -31.55 -0.97
C PRO A 464 9.87 -30.72 -2.14
N GLU A 465 9.02 -30.38 -3.10
CA GLU A 465 9.45 -29.57 -4.24
C GLU A 465 9.97 -28.20 -3.78
N THR A 466 9.22 -27.53 -2.90
CA THR A 466 9.60 -26.20 -2.44
C THR A 466 10.95 -26.24 -1.75
N ASN A 467 11.20 -27.25 -0.92
CA ASN A 467 12.52 -27.43 -0.29
C ASN A 467 13.65 -27.67 -1.27
N ASN A 468 13.36 -28.44 -2.33
CA ASN A 468 14.34 -28.62 -3.40
C ASN A 468 14.65 -27.29 -4.07
N ILE A 469 13.62 -26.51 -4.39
CA ILE A 469 13.83 -25.17 -4.93
C ILE A 469 14.72 -24.34 -4.01
N LEU A 470 14.44 -24.39 -2.71
CA LEU A 470 15.16 -23.58 -1.74
C LEU A 470 16.64 -23.97 -1.63
N LYS A 471 16.93 -25.27 -1.61
CA LYS A 471 18.30 -25.76 -1.62
C LYS A 471 19.10 -25.17 -2.79
N ILE A 472 18.49 -25.12 -3.96
CA ILE A 472 19.11 -24.52 -5.14
C ILE A 472 19.41 -23.03 -4.95
N VAL A 473 18.44 -22.30 -4.38
CA VAL A 473 18.57 -20.87 -4.16
C VAL A 473 19.74 -20.59 -3.23
N ALA A 474 19.79 -21.31 -2.11
CA ALA A 474 20.82 -21.07 -1.09
C ALA A 474 22.23 -21.48 -1.53
N ASP A 475 22.31 -22.43 -2.45
CA ASP A 475 23.58 -22.93 -2.96
C ASP A 475 23.71 -22.64 -4.45
N PHE A 476 23.23 -21.47 -4.87
CA PHE A 476 23.08 -21.18 -6.30
C PHE A 476 24.37 -21.24 -7.12
N SER A 477 25.47 -20.65 -6.62
CA SER A 477 26.67 -20.63 -7.44
C SER A 477 27.26 -22.02 -7.65
N ALA A 478 27.18 -22.86 -6.62
CA ALA A 478 27.61 -24.25 -6.74
C ALA A 478 26.66 -25.05 -7.64
N SER A 479 25.36 -24.84 -7.43
CA SER A 479 24.29 -25.55 -8.15
C SER A 479 24.28 -25.29 -9.66
N VAL A 480 24.72 -24.09 -10.06
CA VAL A 480 24.88 -23.75 -11.47
C VAL A 480 25.95 -24.60 -12.18
N LYS A 481 26.94 -25.08 -11.42
CA LYS A 481 28.05 -25.89 -11.96
C LYS A 481 27.66 -27.37 -12.11
N LYS A 482 26.47 -27.72 -11.64
CA LYS A 482 25.93 -29.07 -11.81
C LYS A 482 24.46 -29.00 -12.23
N PRO A 483 24.19 -28.47 -13.43
CA PRO A 483 22.80 -28.17 -13.84
C PRO A 483 21.86 -29.38 -13.89
N HIS A 484 20.64 -29.18 -13.39
CA HIS A 484 19.58 -30.16 -13.50
C HIS A 484 18.27 -29.46 -13.91
N THR A 485 17.19 -30.23 -14.02
CA THR A 485 15.91 -29.69 -14.48
C THR A 485 15.47 -28.48 -13.66
N LEU A 486 15.60 -28.61 -12.34
CA LEU A 486 15.01 -27.68 -11.40
C LEU A 486 15.81 -26.37 -11.33
N LEU A 487 17.12 -26.46 -11.56
CA LEU A 487 17.95 -25.27 -11.73
C LEU A 487 17.45 -24.47 -12.94
N GLN A 488 17.13 -25.16 -14.02
CA GLN A 488 16.62 -24.50 -15.22
C GLN A 488 15.28 -23.78 -14.99
N ARG A 489 14.43 -24.37 -14.17
CA ARG A 489 13.19 -23.70 -13.78
C ARG A 489 13.48 -22.44 -12.96
N VAL A 490 14.42 -22.52 -12.03
CA VAL A 490 14.85 -21.36 -11.25
C VAL A 490 15.33 -20.27 -12.18
N LYS A 491 16.20 -20.64 -13.12
CA LYS A 491 16.72 -19.73 -14.14
C LYS A 491 15.62 -19.08 -14.97
N ALA A 492 14.61 -19.87 -15.34
CA ALA A 492 13.51 -19.40 -16.19
C ALA A 492 12.55 -18.47 -15.48
N CYS A 493 12.60 -18.46 -14.16
CA CYS A 493 11.70 -17.62 -13.36
C CYS A 493 12.34 -16.43 -12.66
N THR A 494 13.67 -16.31 -12.74
CA THR A 494 14.36 -15.21 -12.07
C THR A 494 15.00 -14.30 -13.11
N THR A 495 15.11 -13.01 -12.81
CA THR A 495 15.79 -12.09 -13.73
C THR A 495 17.28 -12.35 -13.80
N GLU A 496 17.87 -11.98 -14.95
CA GLU A 496 19.31 -11.98 -15.18
C GLU A 496 20.04 -11.25 -14.05
N GLU A 497 19.49 -10.11 -13.63
CA GLU A 497 20.08 -9.33 -12.54
C GLU A 497 20.00 -10.07 -11.21
N ASP A 498 18.85 -10.66 -10.94
CA ASP A 498 18.67 -11.40 -9.70
C ASP A 498 19.58 -12.63 -9.66
N GLN A 499 19.64 -13.36 -10.76
CA GLN A 499 20.53 -14.50 -10.92
C GLN A 499 21.96 -14.09 -10.66
N GLU A 500 22.39 -12.98 -11.23
CA GLU A 500 23.75 -12.54 -11.07
C GLU A 500 24.07 -12.15 -9.63
N LYS A 501 23.13 -11.44 -8.98
CA LYS A 501 23.30 -11.09 -7.57
C LYS A 501 23.28 -12.35 -6.67
N LEU A 502 22.44 -13.32 -7.04
CA LEU A 502 22.38 -14.58 -6.32
C LEU A 502 23.70 -15.35 -6.39
N MET A 503 24.32 -15.34 -7.58
CA MET A 503 25.65 -15.92 -7.81
C MET A 503 26.65 -15.44 -6.78
N GLN A 504 26.70 -14.14 -6.56
CA GLN A 504 27.65 -13.54 -5.63
C GLN A 504 27.36 -13.91 -4.21
N ILE A 505 26.13 -13.62 -3.80
CA ILE A 505 25.68 -13.87 -2.44
C ILE A 505 26.01 -15.30 -2.01
N THR A 506 25.63 -16.27 -2.82
CA THR A 506 25.75 -17.67 -2.42
C THR A 506 27.16 -18.23 -2.57
N SER A 507 28.06 -17.46 -3.18
CA SER A 507 29.49 -17.82 -3.21
C SER A 507 30.25 -17.11 -2.10
N LEU A 508 29.77 -15.97 -1.66
CA LEU A 508 30.41 -15.23 -0.57
C LEU A 508 30.05 -15.81 0.80
N HIS A 509 28.96 -16.56 0.84
CA HIS A 509 28.47 -17.14 2.08
C HIS A 509 27.97 -18.53 1.84
N SER A 510 28.03 -19.37 2.88
CA SER A 510 27.39 -20.68 2.86
C SER A 510 26.09 -20.61 3.65
N LEU A 511 25.00 -20.72 2.91
CA LEU A 511 23.68 -20.59 3.47
C LEU A 511 22.96 -21.92 3.31
N ASN A 512 22.00 -22.17 4.19
CA ASN A 512 21.01 -23.22 3.99
C ASN A 512 19.68 -22.49 3.95
N ALA A 513 18.75 -23.01 3.15
CA ALA A 513 17.38 -22.53 3.15
C ALA A 513 16.40 -23.71 3.09
N PHE A 514 15.29 -23.58 3.80
CA PHE A 514 14.40 -24.72 4.01
C PHE A 514 13.08 -24.20 4.53
N LEU A 515 12.01 -24.97 4.35
CA LEU A 515 10.72 -24.63 4.92
C LEU A 515 10.66 -25.06 6.36
N LEU A 516 9.93 -24.28 7.16
CA LEU A 516 9.57 -24.67 8.51
C LEU A 516 8.14 -25.22 8.50
N PRO A 517 7.88 -26.32 9.22
CA PRO A 517 6.54 -26.91 9.15
C PRO A 517 5.50 -26.19 10.03
N ILE A 518 5.39 -24.87 9.83
CA ILE A 518 4.39 -24.06 10.51
C ILE A 518 3.69 -23.09 9.56
N LYS A 519 2.49 -22.68 9.96
CA LYS A 519 1.65 -21.74 9.22
C LYS A 519 1.82 -20.35 9.80
N THR A 520 2.03 -19.39 8.92
CA THR A 520 2.03 -17.97 9.29
C THR A 520 1.12 -17.17 8.34
N VAL A 521 0.61 -16.04 8.83
CA VAL A 521 -0.25 -15.20 7.99
C VAL A 521 0.61 -14.34 7.04
N GLY A 522 0.01 -14.00 5.91
CA GLY A 522 0.66 -13.19 4.90
C GLY A 522 -0.39 -12.63 3.98
N VAL A 523 -0.01 -11.63 3.22
CA VAL A 523 -0.95 -11.04 2.29
C VAL A 523 -0.47 -11.31 0.87
N GLN A 524 -1.34 -11.94 0.10
CA GLN A 524 -1.14 -12.23 -1.29
C GLN A 524 -2.25 -11.49 -2.01
N GLY A 525 -1.85 -10.45 -2.74
CA GLY A 525 -2.82 -9.58 -3.41
C GLY A 525 -3.75 -8.95 -2.39
N ASP A 526 -5.04 -9.15 -2.57
CA ASP A 526 -6.03 -8.58 -1.66
C ASP A 526 -6.29 -9.45 -0.44
N CYS A 527 -5.80 -10.68 -0.45
CA CYS A 527 -6.19 -11.66 0.55
C CYS A 527 -5.15 -11.94 1.64
N ARG A 528 -5.63 -12.23 2.84
CA ARG A 528 -4.82 -12.88 3.83
C ARG A 528 -4.72 -14.37 3.49
N SER A 529 -3.59 -14.96 3.83
CA SER A 529 -3.35 -16.35 3.47
C SER A 529 -2.49 -16.94 4.57
N TYR A 530 -2.69 -18.22 4.86
CA TYR A 530 -1.83 -18.90 5.83
C TYR A 530 -0.96 -19.91 5.10
N SER A 531 0.36 -19.75 5.26
CA SER A 531 1.32 -20.56 4.54
C SER A 531 2.68 -20.61 5.22
N TYR A 532 3.63 -21.28 4.56
CA TYR A 532 4.94 -21.63 5.17
C TYR A 532 5.81 -20.44 5.55
N VAL A 533 6.64 -20.69 6.56
CA VAL A 533 7.76 -19.83 6.87
C VAL A 533 8.95 -20.55 6.27
N CYS A 534 9.83 -19.78 5.65
CA CYS A 534 11.12 -20.29 5.20
C CYS A 534 12.21 -19.78 6.15
N GLY A 535 13.09 -20.69 6.55
CA GLY A 535 14.24 -20.35 7.38
C GLY A 535 15.54 -20.33 6.60
N ILE A 536 16.41 -19.40 6.97
CA ILE A 536 17.78 -19.37 6.45
C ILE A 536 18.74 -19.39 7.62
N SER A 537 19.77 -20.23 7.53
CA SER A 537 20.90 -20.17 8.45
C SER A 537 22.21 -20.10 7.65
N SER A 538 23.30 -19.80 8.34
CA SER A 538 24.58 -19.58 7.71
C SER A 538 25.71 -20.18 8.54
N LYS A 539 26.83 -20.53 7.90
CA LYS A 539 28.00 -21.00 8.66
C LYS A 539 28.74 -19.86 9.39
N ASP A 540 28.99 -18.74 8.71
CA ASP A 540 29.64 -17.56 9.35
C ASP A 540 28.61 -16.50 9.69
N GLU A 541 29.08 -15.37 10.20
CA GLU A 541 28.24 -14.24 10.56
C GLU A 541 27.31 -13.81 9.43
N PRO A 542 26.10 -13.38 9.79
CA PRO A 542 25.16 -13.05 8.74
C PRO A 542 25.51 -11.72 8.08
N ASP A 543 25.46 -11.68 6.75
CA ASP A 543 25.47 -10.41 6.05
C ASP A 543 24.03 -9.97 5.82
N TRP A 544 23.62 -8.94 6.54
CA TRP A 544 22.20 -8.58 6.60
C TRP A 544 21.55 -8.22 5.26
N GLU A 545 22.11 -7.26 4.53
CA GLU A 545 21.61 -6.91 3.19
C GLU A 545 21.40 -8.07 2.23
N SER A 546 22.25 -9.08 2.29
CA SER A 546 22.09 -10.24 1.42
C SER A 546 20.88 -11.05 1.85
N LEU A 547 20.70 -11.20 3.15
CA LEU A 547 19.53 -11.88 3.70
C LEU A 547 18.26 -11.12 3.33
N ILE A 548 18.26 -9.80 3.48
CA ILE A 548 17.11 -9.02 3.09
C ILE A 548 16.77 -9.31 1.63
N PHE A 549 17.78 -9.40 0.77
CA PHE A 549 17.57 -9.70 -0.64
C PHE A 549 16.90 -11.06 -0.83
N LEU A 550 17.40 -12.09 -0.15
CA LEU A 550 16.82 -13.42 -0.26
C LEU A 550 15.40 -13.40 0.23
N ALA A 551 15.18 -12.67 1.32
CA ALA A 551 13.85 -12.47 1.91
C ALA A 551 12.82 -11.90 0.94
N ARG A 552 13.25 -11.08 -0.01
CA ARG A 552 12.36 -10.56 -1.06
C ARG A 552 12.28 -11.53 -2.22
N LEU A 553 13.43 -12.11 -2.59
CA LEU A 553 13.51 -13.01 -3.73
C LEU A 553 12.66 -14.28 -3.58
N ILE A 554 12.76 -14.93 -2.44
CA ILE A 554 12.10 -16.23 -2.22
C ILE A 554 10.56 -16.18 -2.34
N PRO A 555 9.90 -15.26 -1.61
CA PRO A 555 8.46 -15.13 -1.81
C PRO A 555 8.05 -14.82 -3.25
N ARG A 556 8.89 -14.09 -3.98
CA ARG A 556 8.63 -13.82 -5.42
C ARG A 556 8.68 -15.10 -6.23
N MET A 557 9.62 -15.99 -5.91
CA MET A 557 9.74 -17.28 -6.60
C MET A 557 8.67 -18.28 -6.15
N CYS A 558 8.41 -18.30 -4.84
CA CYS A 558 7.53 -19.28 -4.24
C CYS A 558 6.42 -18.58 -3.50
N HIS A 559 5.26 -18.47 -4.16
CA HIS A 559 4.11 -17.74 -3.63
C HIS A 559 3.42 -18.49 -2.49
N ASN A 560 3.84 -19.74 -2.26
CA ASN A 560 3.40 -20.51 -1.10
C ASN A 560 4.29 -20.24 0.12
N VAL A 561 5.11 -19.20 0.06
CA VAL A 561 5.96 -18.84 1.18
C VAL A 561 5.61 -17.42 1.62
N ASN A 562 5.23 -17.27 2.89
CA ASN A 562 4.74 -16.00 3.41
C ASN A 562 5.77 -15.20 4.18
N ARG A 563 6.80 -15.90 4.65
CA ARG A 563 7.82 -15.31 5.49
C ARG A 563 9.15 -15.99 5.26
N VAL A 564 10.19 -15.19 5.39
CA VAL A 564 11.56 -15.67 5.38
C VAL A 564 12.18 -15.14 6.66
N VAL A 565 12.73 -16.03 7.46
CA VAL A 565 13.40 -15.64 8.69
C VAL A 565 14.83 -16.13 8.68
N TYR A 566 15.66 -15.42 9.43
CA TYR A 566 17.01 -15.87 9.68
C TYR A 566 17.10 -16.55 11.04
N ILE A 567 17.73 -17.72 11.06
CA ILE A 567 17.92 -18.45 12.32
C ILE A 567 19.36 -18.25 12.84
N PHE A 568 19.47 -17.80 14.08
CA PHE A 568 20.79 -17.55 14.67
C PHE A 568 21.56 -18.81 15.09
N GLY A 569 22.89 -18.71 15.12
CA GLY A 569 23.77 -19.79 15.57
C GLY A 569 24.24 -20.67 14.42
N PRO A 570 24.84 -21.83 14.75
CA PRO A 570 25.37 -22.81 13.80
C PRO A 570 24.37 -23.19 12.71
N PRO A 571 24.85 -23.72 11.57
CA PRO A 571 23.97 -24.12 10.47
C PRO A 571 22.94 -25.17 10.90
N VAL A 572 21.76 -25.10 10.30
CA VAL A 572 20.70 -26.07 10.53
C VAL A 572 20.77 -27.10 9.41
N LYS A 573 21.41 -28.23 9.71
CA LYS A 573 21.64 -29.31 8.76
C LYS A 573 20.38 -30.15 8.54
N GLU A 574 19.64 -30.42 9.62
CA GLU A 574 18.39 -31.20 9.53
C GLU A 574 17.23 -30.42 10.14
N PRO A 575 16.55 -29.59 9.32
CA PRO A 575 15.41 -28.82 9.82
C PRO A 575 14.33 -29.78 10.32
N PRO A 576 13.69 -29.46 11.46
CA PRO A 576 12.68 -30.36 12.00
C PRO A 576 11.52 -30.57 11.03
N THR A 577 11.02 -31.79 10.97
CA THR A 577 9.82 -32.13 10.22
C THR A 577 8.66 -32.38 11.20
N ASP A 578 8.91 -32.12 12.48
CA ASP A 578 7.88 -32.28 13.52
C ASP A 578 7.75 -31.01 14.38
N VAL A 579 6.70 -30.98 15.20
CA VAL A 579 6.45 -29.83 16.06
C VAL A 579 6.41 -30.17 17.55
N THR A 580 6.79 -29.21 18.37
CA THR A 580 6.49 -29.28 19.79
C THR A 580 5.01 -28.94 19.98
N PRO A 581 4.21 -29.86 20.56
CA PRO A 581 2.78 -29.54 20.78
C PRO A 581 2.63 -28.25 21.58
N THR A 582 1.82 -27.33 21.06
CA THR A 582 1.77 -25.97 21.61
C THR A 582 0.38 -25.37 21.57
N PHE A 583 -0.07 -24.85 22.70
CA PHE A 583 -1.38 -24.25 22.82
C PHE A 583 -1.27 -23.08 23.76
N LEU A 584 -2.34 -22.28 23.84
CA LEU A 584 -2.33 -21.11 24.74
C LEU A 584 -2.48 -21.52 26.21
N THR A 585 -1.44 -22.14 26.75
CA THR A 585 -1.46 -22.64 28.12
C THR A 585 -0.65 -21.69 28.99
N THR A 586 -0.89 -21.68 30.29
CA THR A 586 -0.19 -20.75 31.20
C THR A 586 1.35 -20.85 31.21
N GLY A 587 1.89 -22.06 30.98
CA GLY A 587 3.36 -22.23 30.92
C GLY A 587 3.98 -21.61 29.67
N VAL A 588 3.37 -21.90 28.52
CA VAL A 588 3.75 -21.33 27.25
C VAL A 588 3.66 -19.81 27.29
N LEU A 589 2.59 -19.27 27.85
CA LEU A 589 2.43 -17.82 27.91
C LEU A 589 3.48 -17.20 28.81
N SER A 590 3.82 -17.93 29.86
CA SER A 590 4.88 -17.49 30.77
C SER A 590 6.22 -17.40 30.02
N THR A 591 6.55 -18.41 29.24
CA THR A 591 7.79 -18.39 28.47
C THR A 591 7.85 -17.19 27.51
N LEU A 592 6.79 -16.98 26.72
CA LEU A 592 6.71 -15.84 25.80
C LEU A 592 6.79 -14.49 26.51
N ARG A 593 6.14 -14.37 27.66
CA ARG A 593 6.12 -13.10 28.41
C ARG A 593 7.54 -12.67 28.82
N GLN A 594 8.31 -13.62 29.32
CA GLN A 594 9.71 -13.41 29.65
C GLN A 594 10.54 -13.04 28.40
N ALA A 595 10.33 -13.77 27.30
CA ALA A 595 11.03 -13.48 26.02
C ALA A 595 10.72 -12.07 25.52
N ASP A 596 9.42 -11.78 25.36
CA ASP A 596 8.95 -10.46 24.93
C ASP A 596 9.53 -9.34 25.81
N PHE A 597 9.53 -9.59 27.12
CA PHE A 597 10.05 -8.63 28.10
C PHE A 597 11.54 -8.30 27.88
N GLU A 598 12.36 -9.33 27.76
CA GLU A 598 13.78 -9.17 27.51
C GLU A 598 14.07 -8.41 26.22
N ALA A 599 13.52 -8.87 25.09
CA ALA A 599 13.76 -8.17 23.81
C ALA A 599 13.36 -6.68 23.89
N HIS A 600 12.21 -6.38 24.49
CA HIS A 600 11.73 -5.00 24.58
C HIS A 600 12.54 -4.13 25.54
N ASN A 601 12.99 -4.70 26.64
CA ASN A 601 13.87 -3.97 27.55
C ASN A 601 15.22 -3.67 26.95
N ILE A 602 15.76 -4.67 26.25
CA ILE A 602 17.03 -4.51 25.54
C ILE A 602 16.89 -3.42 24.49
N LEU A 603 15.84 -3.50 23.67
CA LEU A 603 15.60 -2.46 22.69
C LEU A 603 15.49 -1.08 23.35
N ARG A 604 14.64 -0.96 24.37
CA ARG A 604 14.43 0.33 25.06
C ARG A 604 15.70 0.86 25.74
N GLU A 605 16.41 0.00 26.48
CA GLU A 605 17.64 0.42 27.17
C GLU A 605 18.71 0.90 26.21
N SER A 606 18.61 0.48 24.94
CA SER A 606 19.62 0.78 23.91
C SER A 606 19.42 2.14 23.24
N GLY A 607 18.28 2.80 23.48
CA GLY A 607 17.99 4.09 22.86
C GLY A 607 17.31 3.99 21.50
N TYR A 608 17.09 2.77 21.01
CA TYR A 608 16.57 2.53 19.66
C TYR A 608 15.08 2.18 19.54
N ALA A 609 14.36 2.20 20.66
CA ALA A 609 12.92 1.89 20.68
C ALA A 609 12.07 2.76 19.76
N GLY A 610 12.47 4.03 19.60
CA GLY A 610 11.76 4.99 18.74
C GLY A 610 12.02 4.79 17.26
N LYS A 611 13.04 4.00 16.92
CA LYS A 611 13.43 3.79 15.52
C LYS A 611 12.60 2.73 14.82
N ILE A 612 11.84 1.96 15.59
CA ILE A 612 10.96 0.95 15.00
C ILE A 612 9.51 1.16 15.46
N SER A 613 8.58 0.90 14.55
CA SER A 613 7.17 1.14 14.81
C SER A 613 6.62 0.11 15.78
N GLN A 614 7.01 -1.14 15.59
CA GLN A 614 6.51 -2.22 16.41
C GLN A 614 7.46 -3.41 16.34
N MET A 615 7.42 -4.23 17.37
CA MET A 615 8.27 -5.41 17.41
C MET A 615 7.55 -6.58 18.07
N PRO A 616 6.64 -7.26 17.35
CA PRO A 616 6.11 -8.50 17.90
C PRO A 616 7.24 -9.48 18.17
N VAL A 617 7.17 -10.15 19.33
CA VAL A 617 8.03 -11.26 19.67
C VAL A 617 7.16 -12.50 19.76
N ILE A 618 7.54 -13.53 19.02
CA ILE A 618 6.68 -14.67 18.71
C ILE A 618 7.31 -15.98 19.15
N LEU A 619 6.48 -16.90 19.64
CA LEU A 619 6.92 -18.22 20.02
C LEU A 619 6.40 -19.24 19.03
N THR A 620 7.29 -20.12 18.57
CA THR A 620 7.01 -21.13 17.56
C THR A 620 7.32 -22.52 18.13
N PRO A 621 6.56 -23.56 17.69
CA PRO A 621 6.64 -24.94 18.20
C PRO A 621 7.81 -25.75 17.63
N LEU A 622 8.98 -25.10 17.50
CA LEU A 622 10.10 -25.70 16.79
C LEU A 622 11.28 -25.94 17.72
N HIS A 623 11.75 -27.18 17.72
CA HIS A 623 12.89 -27.61 18.54
C HIS A 623 13.97 -28.05 17.56
N PHE A 624 15.06 -27.29 17.52
CA PHE A 624 16.09 -27.48 16.50
C PHE A 624 17.22 -28.33 17.07
N ASP A 625 18.04 -28.88 16.17
CA ASP A 625 19.32 -29.57 16.50
C ASP A 625 19.16 -30.90 17.27
N ARG A 626 18.13 -31.65 16.92
CA ARG A 626 18.00 -33.02 17.39
C ARG A 626 18.59 -33.95 16.34
N ASP A 627 19.43 -34.90 16.77
CA ASP A 627 19.89 -35.96 15.88
C ASP A 627 18.65 -36.74 15.42
N PRO A 628 18.40 -36.78 14.09
CA PRO A 628 17.22 -37.47 13.55
C PRO A 628 17.29 -38.99 13.76
N LEU A 629 18.51 -39.52 13.79
CA LEU A 629 18.77 -40.94 14.08
C LEU A 629 18.89 -41.22 15.59
N GLN A 630 18.50 -40.23 16.40
CA GLN A 630 18.45 -40.35 17.85
C GLN A 630 17.00 -40.49 18.33
N LYS A 631 16.06 -40.19 17.44
CA LYS A 631 14.62 -40.29 17.71
C LYS A 631 14.09 -39.55 18.96
N GLN A 632 14.78 -38.50 19.41
CA GLN A 632 14.34 -37.71 20.58
C GLN A 632 13.19 -36.73 20.23
N PRO A 633 12.14 -36.70 21.09
CA PRO A 633 10.91 -35.94 20.76
C PRO A 633 11.09 -34.42 20.77
N SER A 634 10.17 -33.70 20.13
CA SER A 634 10.20 -32.24 20.07
C SER A 634 9.60 -31.61 21.34
N CYS A 635 10.45 -30.96 22.14
CA CYS A 635 10.06 -30.43 23.45
C CYS A 635 10.28 -28.94 23.59
N GLN A 636 11.27 -28.41 22.87
CA GLN A 636 11.63 -27.01 23.03
C GLN A 636 10.92 -26.15 21.98
N ARG A 637 10.92 -24.84 22.23
CA ARG A 637 10.28 -23.90 21.32
C ARG A 637 11.27 -22.82 20.88
N SER A 638 10.91 -22.05 19.86
CA SER A 638 11.82 -21.05 19.29
C SER A 638 11.16 -19.68 19.16
N VAL A 639 11.95 -18.65 19.40
CA VAL A 639 11.48 -17.27 19.47
C VAL A 639 11.83 -16.45 18.20
N VAL A 640 10.81 -15.80 17.62
CA VAL A 640 11.04 -14.87 16.50
C VAL A 640 11.01 -13.43 17.00
N ILE A 641 12.01 -12.67 16.54
CA ILE A 641 12.00 -11.22 16.68
C ILE A 641 11.54 -10.64 15.34
N ARG A 642 10.43 -9.92 15.39
CA ARG A 642 9.81 -9.32 14.22
C ARG A 642 9.83 -7.80 14.37
N THR A 643 10.91 -7.17 13.93
CA THR A 643 10.99 -5.72 13.92
C THR A 643 10.13 -5.21 12.76
N PHE A 644 9.50 -4.05 12.94
CA PHE A 644 8.66 -3.51 11.88
C PHE A 644 8.77 -2.00 11.82
N ILE A 645 8.99 -1.48 10.62
CA ILE A 645 9.04 -0.04 10.40
C ILE A 645 8.04 0.34 9.33
N THR A 646 7.17 1.30 9.66
CA THR A 646 6.01 1.64 8.83
C THR A 646 5.48 3.03 9.16
N SER A 647 4.78 3.63 8.20
CA SER A 647 3.99 4.85 8.44
C SER A 647 2.55 4.49 8.82
N ASP A 648 1.91 3.62 8.04
CA ASP A 648 0.46 3.41 8.09
C ASP A 648 0.04 1.96 8.40
N PHE A 649 1.02 1.05 8.54
CA PHE A 649 0.79 -0.39 8.77
C PHE A 649 0.13 -1.13 7.59
N MET A 650 0.06 -0.48 6.42
CA MET A 650 -0.36 -1.16 5.19
C MET A 650 0.84 -1.75 4.47
N THR A 651 1.95 -1.02 4.44
CA THR A 651 3.22 -1.57 4.01
C THR A 651 4.27 -1.28 5.07
N GLY A 652 5.38 -2.00 5.00
CA GLY A 652 6.43 -1.82 5.96
C GLY A 652 7.57 -2.79 5.74
N ILE A 653 8.65 -2.58 6.49
CA ILE A 653 9.86 -3.32 6.31
C ILE A 653 10.37 -3.76 7.66
N PRO A 654 11.15 -4.86 7.71
CA PRO A 654 11.80 -5.16 8.98
C PRO A 654 12.89 -4.11 9.19
N ALA A 655 13.46 -4.09 10.39
CA ALA A 655 14.67 -3.31 10.60
C ALA A 655 15.84 -4.18 10.14
N THR A 656 16.67 -3.65 9.25
CA THR A 656 17.90 -4.32 8.92
C THR A 656 18.89 -4.03 10.05
N PRO A 657 19.39 -5.08 10.73
CA PRO A 657 20.44 -4.87 11.72
C PRO A 657 21.68 -4.32 11.02
N GLY A 658 22.33 -3.35 11.65
CA GLY A 658 23.45 -2.64 11.02
C GLY A 658 22.97 -1.35 10.38
N ASN A 659 21.66 -1.25 10.17
CA ASN A 659 21.05 -0.11 9.46
C ASN A 659 20.21 0.75 10.42
N GLU A 660 18.93 0.45 10.58
CA GLU A 660 18.07 1.20 11.50
C GLU A 660 18.25 0.79 12.95
N ILE A 661 18.80 -0.40 13.17
CA ILE A 661 19.04 -0.94 14.51
C ILE A 661 20.44 -1.57 14.54
N PRO A 662 21.19 -1.38 15.65
CA PRO A 662 22.56 -1.94 15.66
C PRO A 662 22.60 -3.46 15.80
N VAL A 663 23.54 -4.08 15.10
CA VAL A 663 23.74 -5.52 15.19
C VAL A 663 23.82 -5.95 16.65
N GLU A 664 24.65 -5.26 17.43
CA GLU A 664 24.91 -5.59 18.83
C GLU A 664 23.63 -5.73 19.67
N VAL A 665 22.72 -4.75 19.52
CA VAL A 665 21.42 -4.77 20.18
C VAL A 665 20.66 -6.08 19.85
N VAL A 666 20.57 -6.39 18.55
CA VAL A 666 19.90 -7.62 18.11
C VAL A 666 20.55 -8.87 18.73
N LEU A 667 21.87 -8.98 18.59
CA LEU A 667 22.60 -10.11 19.16
C LEU A 667 22.45 -10.26 20.69
N LYS A 668 22.38 -9.13 21.40
CA LYS A 668 22.13 -9.18 22.83
C LYS A 668 20.76 -9.79 23.15
N MET A 669 19.76 -9.50 22.32
CA MET A 669 18.43 -10.12 22.46
C MET A 669 18.57 -11.63 22.36
N VAL A 670 19.33 -12.06 21.36
CA VAL A 670 19.52 -13.46 21.05
C VAL A 670 20.21 -14.16 22.22
N THR A 671 21.30 -13.55 22.69
CA THR A 671 22.05 -14.01 23.85
C THR A 671 21.16 -14.20 25.09
N GLU A 672 20.30 -13.22 25.37
CA GLU A 672 19.48 -13.28 26.57
C GLU A 672 18.34 -14.29 26.48
N ILE A 673 17.61 -14.28 25.36
CA ILE A 673 16.44 -15.15 25.20
C ILE A 673 16.84 -16.64 25.17
N LYS A 674 18.03 -16.94 24.64
CA LYS A 674 18.54 -18.33 24.59
C LYS A 674 18.62 -18.94 26.00
N LYS A 675 19.01 -18.13 26.97
CA LYS A 675 19.03 -18.55 28.38
C LYS A 675 17.66 -19.03 28.92
N ILE A 676 16.56 -18.39 28.52
CA ILE A 676 15.23 -18.82 28.96
C ILE A 676 15.05 -20.33 28.77
N PRO A 677 14.63 -21.05 29.84
CA PRO A 677 14.42 -22.49 29.75
C PRO A 677 13.38 -22.88 28.70
N GLY A 678 13.71 -23.87 27.88
CA GLY A 678 12.78 -24.35 26.86
C GLY A 678 12.96 -23.75 25.48
N ILE A 679 13.96 -22.87 25.33
CA ILE A 679 14.20 -22.24 24.03
C ILE A 679 15.27 -22.93 23.20
N SER A 680 14.88 -23.41 22.02
CA SER A 680 15.80 -23.97 21.05
C SER A 680 16.56 -22.88 20.29
N ARG A 681 15.95 -22.31 19.25
CA ARG A 681 16.61 -21.23 18.50
C ARG A 681 15.90 -19.87 18.59
N ILE A 682 16.65 -18.81 18.31
CA ILE A 682 16.08 -17.49 18.08
C ILE A 682 16.10 -17.21 16.57
N MET A 683 15.08 -16.50 16.08
CA MET A 683 14.98 -16.16 14.67
C MET A 683 14.64 -14.70 14.47
N TYR A 684 15.01 -14.18 13.30
CA TYR A 684 14.79 -12.79 12.96
C TYR A 684 13.99 -12.71 11.67
N ASP A 685 12.83 -12.07 11.74
CA ASP A 685 11.95 -11.96 10.58
C ASP A 685 12.49 -10.90 9.60
N LEU A 686 12.76 -11.33 8.38
CA LEU A 686 13.36 -10.48 7.35
C LEU A 686 12.32 -10.00 6.32
N THR A 687 11.08 -10.42 6.52
CA THR A 687 10.02 -10.17 5.57
C THR A 687 9.45 -8.75 5.64
N SER A 688 9.24 -8.17 4.47
CA SER A 688 8.47 -6.93 4.34
C SER A 688 6.96 -7.19 4.24
N LYS A 689 6.16 -6.15 4.46
CA LYS A 689 4.73 -6.22 4.17
C LYS A 689 4.48 -5.41 2.91
N PRO A 690 3.97 -6.04 1.85
CA PRO A 690 3.74 -7.48 1.70
C PRO A 690 5.06 -8.20 1.40
N PRO A 691 5.08 -9.55 1.42
CA PRO A 691 3.99 -10.47 1.78
C PRO A 691 3.82 -10.68 3.29
N GLY A 692 4.79 -10.22 4.08
CA GLY A 692 4.70 -10.38 5.53
C GLY A 692 3.51 -9.59 6.02
N THR A 693 3.16 -9.77 7.29
CA THR A 693 2.30 -8.82 7.96
C THR A 693 3.05 -8.50 9.23
N THR A 694 2.64 -7.46 9.94
CA THR A 694 3.29 -7.10 11.19
C THR A 694 3.26 -8.30 12.14
N GLU A 695 2.07 -8.85 12.35
CA GLU A 695 1.90 -9.98 13.25
C GLU A 695 2.13 -11.27 12.47
N TRP A 696 2.22 -12.39 13.18
CA TRP A 696 2.45 -13.69 12.53
C TRP A 696 1.17 -14.46 12.29
N GLU A 697 0.09 -13.99 12.92
CA GLU A 697 -1.25 -14.54 12.73
C GLU A 697 -2.23 -13.39 12.59
N HIS B 27 32.24 -11.41 -18.13
CA HIS B 27 31.21 -11.47 -19.22
C HIS B 27 30.40 -10.16 -19.34
N TYR B 28 30.90 -9.10 -18.70
CA TYR B 28 30.15 -7.84 -18.52
C TYR B 28 30.86 -6.58 -19.00
N GLU B 29 31.38 -6.59 -20.22
CA GLU B 29 32.05 -5.40 -20.74
C GLU B 29 31.06 -4.41 -21.36
N GLY B 30 31.31 -3.13 -21.11
CA GLY B 30 30.32 -2.11 -21.40
C GLY B 30 29.38 -1.91 -20.24
N ALA B 31 29.53 -2.73 -19.19
CA ALA B 31 28.59 -2.73 -18.06
C ALA B 31 29.11 -2.07 -16.79
N VAL B 32 28.18 -1.65 -15.95
CA VAL B 32 28.50 -0.97 -14.72
C VAL B 32 27.99 -1.77 -13.50
N VAL B 33 28.78 -1.79 -12.42
CA VAL B 33 28.37 -2.51 -11.22
C VAL B 33 27.99 -1.53 -10.09
N ILE B 34 26.87 -1.83 -9.44
CA ILE B 34 26.35 -1.02 -8.36
C ILE B 34 26.47 -1.82 -7.06
N LEU B 35 27.22 -1.26 -6.11
CA LEU B 35 27.34 -1.86 -4.81
C LEU B 35 26.52 -1.03 -3.84
N ASP B 36 25.43 -1.60 -3.36
CA ASP B 36 24.53 -0.90 -2.47
C ASP B 36 24.77 -1.36 -1.04
N ALA B 37 25.14 -0.43 -0.16
CA ALA B 37 25.28 -0.77 1.26
C ALA B 37 23.93 -1.02 1.93
N GLY B 38 22.88 -0.38 1.41
CA GLY B 38 21.50 -0.58 1.88
C GLY B 38 20.66 -1.39 0.91
N ALA B 39 19.36 -1.08 0.84
CA ALA B 39 18.45 -1.77 -0.06
C ALA B 39 17.62 -0.79 -0.88
N GLN B 40 17.82 0.49 -0.62
CA GLN B 40 16.98 1.55 -1.18
C GLN B 40 17.52 2.11 -2.50
N TYR B 41 18.80 2.46 -2.55
CA TYR B 41 19.33 3.25 -3.66
C TYR B 41 19.86 2.43 -4.83
N GLY B 42 20.28 1.20 -4.54
CA GLY B 42 20.67 0.25 -5.59
C GLY B 42 19.69 0.18 -6.75
N LYS B 43 18.41 -0.01 -6.45
CA LYS B 43 17.37 -0.20 -7.48
C LYS B 43 17.07 1.10 -8.25
N VAL B 44 17.21 2.25 -7.59
CA VAL B 44 16.99 3.55 -8.21
C VAL B 44 18.13 3.92 -9.16
N ILE B 45 19.36 3.67 -8.71
CA ILE B 45 20.53 3.89 -9.54
C ILE B 45 20.45 2.97 -10.77
N ASP B 46 20.03 1.73 -10.54
CA ASP B 46 19.88 0.74 -11.61
C ASP B 46 18.88 1.20 -12.68
N ARG B 47 17.72 1.69 -12.23
CA ARG B 47 16.73 2.29 -13.12
C ARG B 47 17.32 3.46 -13.90
N ARG B 48 18.01 4.37 -13.22
CA ARG B 48 18.56 5.57 -13.89
C ARG B 48 19.61 5.20 -14.94
N VAL B 49 20.55 4.35 -14.57
CA VAL B 49 21.59 3.89 -15.47
C VAL B 49 21.00 3.24 -16.73
N ARG B 50 19.93 2.46 -16.53
CA ARG B 50 19.23 1.79 -17.61
C ARG B 50 18.53 2.80 -18.52
N GLU B 51 18.01 3.86 -17.94
CA GLU B 51 17.44 4.92 -18.75
C GLU B 51 18.51 5.63 -19.58
N LEU B 52 19.76 5.55 -19.11
CA LEU B 52 20.89 6.07 -19.88
C LEU B 52 21.51 5.07 -20.87
N PHE B 53 20.83 3.93 -21.05
CA PHE B 53 21.21 2.94 -22.05
C PHE B 53 22.53 2.23 -21.72
N VAL B 54 22.84 2.13 -20.43
CA VAL B 54 23.99 1.37 -19.98
C VAL B 54 23.52 0.18 -19.11
N GLN B 55 24.13 -0.99 -19.30
CA GLN B 55 23.84 -2.17 -18.51
C GLN B 55 24.39 -2.06 -17.11
N SER B 56 23.56 -2.46 -16.15
CA SER B 56 23.81 -2.19 -14.76
C SER B 56 23.58 -3.50 -14.01
N GLU B 57 24.45 -3.81 -13.05
CA GLU B 57 24.28 -4.98 -12.18
C GLU B 57 24.38 -4.56 -10.71
N ILE B 58 23.46 -5.02 -9.89
CA ILE B 58 23.55 -4.76 -8.46
C ILE B 58 24.23 -5.94 -7.78
N PHE B 59 25.29 -5.63 -7.03
CA PHE B 59 26.10 -6.62 -6.34
C PHE B 59 26.17 -6.29 -4.84
N PRO B 60 26.46 -7.28 -4.00
CA PRO B 60 26.66 -7.04 -2.57
C PRO B 60 27.86 -6.15 -2.29
N LEU B 61 27.73 -5.26 -1.32
CA LEU B 61 28.83 -4.40 -0.89
C LEU B 61 30.16 -5.14 -0.68
N GLU B 62 30.09 -6.35 -0.17
CA GLU B 62 31.28 -7.12 0.18
C GLU B 62 31.94 -7.87 -1.02
N THR B 63 31.43 -7.63 -2.22
CA THR B 63 32.02 -8.18 -3.44
C THR B 63 33.50 -7.79 -3.55
N PRO B 64 34.38 -8.78 -3.72
CA PRO B 64 35.81 -8.53 -3.80
C PRO B 64 36.21 -7.83 -5.10
N ALA B 65 37.21 -6.96 -4.99
CA ALA B 65 37.74 -6.20 -6.11
C ALA B 65 38.10 -7.07 -7.31
N PHE B 66 38.71 -8.23 -7.06
CA PHE B 66 39.21 -9.06 -8.12
C PHE B 66 38.07 -9.69 -8.93
N ALA B 67 36.95 -10.00 -8.26
CA ALA B 67 35.74 -10.48 -8.94
C ALA B 67 35.25 -9.41 -9.91
N ILE B 68 35.11 -8.19 -9.41
CA ILE B 68 34.73 -7.03 -10.25
C ILE B 68 35.71 -6.87 -11.41
N LYS B 69 37.00 -6.97 -11.12
CA LYS B 69 38.02 -6.89 -12.15
C LYS B 69 37.87 -7.94 -13.25
N GLU B 70 37.66 -9.19 -12.85
CA GLU B 70 37.57 -10.33 -13.78
C GLU B 70 36.26 -10.38 -14.54
N GLN B 71 35.20 -9.81 -13.95
CA GLN B 71 33.90 -9.75 -14.60
C GLN B 71 33.87 -8.72 -15.75
N GLY B 72 34.81 -7.78 -15.74
CA GLY B 72 34.97 -6.84 -16.84
C GLY B 72 34.26 -5.49 -16.74
N PHE B 73 33.58 -5.25 -15.62
CA PHE B 73 32.86 -3.98 -15.42
C PHE B 73 33.70 -2.77 -15.79
N ARG B 74 33.08 -1.79 -16.44
CA ARG B 74 33.74 -0.55 -16.81
C ARG B 74 33.85 0.43 -15.64
N ALA B 75 32.91 0.36 -14.70
CA ALA B 75 32.90 1.28 -13.57
C ALA B 75 32.05 0.75 -12.43
N ILE B 76 32.18 1.42 -11.30
CA ILE B 76 31.53 1.03 -10.05
C ILE B 76 30.80 2.24 -9.48
N ILE B 77 29.54 2.03 -9.10
CA ILE B 77 28.78 3.04 -8.38
C ILE B 77 28.43 2.48 -7.00
N ILE B 78 28.76 3.21 -5.96
CA ILE B 78 28.54 2.74 -4.60
C ILE B 78 27.61 3.70 -3.89
N SER B 79 26.59 3.15 -3.25
CA SER B 79 25.65 3.98 -2.49
C SER B 79 25.22 3.35 -1.18
N GLY B 80 24.33 4.06 -0.50
CA GLY B 80 23.84 3.74 0.83
C GLY B 80 23.44 5.04 1.49
N GLY B 81 22.97 4.97 2.72
CA GLY B 81 22.35 6.12 3.37
C GLY B 81 23.22 6.96 4.29
N PRO B 82 22.58 7.70 5.23
CA PRO B 82 23.21 8.65 6.17
C PRO B 82 24.16 8.02 7.19
N ASN B 83 24.00 6.71 7.45
CA ASN B 83 24.83 5.95 8.42
C ASN B 83 26.34 6.19 8.34
N SER B 84 27.00 6.19 9.49
CA SER B 84 28.45 6.37 9.56
C SER B 84 29.25 5.15 9.09
N VAL B 85 30.34 5.40 8.36
CA VAL B 85 31.31 4.37 7.99
C VAL B 85 32.27 4.07 9.14
N TYR B 86 32.16 4.86 10.22
CA TYR B 86 32.92 4.62 11.45
C TYR B 86 32.10 3.87 12.50
N ALA B 87 30.84 3.58 12.17
CA ALA B 87 29.99 2.77 13.05
C ALA B 87 30.62 1.40 13.31
N GLU B 88 30.60 0.97 14.57
CA GLU B 88 31.04 -0.39 14.95
C GLU B 88 30.30 -1.43 14.11
N ASP B 89 29.13 -1.01 13.62
CA ASP B 89 28.30 -1.80 12.72
C ASP B 89 28.76 -1.87 11.27
N ALA B 90 29.50 -0.85 10.80
CA ALA B 90 29.78 -0.65 9.38
C ALA B 90 30.00 -1.96 8.63
N PRO B 91 29.20 -2.21 7.58
CA PRO B 91 29.33 -3.46 6.82
C PRO B 91 30.72 -3.62 6.23
N TRP B 92 31.15 -4.85 6.04
CA TRP B 92 32.45 -5.07 5.47
C TRP B 92 32.43 -4.79 3.98
N PHE B 93 33.53 -4.26 3.47
CA PHE B 93 33.77 -4.15 2.03
C PHE B 93 35.26 -4.32 1.74
N ASP B 94 35.57 -4.63 0.50
CA ASP B 94 36.93 -4.82 0.08
C ASP B 94 37.47 -3.47 -0.41
N PRO B 95 38.34 -2.83 0.39
CA PRO B 95 38.80 -1.50 0.03
C PRO B 95 39.55 -1.45 -1.31
N ALA B 96 39.99 -2.61 -1.83
CA ALA B 96 40.65 -2.64 -3.13
C ALA B 96 39.70 -2.36 -4.30
N ILE B 97 38.39 -2.32 -4.05
CA ILE B 97 37.45 -1.85 -5.07
C ILE B 97 37.80 -0.44 -5.60
N PHE B 98 38.37 0.39 -4.72
CA PHE B 98 38.79 1.74 -5.09
C PHE B 98 40.11 1.81 -5.83
N THR B 99 40.82 0.69 -5.92
CA THR B 99 42.20 0.72 -6.45
C THR B 99 42.43 -0.16 -7.66
N ILE B 100 41.38 -0.77 -8.20
CA ILE B 100 41.57 -1.66 -9.35
C ILE B 100 41.71 -0.93 -10.68
N GLY B 101 41.67 0.41 -10.65
CA GLY B 101 41.83 1.22 -11.84
C GLY B 101 40.56 1.51 -12.65
N LYS B 102 39.40 1.12 -12.14
CA LYS B 102 38.14 1.49 -12.77
C LYS B 102 37.57 2.73 -12.10
N PRO B 103 36.91 3.60 -12.90
CA PRO B 103 36.30 4.81 -12.32
C PRO B 103 35.25 4.45 -11.26
N VAL B 104 35.18 5.23 -10.19
CA VAL B 104 34.20 4.98 -9.13
C VAL B 104 33.42 6.23 -8.76
N LEU B 105 32.10 6.12 -8.71
CA LEU B 105 31.26 7.18 -8.20
C LEU B 105 30.63 6.75 -6.88
N GLY B 106 31.00 7.43 -5.82
CA GLY B 106 30.49 7.14 -4.50
C GLY B 106 29.44 8.15 -4.10
N ILE B 107 28.25 7.65 -3.77
CA ILE B 107 27.10 8.49 -3.44
C ILE B 107 26.79 8.35 -1.96
N CYS B 108 26.90 9.46 -1.24
CA CYS B 108 26.69 9.54 0.23
C CYS B 108 27.55 8.57 1.03
N TYR B 109 26.98 7.43 1.42
CA TYR B 109 27.74 6.37 2.08
C TYR B 109 28.99 6.03 1.24
N GLY B 110 28.82 5.92 -0.08
CA GLY B 110 29.93 5.67 -1.01
C GLY B 110 31.04 6.70 -0.96
N MET B 111 30.66 7.98 -0.90
CA MET B 111 31.65 9.08 -0.78
C MET B 111 32.35 8.98 0.57
N GLN B 112 31.58 8.67 1.61
CA GLN B 112 32.11 8.48 2.94
C GLN B 112 33.10 7.31 2.98
N MET B 113 32.78 6.24 2.27
CA MET B 113 33.70 5.09 2.18
C MET B 113 35.00 5.50 1.49
N MET B 114 34.83 6.18 0.35
CA MET B 114 35.92 6.65 -0.48
C MET B 114 36.90 7.53 0.31
N ASN B 115 36.37 8.54 0.99
CA ASN B 115 37.20 9.44 1.77
C ASN B 115 37.94 8.71 2.90
N LYS B 116 37.26 7.76 3.55
CA LYS B 116 37.87 6.98 4.62
C LYS B 116 39.01 6.13 4.09
N VAL B 117 38.78 5.44 2.98
CA VAL B 117 39.77 4.52 2.42
C VAL B 117 41.10 5.24 2.14
N PHE B 118 41.02 6.50 1.70
CA PHE B 118 42.20 7.22 1.29
C PHE B 118 42.68 8.18 2.38
N GLY B 119 42.26 7.88 3.62
CA GLY B 119 42.83 8.47 4.81
C GLY B 119 42.26 9.81 5.24
N GLY B 120 41.07 10.14 4.74
CA GLY B 120 40.39 11.34 5.16
C GLY B 120 39.71 11.11 6.49
N THR B 121 39.05 12.15 7.00
CA THR B 121 38.33 12.07 8.27
C THR B 121 36.95 12.76 8.23
N VAL B 122 36.19 12.51 9.27
CA VAL B 122 34.86 13.06 9.44
C VAL B 122 34.83 13.94 10.68
N HIS B 123 34.04 15.02 10.65
CA HIS B 123 33.86 15.89 11.82
C HIS B 123 33.26 15.13 12.99
N LYS B 124 33.63 15.54 14.21
CA LYS B 124 33.05 14.99 15.43
C LYS B 124 31.53 15.26 15.50
N LYS B 125 31.13 16.51 15.24
CA LYS B 125 29.71 16.93 15.31
C LYS B 125 28.84 16.37 14.17
N SER B 126 27.67 15.83 14.55
CA SER B 126 26.70 15.19 13.64
C SER B 126 27.31 14.23 12.63
N ASP B 130 17.98 16.84 6.45
CA ASP B 130 18.38 16.39 5.13
C ASP B 130 17.39 16.81 4.04
N GLY B 131 17.42 18.09 3.70
CA GLY B 131 16.49 18.66 2.72
C GLY B 131 17.05 18.83 1.32
N VAL B 132 16.45 19.75 0.59
CA VAL B 132 16.83 20.04 -0.78
C VAL B 132 17.39 21.45 -0.79
N PHE B 133 18.68 21.56 -1.07
CA PHE B 133 19.36 22.84 -1.04
C PHE B 133 19.89 23.22 -2.41
N ASN B 134 20.20 24.49 -2.54
CA ASN B 134 20.87 25.04 -3.69
C ASN B 134 22.33 25.15 -3.28
N ILE B 135 23.19 24.36 -3.93
CA ILE B 135 24.61 24.24 -3.55
C ILE B 135 25.54 24.77 -4.66
N SER B 136 26.82 24.89 -4.35
CA SER B 136 27.78 25.26 -5.39
C SER B 136 28.61 24.05 -5.82
N VAL B 137 29.00 24.07 -7.09
CA VAL B 137 29.57 22.93 -7.76
C VAL B 137 30.71 23.41 -8.62
N ASP B 138 31.81 22.69 -8.61
CA ASP B 138 32.97 23.02 -9.43
C ASP B 138 32.74 22.51 -10.86
N ASN B 139 32.47 23.46 -11.76
CA ASN B 139 32.27 23.24 -13.20
C ASN B 139 33.32 22.42 -13.93
N THR B 140 34.56 22.47 -13.42
CA THR B 140 35.71 21.94 -14.13
C THR B 140 35.98 20.48 -13.79
N CYS B 141 35.43 20.02 -12.67
CA CYS B 141 35.45 18.60 -12.32
C CYS B 141 34.63 17.83 -13.35
N SER B 142 35.17 16.69 -13.78
CA SER B 142 34.62 15.92 -14.90
C SER B 142 33.20 15.48 -14.63
N LEU B 143 32.89 15.21 -13.37
CA LEU B 143 31.56 14.80 -12.96
C LEU B 143 30.52 15.90 -13.21
N PHE B 144 30.97 17.15 -13.22
CA PHE B 144 30.08 18.31 -13.25
C PHE B 144 30.14 19.16 -14.52
N ARG B 145 30.77 18.67 -15.60
CA ARG B 145 30.82 19.44 -16.85
C ARG B 145 29.42 19.61 -17.42
N GLY B 146 29.10 20.83 -17.86
CA GLY B 146 27.80 21.11 -18.47
C GLY B 146 26.78 21.65 -17.49
N LEU B 147 27.22 21.91 -16.26
CA LEU B 147 26.35 22.40 -15.20
C LEU B 147 26.72 23.83 -14.77
N GLN B 148 25.75 24.58 -14.24
CA GLN B 148 26.01 25.90 -13.66
C GLN B 148 26.64 25.66 -12.29
N LYS B 149 27.30 26.68 -11.75
CA LYS B 149 27.97 26.57 -10.45
C LYS B 149 26.97 26.26 -9.34
N GLU B 150 25.83 26.94 -9.40
CA GLU B 150 24.74 26.69 -8.47
C GLU B 150 23.89 25.53 -8.99
N GLU B 151 23.63 24.59 -8.10
CA GLU B 151 22.83 23.41 -8.43
C GLU B 151 21.94 23.05 -7.25
N VAL B 152 20.74 22.61 -7.57
CA VAL B 152 19.78 22.15 -6.59
C VAL B 152 19.92 20.63 -6.44
N VAL B 153 20.16 20.17 -5.22
CA VAL B 153 20.39 18.74 -4.95
C VAL B 153 19.65 18.27 -3.69
N LEU B 154 19.37 16.98 -3.62
CA LEU B 154 18.90 16.36 -2.38
C LEU B 154 20.10 16.00 -1.50
N LEU B 155 20.45 16.90 -0.57
CA LEU B 155 21.49 16.65 0.44
C LEU B 155 21.02 15.74 1.58
N THR B 156 21.78 14.66 1.80
CA THR B 156 21.54 13.76 2.93
C THR B 156 22.17 14.30 4.23
N HIS B 157 21.78 13.76 5.38
CA HIS B 157 22.04 14.40 6.69
C HIS B 157 23.22 13.94 7.55
N GLY B 158 23.95 12.90 7.14
CA GLY B 158 24.92 12.23 8.02
C GLY B 158 26.24 12.90 8.36
N ASP B 159 27.26 12.08 8.55
CA ASP B 159 28.65 12.50 8.75
C ASP B 159 29.13 13.43 7.63
N SER B 160 30.00 14.36 7.98
CA SER B 160 30.53 15.29 7.00
C SER B 160 32.05 15.30 7.01
N VAL B 161 32.64 15.46 5.82
CA VAL B 161 34.08 15.45 5.64
C VAL B 161 34.80 16.58 6.38
N ASP B 162 35.71 16.22 7.28
CA ASP B 162 36.63 17.16 7.89
C ASP B 162 37.90 17.20 7.02
N LYS B 163 38.83 16.28 7.26
CA LYS B 163 40.04 16.20 6.43
C LYS B 163 39.71 15.44 5.15
N VAL B 164 39.76 16.14 4.04
CA VAL B 164 39.57 15.56 2.72
C VAL B 164 40.75 14.65 2.45
N ALA B 165 40.48 13.42 2.04
CA ALA B 165 41.53 12.44 1.73
C ALA B 165 42.56 13.02 0.77
N ASP B 166 43.80 12.59 0.95
CA ASP B 166 44.91 13.08 0.13
C ASP B 166 44.76 12.64 -1.32
N GLY B 167 45.00 13.57 -2.23
CA GLY B 167 44.83 13.31 -3.65
C GLY B 167 43.45 13.72 -4.12
N PHE B 168 42.58 14.07 -3.17
CA PHE B 168 41.26 14.56 -3.53
C PHE B 168 41.17 16.07 -3.38
N LYS B 169 40.30 16.66 -4.18
CA LYS B 169 40.05 18.08 -4.18
C LYS B 169 38.55 18.19 -3.93
N VAL B 170 38.13 19.21 -3.20
CA VAL B 170 36.70 19.46 -2.93
C VAL B 170 36.07 20.08 -4.16
N VAL B 171 35.01 19.47 -4.69
CA VAL B 171 34.41 19.94 -5.95
C VAL B 171 32.95 20.35 -5.84
N ALA B 172 32.40 20.28 -4.63
CA ALA B 172 31.06 20.75 -4.37
C ALA B 172 30.92 21.13 -2.91
N ARG B 173 30.19 22.21 -2.65
CA ARG B 173 30.07 22.76 -1.30
C ARG B 173 28.64 23.24 -0.99
N SER B 174 28.18 22.92 0.21
CA SER B 174 26.92 23.47 0.73
C SER B 174 27.21 24.18 2.03
N GLY B 175 27.40 25.50 1.93
CA GLY B 175 27.86 26.31 3.06
C GLY B 175 29.29 25.95 3.40
N ASN B 176 29.49 25.38 4.58
CA ASN B 176 30.81 24.91 5.02
C ASN B 176 31.01 23.42 4.72
N ILE B 177 29.89 22.70 4.60
CA ILE B 177 29.89 21.25 4.36
C ILE B 177 30.45 20.84 2.98
N VAL B 178 31.44 19.96 3.00
CA VAL B 178 31.94 19.33 1.78
C VAL B 178 30.82 18.46 1.17
N ALA B 179 30.44 18.74 -0.06
CA ALA B 179 29.33 18.01 -0.72
C ALA B 179 29.78 17.19 -1.92
N GLY B 180 31.02 17.37 -2.35
CA GLY B 180 31.59 16.60 -3.46
C GLY B 180 33.09 16.55 -3.37
N ILE B 181 33.68 15.43 -3.77
CA ILE B 181 35.14 15.26 -3.81
C ILE B 181 35.54 14.50 -5.06
N ALA B 182 36.73 14.79 -5.56
CA ALA B 182 37.24 14.16 -6.77
C ALA B 182 38.74 13.94 -6.72
N ASN B 183 39.17 12.79 -7.25
CA ASN B 183 40.55 12.54 -7.59
C ASN B 183 40.59 12.22 -9.09
N GLU B 184 40.90 13.23 -9.88
CA GLU B 184 40.80 13.15 -11.36
C GLU B 184 41.74 12.12 -11.99
N SER B 185 42.95 11.99 -11.46
CA SER B 185 43.92 11.07 -12.03
C SER B 185 43.53 9.60 -11.85
N LYS B 186 42.91 9.24 -10.73
CA LYS B 186 42.39 7.88 -10.54
C LYS B 186 40.89 7.76 -10.88
N LYS B 187 40.32 8.81 -11.46
CA LYS B 187 38.89 8.86 -11.84
C LYS B 187 37.92 8.43 -10.72
N LEU B 188 38.15 8.96 -9.52
CA LEU B 188 37.33 8.66 -8.34
C LEU B 188 36.55 9.89 -7.90
N TYR B 189 35.24 9.75 -7.82
CA TYR B 189 34.37 10.88 -7.55
C TYR B 189 33.38 10.55 -6.47
N GLY B 190 33.17 11.50 -5.56
CA GLY B 190 32.18 11.33 -4.52
C GLY B 190 31.22 12.49 -4.48
N ALA B 191 29.97 12.22 -4.13
CA ALA B 191 28.98 13.27 -3.97
C ALA B 191 28.15 12.99 -2.74
N GLN B 192 27.85 14.03 -1.98
CA GLN B 192 27.08 13.90 -0.73
C GLN B 192 25.57 14.02 -0.97
N PHE B 193 25.16 13.95 -2.24
CA PHE B 193 23.75 14.01 -2.59
C PHE B 193 23.43 12.84 -3.51
N HIS B 194 22.15 12.66 -3.82
CA HIS B 194 21.71 11.55 -4.65
C HIS B 194 21.31 12.02 -6.04
N PRO B 195 22.22 11.87 -7.04
CA PRO B 195 21.92 12.28 -8.40
C PRO B 195 20.95 11.34 -9.11
N GLU B 196 20.67 10.20 -8.49
CA GLU B 196 19.74 9.22 -9.05
C GLU B 196 18.26 9.56 -8.83
N VAL B 197 17.97 10.52 -7.95
CA VAL B 197 16.57 10.98 -7.76
C VAL B 197 16.25 12.19 -8.63
N GLY B 198 15.02 12.24 -9.14
CA GLY B 198 14.53 13.39 -9.93
C GLY B 198 14.66 14.75 -9.25
N LEU B 199 14.54 14.73 -7.92
CA LEU B 199 14.66 15.94 -7.08
C LEU B 199 16.07 16.58 -7.08
N THR B 200 17.08 15.83 -7.51
CA THR B 200 18.31 16.45 -7.96
C THR B 200 18.04 16.81 -9.43
N GLU B 201 17.77 18.09 -9.67
CA GLU B 201 17.29 18.55 -10.97
C GLU B 201 18.11 18.02 -12.15
N ASN B 202 19.43 18.15 -12.07
CA ASN B 202 20.34 17.75 -13.13
C ASN B 202 21.20 16.55 -12.69
N GLY B 203 20.58 15.64 -11.94
CA GLY B 203 21.21 14.40 -11.54
C GLY B 203 21.46 13.49 -12.72
N LYS B 204 20.60 13.61 -13.73
CA LYS B 204 20.75 12.85 -14.96
C LYS B 204 22.03 13.26 -15.71
N VAL B 205 22.33 14.57 -15.71
CA VAL B 205 23.54 15.07 -16.37
C VAL B 205 24.78 14.49 -15.68
N ILE B 206 24.77 14.55 -14.35
CA ILE B 206 25.81 13.99 -13.52
C ILE B 206 26.09 12.52 -13.84
N LEU B 207 25.04 11.70 -13.86
CA LEU B 207 25.19 10.26 -14.15
C LEU B 207 25.70 10.05 -15.57
N LYS B 208 25.22 10.90 -16.48
CA LYS B 208 25.69 10.90 -17.85
C LYS B 208 27.20 11.16 -17.91
N ASN B 209 27.67 12.22 -17.25
CA ASN B 209 29.11 12.49 -17.20
C ASN B 209 29.91 11.30 -16.72
N PHE B 210 29.39 10.61 -15.70
CA PHE B 210 30.10 9.47 -15.14
C PHE B 210 30.11 8.27 -16.07
N LEU B 211 28.95 7.91 -16.61
CA LEU B 211 28.88 6.75 -17.48
C LEU B 211 29.58 6.97 -18.83
N TYR B 212 29.45 8.17 -19.37
CA TYR B 212 29.92 8.44 -20.73
C TYR B 212 31.29 9.06 -20.72
N ASP B 213 31.39 10.31 -20.29
CA ASP B 213 32.64 11.08 -20.33
C ASP B 213 33.78 10.40 -19.58
N ILE B 214 33.46 9.88 -18.39
CA ILE B 214 34.45 9.33 -17.48
C ILE B 214 34.69 7.84 -17.73
N ALA B 215 33.65 7.02 -17.67
CA ALA B 215 33.82 5.56 -17.75
C ALA B 215 33.85 5.02 -19.17
N GLY B 216 33.40 5.83 -20.12
CA GLY B 216 33.41 5.45 -21.53
C GLY B 216 32.45 4.34 -21.92
N CYS B 217 31.25 4.36 -21.33
CA CYS B 217 30.17 3.50 -21.81
C CYS B 217 29.62 4.10 -23.10
N SER B 218 29.22 3.24 -24.01
CA SER B 218 28.80 3.65 -25.33
C SER B 218 27.29 3.83 -25.42
N GLY B 219 26.56 3.24 -24.49
CA GLY B 219 25.10 3.35 -24.48
C GLY B 219 24.43 2.35 -25.40
N THR B 220 24.90 1.11 -25.37
CA THR B 220 24.42 0.02 -26.23
C THR B 220 23.24 -0.75 -25.64
N PHE B 221 22.89 -0.46 -24.39
CA PHE B 221 21.88 -1.24 -23.66
C PHE B 221 20.52 -0.60 -23.89
N THR B 222 20.01 -0.81 -25.10
CA THR B 222 18.73 -0.25 -25.49
C THR B 222 17.73 -1.38 -25.53
N VAL B 223 16.45 -1.04 -25.57
CA VAL B 223 15.42 -2.06 -25.76
C VAL B 223 15.68 -2.85 -27.06
N GLN B 224 16.05 -2.13 -28.12
CA GLN B 224 16.40 -2.71 -29.42
C GLN B 224 17.48 -3.78 -29.32
N ASN B 225 18.60 -3.45 -28.68
CA ASN B 225 19.69 -4.44 -28.51
C ASN B 225 19.37 -5.51 -27.48
N ARG B 226 18.59 -5.15 -26.45
CA ARG B 226 18.12 -6.16 -25.50
C ARG B 226 17.20 -7.18 -26.19
N GLU B 227 16.39 -6.71 -27.13
CA GLU B 227 15.53 -7.59 -27.92
C GLU B 227 16.36 -8.59 -28.73
N LEU B 228 17.40 -8.10 -29.40
CA LEU B 228 18.30 -8.94 -30.19
C LEU B 228 19.03 -9.97 -29.36
N GLU B 229 19.41 -9.59 -28.14
CA GLU B 229 20.04 -10.52 -27.22
C GLU B 229 19.03 -11.57 -26.76
N CYS B 230 17.82 -11.11 -26.46
CA CYS B 230 16.76 -11.98 -25.98
C CYS B 230 16.40 -13.04 -27.01
N ILE B 231 16.31 -12.61 -28.28
CA ILE B 231 16.12 -13.51 -29.44
C ILE B 231 17.21 -14.58 -29.51
N ARG B 232 18.46 -14.16 -29.37
CA ARG B 232 19.57 -15.10 -29.35
C ARG B 232 19.38 -16.13 -28.24
N GLU B 233 18.93 -15.69 -27.08
CA GLU B 233 18.74 -16.62 -25.96
C GLU B 233 17.60 -17.62 -26.18
N ILE B 234 16.54 -17.19 -26.85
CA ILE B 234 15.41 -18.06 -27.13
C ILE B 234 15.84 -19.17 -28.11
N LYS B 235 16.51 -18.81 -29.19
CA LYS B 235 17.06 -19.78 -30.14
C LYS B 235 17.92 -20.83 -29.45
N GLU B 236 18.70 -20.39 -28.47
CA GLU B 236 19.65 -21.26 -27.80
C GLU B 236 18.97 -22.27 -26.87
N ARG B 237 18.00 -21.81 -26.09
CA ARG B 237 17.27 -22.67 -25.16
C ARG B 237 16.34 -23.63 -25.90
N VAL B 238 15.84 -23.20 -27.05
CA VAL B 238 14.74 -23.88 -27.74
C VAL B 238 15.17 -24.85 -28.85
N GLY B 239 16.29 -24.56 -29.53
CA GLY B 239 16.73 -25.32 -30.70
C GLY B 239 15.62 -25.40 -31.75
N THR B 240 15.35 -26.62 -32.22
CA THR B 240 14.29 -26.84 -33.20
C THR B 240 12.94 -27.22 -32.56
N SER B 241 12.91 -27.36 -31.23
CA SER B 241 11.68 -27.72 -30.51
C SER B 241 10.56 -26.72 -30.78
N LYS B 242 9.32 -27.21 -30.76
CA LYS B 242 8.17 -26.34 -30.94
C LYS B 242 7.94 -25.54 -29.67
N VAL B 243 7.42 -24.33 -29.83
CA VAL B 243 7.03 -23.51 -28.70
C VAL B 243 5.54 -23.18 -28.82
N LEU B 244 4.80 -23.60 -27.82
CA LEU B 244 3.40 -23.26 -27.70
C LEU B 244 3.28 -22.03 -26.83
N VAL B 245 2.36 -21.15 -27.20
CA VAL B 245 2.04 -20.00 -26.38
C VAL B 245 0.52 -19.86 -26.33
N LEU B 246 0.00 -19.75 -25.11
CA LEU B 246 -1.41 -19.54 -24.88
C LEU B 246 -1.69 -18.06 -24.93
N LEU B 247 -2.22 -17.63 -26.05
CA LEU B 247 -2.47 -16.22 -26.28
C LEU B 247 -3.78 -15.82 -25.61
N SER B 248 -3.69 -15.05 -24.53
CA SER B 248 -4.88 -14.57 -23.83
C SER B 248 -5.51 -13.37 -24.54
N GLY B 249 -4.69 -12.63 -25.29
CA GLY B 249 -5.16 -11.41 -25.96
C GLY B 249 -4.62 -10.14 -25.31
N GLY B 250 -4.15 -10.26 -24.07
CA GLY B 250 -3.50 -9.14 -23.39
C GLY B 250 -2.19 -8.78 -24.07
N VAL B 251 -1.66 -7.61 -23.72
CA VAL B 251 -0.45 -7.07 -24.35
C VAL B 251 0.75 -8.02 -24.17
N ASP B 252 1.00 -8.47 -22.95
CA ASP B 252 2.15 -9.33 -22.65
C ASP B 252 2.14 -10.61 -23.47
N SER B 253 0.97 -11.26 -23.49
CA SER B 253 0.76 -12.46 -24.29
C SER B 253 1.01 -12.19 -25.78
N THR B 254 0.56 -11.04 -26.25
CA THR B 254 0.71 -10.68 -27.66
C THR B 254 2.15 -10.33 -28.04
N VAL B 255 2.83 -9.54 -27.21
CA VAL B 255 4.23 -9.22 -27.41
C VAL B 255 5.10 -10.47 -27.36
N CYS B 256 4.83 -11.33 -26.39
CA CYS B 256 5.54 -12.59 -26.28
C CYS B 256 5.41 -13.39 -27.57
N THR B 257 4.18 -13.52 -28.07
CA THR B 257 3.92 -14.29 -29.30
C THR B 257 4.68 -13.69 -30.49
N ALA B 258 4.63 -12.37 -30.64
CA ALA B 258 5.36 -11.70 -31.72
C ALA B 258 6.86 -11.91 -31.57
N LEU B 259 7.34 -11.85 -30.34
CA LEU B 259 8.76 -12.06 -30.03
C LEU B 259 9.23 -13.44 -30.44
N LEU B 260 8.47 -14.47 -30.06
CA LEU B 260 8.85 -15.84 -30.35
C LEU B 260 8.85 -16.11 -31.85
N ASN B 261 7.84 -15.58 -32.53
CA ASN B 261 7.78 -15.66 -33.96
C ASN B 261 9.00 -15.02 -34.64
N ARG B 262 9.43 -13.86 -34.13
CA ARG B 262 10.60 -13.16 -34.66
C ARG B 262 11.92 -13.93 -34.41
N ALA B 263 11.97 -14.73 -33.35
CA ALA B 263 13.17 -15.46 -32.99
C ALA B 263 13.28 -16.82 -33.69
N LEU B 264 12.13 -17.44 -33.99
CA LEU B 264 12.10 -18.79 -34.53
C LEU B 264 11.47 -18.81 -35.93
N ASN B 265 11.21 -20.00 -36.47
CA ASN B 265 10.49 -20.12 -37.75
C ASN B 265 8.99 -19.92 -37.54
N GLN B 266 8.26 -19.73 -38.64
CA GLN B 266 6.80 -19.73 -38.62
C GLN B 266 6.24 -21.06 -38.09
N GLU B 267 6.86 -22.16 -38.51
CA GLU B 267 6.44 -23.52 -38.16
C GLU B 267 6.69 -23.88 -36.69
N GLN B 268 7.64 -23.21 -36.05
CA GLN B 268 7.99 -23.49 -34.66
C GLN B 268 7.04 -22.91 -33.60
N VAL B 269 6.42 -21.78 -33.91
CA VAL B 269 5.60 -21.10 -32.93
C VAL B 269 4.13 -21.47 -33.12
N ILE B 270 3.57 -22.09 -32.08
CA ILE B 270 2.17 -22.48 -32.08
C ILE B 270 1.37 -21.65 -31.06
N ALA B 271 0.66 -20.65 -31.58
CA ALA B 271 -0.12 -19.72 -30.76
C ALA B 271 -1.57 -20.14 -30.70
N VAL B 272 -2.04 -20.46 -29.49
CA VAL B 272 -3.42 -20.89 -29.29
C VAL B 272 -4.18 -19.85 -28.45
N HIS B 273 -5.28 -19.34 -28.99
CA HIS B 273 -6.17 -18.47 -28.24
C HIS B 273 -7.48 -19.18 -27.88
N ILE B 274 -7.66 -19.47 -26.59
CA ILE B 274 -8.90 -20.06 -26.11
C ILE B 274 -9.87 -18.93 -25.76
N ASP B 275 -10.96 -18.80 -26.52
CA ASP B 275 -11.99 -17.82 -26.21
C ASP B 275 -12.85 -18.38 -25.10
N ASN B 276 -12.89 -17.68 -23.97
CA ASN B 276 -13.61 -18.20 -22.81
C ASN B 276 -15.07 -17.78 -22.73
N GLY B 277 -15.47 -16.89 -23.62
CA GLY B 277 -16.84 -16.43 -23.69
C GLY B 277 -17.07 -15.14 -22.95
N PHE B 278 -16.01 -14.64 -22.29
CA PHE B 278 -16.13 -13.46 -21.44
C PHE B 278 -15.28 -12.30 -21.92
N MET B 279 -14.91 -12.32 -23.19
CA MET B 279 -14.10 -11.26 -23.77
CA MET B 279 -14.10 -11.25 -23.77
C MET B 279 -15.00 -10.11 -24.24
N ARG B 280 -14.38 -8.98 -24.56
CA ARG B 280 -15.06 -7.78 -25.02
C ARG B 280 -15.39 -7.90 -26.50
N LYS B 281 -16.18 -6.95 -26.99
CA LYS B 281 -16.63 -6.92 -28.39
C LYS B 281 -15.49 -6.94 -29.42
N ARG B 282 -15.38 -8.08 -30.12
CA ARG B 282 -14.46 -8.29 -31.25
C ARG B 282 -13.01 -7.85 -31.02
N GLU B 283 -12.45 -8.25 -29.88
CA GLU B 283 -11.03 -7.99 -29.57
C GLU B 283 -10.18 -9.27 -29.58
N SER B 284 -10.84 -10.41 -29.71
CA SER B 284 -10.16 -11.69 -29.99
C SER B 284 -10.13 -11.94 -31.50
N GLN B 285 -10.74 -11.03 -32.25
CA GLN B 285 -10.62 -10.99 -33.70
C GLN B 285 -9.52 -10.01 -34.12
N SER B 286 -9.55 -8.82 -33.53
CA SER B 286 -8.62 -7.77 -33.93
C SER B 286 -7.20 -8.06 -33.42
N VAL B 287 -7.08 -9.03 -32.52
CA VAL B 287 -5.77 -9.51 -32.09
C VAL B 287 -5.30 -10.67 -32.97
N GLU B 288 -6.23 -11.49 -33.44
CA GLU B 288 -5.93 -12.51 -34.46
C GLU B 288 -5.55 -11.86 -35.79
N GLU B 289 -6.25 -10.78 -36.13
CA GLU B 289 -6.01 -10.07 -37.39
C GLU B 289 -4.67 -9.32 -37.43
N ALA B 290 -4.35 -8.60 -36.35
CA ALA B 290 -3.09 -7.85 -36.27
C ALA B 290 -1.89 -8.77 -36.31
N LEU B 291 -2.01 -9.93 -35.68
CA LEU B 291 -0.96 -10.94 -35.69
C LEU B 291 -0.84 -11.62 -37.05
N LYS B 292 -1.98 -11.94 -37.67
CA LYS B 292 -1.95 -12.56 -39.01
C LYS B 292 -1.29 -11.62 -40.01
N LYS B 293 -1.63 -10.33 -39.96
CA LYS B 293 -1.06 -9.32 -40.87
C LYS B 293 0.48 -9.27 -40.76
N LEU B 294 1.00 -9.58 -39.58
CA LEU B 294 2.43 -9.71 -39.34
C LEU B 294 2.94 -11.13 -39.56
N GLY B 295 2.14 -11.98 -40.20
CA GLY B 295 2.57 -13.33 -40.58
C GLY B 295 2.51 -14.37 -39.48
N ILE B 296 1.72 -14.09 -38.44
CA ILE B 296 1.61 -14.99 -37.29
C ILE B 296 0.23 -15.65 -37.28
N GLN B 297 0.21 -16.98 -37.36
CA GLN B 297 -1.06 -17.70 -37.38
C GLN B 297 -1.45 -18.04 -35.95
N VAL B 298 -2.74 -17.91 -35.65
CA VAL B 298 -3.27 -18.18 -34.33
C VAL B 298 -4.40 -19.19 -34.48
N LYS B 299 -4.25 -20.34 -33.85
CA LYS B 299 -5.34 -21.31 -33.75
C LYS B 299 -6.33 -20.81 -32.69
N VAL B 300 -7.55 -20.49 -33.12
CA VAL B 300 -8.60 -20.03 -32.22
C VAL B 300 -9.51 -21.19 -31.82
N ILE B 301 -9.69 -21.36 -30.51
CA ILE B 301 -10.56 -22.40 -29.95
C ILE B 301 -11.79 -21.72 -29.40
N ASN B 302 -12.93 -21.93 -30.05
CA ASN B 302 -14.15 -21.26 -29.63
C ASN B 302 -14.84 -22.04 -28.54
N ALA B 303 -14.47 -21.76 -27.29
CA ALA B 303 -14.85 -22.58 -26.16
C ALA B 303 -15.83 -21.91 -25.21
N ALA B 304 -16.39 -20.78 -25.64
CA ALA B 304 -17.41 -20.07 -24.88
C ALA B 304 -18.39 -21.03 -24.17
N HIS B 305 -19.09 -21.86 -24.94
CA HIS B 305 -20.13 -22.74 -24.38
C HIS B 305 -19.56 -23.71 -23.34
N SER B 306 -18.32 -24.13 -23.55
CA SER B 306 -17.61 -24.98 -22.62
C SER B 306 -17.38 -24.28 -21.27
N PHE B 307 -17.19 -22.97 -21.30
CA PHE B 307 -17.03 -22.20 -20.08
C PHE B 307 -18.37 -21.88 -19.42
N TYR B 308 -19.35 -21.49 -20.23
CA TYR B 308 -20.67 -21.17 -19.72
C TYR B 308 -21.25 -22.31 -18.87
N ASN B 309 -21.07 -23.52 -19.36
CA ASN B 309 -21.57 -24.72 -18.71
C ASN B 309 -20.43 -25.47 -18.01
N GLY B 310 -19.36 -24.74 -17.72
CA GLY B 310 -18.22 -25.31 -17.01
C GLY B 310 -18.53 -25.59 -15.56
N THR B 311 -17.74 -26.49 -14.98
CA THR B 311 -18.01 -26.96 -13.64
C THR B 311 -16.69 -27.34 -12.97
N THR B 312 -16.65 -27.33 -11.65
CA THR B 312 -15.43 -27.71 -10.93
C THR B 312 -15.75 -28.25 -9.52
N THR B 313 -14.76 -28.83 -8.87
CA THR B 313 -14.90 -29.29 -7.49
C THR B 313 -14.82 -28.09 -6.54
N LEU B 314 -15.56 -28.14 -5.44
CA LEU B 314 -15.57 -27.06 -4.46
C LEU B 314 -14.44 -27.22 -3.45
N PRO B 315 -13.75 -26.11 -3.09
CA PRO B 315 -12.66 -26.19 -2.11
C PRO B 315 -13.17 -26.37 -0.67
N ARG B 326 -17.63 -32.36 -3.63
CA ARG B 326 -18.81 -31.63 -4.11
C ARG B 326 -18.57 -30.92 -5.45
N ILE B 327 -19.55 -31.00 -6.35
CA ILE B 327 -19.50 -30.29 -7.62
C ILE B 327 -20.08 -28.88 -7.45
N SER B 328 -19.44 -27.90 -8.05
CA SER B 328 -19.97 -26.54 -8.09
C SER B 328 -21.24 -26.53 -8.93
N LYS B 329 -21.94 -25.39 -8.93
CA LYS B 329 -22.99 -25.13 -9.93
C LYS B 329 -22.31 -24.94 -11.29
N THR B 330 -23.10 -24.79 -12.35
CA THR B 330 -22.55 -24.41 -13.63
C THR B 330 -22.23 -22.92 -13.61
N LEU B 331 -21.23 -22.54 -14.38
CA LEU B 331 -20.81 -21.14 -14.42
C LEU B 331 -22.00 -20.18 -14.65
N ASN B 332 -22.87 -20.55 -15.58
CA ASN B 332 -24.03 -19.72 -15.93
C ASN B 332 -25.18 -19.80 -14.91
N MET B 333 -24.90 -20.38 -13.75
CA MET B 333 -25.85 -20.43 -12.63
C MET B 333 -25.21 -20.05 -11.28
N THR B 334 -23.92 -19.72 -11.32
CA THR B 334 -23.15 -19.34 -10.15
C THR B 334 -23.35 -17.87 -9.79
N THR B 335 -23.49 -17.57 -8.51
CA THR B 335 -23.50 -16.18 -8.04
C THR B 335 -22.17 -15.79 -7.38
N SER B 336 -21.49 -16.78 -6.81
CA SER B 336 -20.23 -16.60 -6.07
C SER B 336 -18.98 -16.39 -6.93
N PRO B 337 -18.28 -15.26 -6.75
CA PRO B 337 -17.08 -14.90 -7.52
C PRO B 337 -15.89 -15.86 -7.34
N GLU B 338 -15.80 -16.53 -6.20
CA GLU B 338 -14.75 -17.52 -5.99
C GLU B 338 -14.95 -18.71 -6.92
N GLU B 339 -16.21 -19.15 -6.99
CA GLU B 339 -16.61 -20.24 -7.85
C GLU B 339 -16.43 -19.86 -9.32
N LYS B 340 -16.82 -18.64 -9.70
CA LYS B 340 -16.60 -18.17 -11.07
C LYS B 340 -15.14 -18.31 -11.46
N ARG B 341 -14.24 -17.86 -10.59
CA ARG B 341 -12.81 -17.85 -10.90
C ARG B 341 -12.27 -19.28 -10.97
N LYS B 342 -12.65 -20.12 -10.01
CA LYS B 342 -12.14 -21.47 -10.00
C LYS B 342 -12.66 -22.26 -11.20
N ILE B 343 -13.95 -22.10 -11.51
CA ILE B 343 -14.53 -22.73 -12.69
C ILE B 343 -13.77 -22.29 -13.93
N ILE B 344 -13.58 -20.98 -14.09
CA ILE B 344 -12.93 -20.45 -15.28
C ILE B 344 -11.48 -20.91 -15.35
N GLY B 345 -10.79 -20.81 -14.21
CA GLY B 345 -9.40 -21.23 -14.13
C GLY B 345 -9.21 -22.71 -14.40
N ASP B 346 -10.02 -23.55 -13.76
CA ASP B 346 -9.93 -25.00 -13.97
C ASP B 346 -10.28 -25.40 -15.39
N THR B 347 -11.31 -24.77 -15.96
CA THR B 347 -11.75 -25.07 -17.32
C THR B 347 -10.65 -24.73 -18.34
N PHE B 348 -10.10 -23.53 -18.21
CA PHE B 348 -9.00 -23.07 -19.06
C PHE B 348 -7.85 -24.07 -19.10
N VAL B 349 -7.35 -24.47 -17.94
CA VAL B 349 -6.21 -25.38 -17.89
C VAL B 349 -6.54 -26.75 -18.50
N LYS B 350 -7.77 -27.23 -18.25
CA LYS B 350 -8.25 -28.50 -18.80
C LYS B 350 -8.33 -28.47 -20.32
N ILE B 351 -8.86 -27.40 -20.90
CA ILE B 351 -8.90 -27.28 -22.35
C ILE B 351 -7.51 -27.09 -22.95
N ALA B 352 -6.70 -26.24 -22.32
CA ALA B 352 -5.31 -26.06 -22.72
C ALA B 352 -4.63 -27.43 -22.84
N ASN B 353 -4.67 -28.21 -21.76
CA ASN B 353 -4.16 -29.58 -21.76
C ASN B 353 -4.74 -30.47 -22.87
N GLU B 354 -6.04 -30.33 -23.14
CA GLU B 354 -6.73 -31.06 -24.19
C GLU B 354 -6.18 -30.70 -25.58
N VAL B 355 -5.88 -29.42 -25.80
CA VAL B 355 -5.39 -28.93 -27.10
C VAL B 355 -3.97 -29.43 -27.38
N ILE B 356 -3.13 -29.42 -26.35
CA ILE B 356 -1.78 -29.96 -26.49
C ILE B 356 -1.84 -31.44 -26.86
N GLY B 357 -2.80 -32.16 -26.28
CA GLY B 357 -3.00 -33.58 -26.55
C GLY B 357 -3.40 -33.90 -27.99
N GLU B 358 -4.29 -33.11 -28.54
CA GLU B 358 -4.81 -33.36 -29.88
C GLU B 358 -3.81 -33.00 -30.97
N MET B 359 -2.79 -32.22 -30.61
CA MET B 359 -1.73 -31.88 -31.54
C MET B 359 -0.59 -32.89 -31.47
N ASN B 360 -0.71 -33.83 -30.55
CA ASN B 360 0.25 -34.92 -30.36
C ASN B 360 1.66 -34.41 -30.04
N LEU B 361 1.69 -33.28 -29.34
CA LEU B 361 2.92 -32.64 -28.95
C LEU B 361 3.41 -33.29 -27.66
N LYS B 362 4.57 -33.94 -27.76
CA LYS B 362 5.22 -34.53 -26.61
C LYS B 362 5.91 -33.43 -25.81
N PRO B 363 5.65 -33.37 -24.49
CA PRO B 363 6.29 -32.39 -23.62
C PRO B 363 7.82 -32.51 -23.65
N GLU B 364 8.32 -33.71 -23.95
CA GLU B 364 9.75 -34.00 -23.99
C GLU B 364 10.48 -33.35 -25.17
N GLU B 365 9.73 -32.83 -26.14
CA GLU B 365 10.31 -32.16 -27.31
C GLU B 365 9.57 -30.84 -27.69
N VAL B 366 9.02 -30.17 -26.69
CA VAL B 366 8.18 -28.98 -26.87
C VAL B 366 8.33 -27.98 -25.70
N PHE B 367 8.03 -26.72 -25.96
CA PHE B 367 8.09 -25.67 -24.94
C PHE B 367 6.77 -24.94 -24.79
N LEU B 368 6.51 -24.43 -23.59
CA LEU B 368 5.40 -23.50 -23.38
C LEU B 368 5.93 -22.14 -22.92
N ALA B 369 5.47 -21.08 -23.60
CA ALA B 369 5.90 -19.72 -23.31
C ALA B 369 4.77 -18.85 -22.82
N GLN B 370 5.07 -18.04 -21.82
CA GLN B 370 4.10 -17.14 -21.21
C GLN B 370 4.62 -15.72 -21.28
N GLY B 371 3.71 -14.77 -21.45
CA GLY B 371 4.06 -13.35 -21.47
C GLY B 371 4.25 -12.73 -20.10
N THR B 372 4.27 -13.54 -19.04
CA THR B 372 4.34 -13.04 -17.67
C THR B 372 5.57 -12.21 -17.43
N LEU B 373 5.39 -11.03 -16.82
CA LEU B 373 6.50 -10.17 -16.45
C LEU B 373 7.19 -10.62 -15.18
N ARG B 374 6.41 -11.13 -14.22
CA ARG B 374 6.95 -11.57 -12.94
C ARG B 374 6.57 -13.02 -12.68
N PRO B 375 7.25 -13.98 -13.35
CA PRO B 375 6.89 -15.38 -13.21
C PRO B 375 7.28 -15.94 -11.84
N ASP B 376 6.61 -17.00 -11.45
CA ASP B 376 6.99 -17.72 -10.25
C ASP B 376 7.07 -19.21 -10.50
N LEU B 377 7.92 -19.88 -9.74
CA LEU B 377 7.97 -21.33 -9.78
C LEU B 377 6.70 -21.93 -9.23
N ILE B 378 6.30 -21.46 -8.05
CA ILE B 378 5.13 -21.99 -7.37
C ILE B 378 4.10 -20.88 -7.11
N GLU B 379 2.88 -21.12 -7.56
CA GLU B 379 1.80 -20.14 -7.39
C GLU B 379 1.02 -20.39 -6.09
N SER B 380 0.54 -19.32 -5.46
CA SER B 380 -0.29 -19.44 -4.26
C SER B 380 -1.70 -19.84 -4.68
N ALA B 381 -2.23 -20.88 -4.02
CA ALA B 381 -3.60 -21.38 -4.26
C ALA B 381 -4.70 -20.37 -3.88
N SER B 382 -4.40 -19.50 -2.92
CA SER B 382 -5.30 -18.40 -2.55
C SER B 382 -5.44 -17.38 -3.68
N LEU B 383 -4.31 -17.04 -4.31
CA LEU B 383 -4.28 -15.99 -5.32
C LEU B 383 -5.05 -16.41 -6.56
N VAL B 384 -4.91 -17.68 -6.92
CA VAL B 384 -5.67 -18.28 -8.02
C VAL B 384 -7.15 -17.98 -7.84
N ALA B 385 -7.66 -18.29 -6.64
CA ALA B 385 -9.09 -18.13 -6.32
C ALA B 385 -9.58 -16.69 -6.17
N SER B 386 -8.68 -15.71 -6.10
CA SER B 386 -9.09 -14.33 -5.75
C SER B 386 -8.69 -13.23 -6.74
N GLY B 387 -7.70 -13.50 -7.59
CA GLY B 387 -7.22 -12.51 -8.54
C GLY B 387 -6.16 -13.05 -9.50
N LYS B 388 -5.36 -12.15 -10.07
CA LYS B 388 -4.34 -12.52 -11.07
C LYS B 388 -3.32 -13.51 -10.49
N ALA B 389 -2.96 -14.50 -11.31
CA ALA B 389 -2.11 -15.61 -10.89
C ALA B 389 -1.61 -16.36 -12.12
N GLU B 390 -0.51 -17.09 -11.97
CA GLU B 390 -0.09 -18.00 -13.04
C GLU B 390 -0.80 -19.34 -12.83
N LEU B 391 -1.77 -19.64 -13.70
CA LEU B 391 -2.61 -20.82 -13.53
C LEU B 391 -1.84 -22.12 -13.70
N ILE B 392 -0.86 -22.12 -14.59
CA ILE B 392 -0.05 -23.32 -14.87
C ILE B 392 1.01 -23.64 -13.80
N LYS B 393 1.30 -22.67 -12.93
CA LYS B 393 2.23 -22.90 -11.82
C LYS B 393 1.51 -23.36 -10.56
N THR B 394 0.31 -23.88 -10.74
CA THR B 394 -0.40 -24.54 -9.65
C THR B 394 -0.87 -25.93 -10.09
N HIS B 395 -1.10 -26.81 -9.13
CA HIS B 395 -1.57 -28.15 -9.46
CA HIS B 395 -1.59 -28.17 -9.40
C HIS B 395 -3.07 -28.16 -9.77
N HIS B 396 -3.39 -28.79 -10.89
CA HIS B 396 -4.78 -29.00 -11.29
C HIS B 396 -4.98 -30.50 -11.39
N ASN B 397 -6.24 -30.94 -11.37
CA ASN B 397 -6.52 -32.36 -11.62
C ASN B 397 -6.78 -32.60 -13.11
N ASP B 398 -6.22 -33.70 -13.63
CA ASP B 398 -6.36 -34.09 -15.04
C ASP B 398 -5.69 -33.15 -16.06
N THR B 399 -4.48 -32.69 -15.74
CA THR B 399 -3.70 -31.83 -16.65
C THR B 399 -2.25 -32.31 -16.71
N GLU B 400 -2.11 -33.56 -17.16
CA GLU B 400 -0.83 -34.27 -17.15
C GLU B 400 0.24 -33.68 -18.08
N LEU B 401 -0.17 -33.24 -19.27
CA LEU B 401 0.77 -32.70 -20.24
C LEU B 401 1.34 -31.35 -19.78
N ILE B 402 0.48 -30.54 -19.18
CA ILE B 402 0.89 -29.25 -18.63
C ILE B 402 1.77 -29.42 -17.40
N ARG B 403 1.41 -30.38 -16.55
CA ARG B 403 2.22 -30.75 -15.39
C ARG B 403 3.64 -31.11 -15.85
N LYS B 404 3.73 -31.98 -16.86
CA LYS B 404 5.01 -32.45 -17.36
C LYS B 404 5.87 -31.35 -17.95
N LEU B 405 5.24 -30.43 -18.67
CA LEU B 405 5.91 -29.25 -19.24
C LEU B 405 6.52 -28.36 -18.15
N ARG B 406 5.78 -28.19 -17.06
CA ARG B 406 6.26 -27.45 -15.91
C ARG B 406 7.40 -28.21 -15.22
N GLU B 407 7.17 -29.50 -14.93
CA GLU B 407 8.15 -30.33 -14.20
C GLU B 407 9.44 -30.50 -14.98
N GLU B 408 9.33 -30.57 -16.30
CA GLU B 408 10.52 -30.81 -17.14
C GLU B 408 11.31 -29.56 -17.47
N GLY B 409 10.79 -28.39 -17.06
CA GLY B 409 11.49 -27.14 -17.26
C GLY B 409 11.29 -26.60 -18.66
N LYS B 410 10.07 -26.75 -19.16
CA LYS B 410 9.77 -26.35 -20.53
C LYS B 410 8.88 -25.10 -20.58
N VAL B 411 8.67 -24.47 -19.43
CA VAL B 411 7.95 -23.21 -19.38
C VAL B 411 8.97 -22.09 -19.36
N ILE B 412 8.91 -21.23 -20.37
CA ILE B 412 9.86 -20.13 -20.47
C ILE B 412 9.14 -18.79 -20.41
N GLU B 413 9.84 -17.77 -19.94
CA GLU B 413 9.26 -16.44 -19.86
C GLU B 413 10.19 -15.40 -20.47
N PRO B 414 10.09 -15.22 -21.79
CA PRO B 414 10.85 -14.24 -22.58
C PRO B 414 10.84 -12.83 -22.01
N LEU B 415 9.71 -12.41 -21.47
CA LEU B 415 9.55 -11.02 -21.07
C LEU B 415 10.03 -10.73 -19.67
N LYS B 416 10.57 -11.73 -18.98
CA LYS B 416 10.95 -11.57 -17.57
C LYS B 416 12.02 -10.51 -17.30
N ASP B 417 12.83 -10.18 -18.31
CA ASP B 417 13.91 -9.22 -18.14
C ASP B 417 13.56 -7.85 -18.69
N PHE B 418 12.26 -7.61 -18.90
CA PHE B 418 11.80 -6.31 -19.35
C PHE B 418 10.82 -5.78 -18.33
N HIS B 419 10.76 -4.45 -18.20
CA HIS B 419 9.76 -3.81 -17.33
C HIS B 419 8.52 -3.47 -18.14
N LYS B 420 7.43 -3.12 -17.45
CA LYS B 420 6.17 -2.79 -18.14
C LYS B 420 6.31 -1.77 -19.27
N ASP B 421 6.99 -0.65 -19.00
CA ASP B 421 7.18 0.39 -20.03
C ASP B 421 7.93 -0.10 -21.27
N GLU B 422 8.77 -1.11 -21.08
CA GLU B 422 9.59 -1.62 -22.18
C GLU B 422 8.81 -2.59 -23.06
N VAL B 423 7.80 -3.24 -22.48
CA VAL B 423 6.98 -4.20 -23.18
C VAL B 423 6.31 -3.55 -24.39
N ARG B 424 5.82 -2.34 -24.20
CA ARG B 424 5.15 -1.56 -25.24
C ARG B 424 6.09 -1.12 -26.36
N ILE B 425 7.30 -0.68 -25.98
CA ILE B 425 8.36 -0.31 -26.91
C ILE B 425 8.70 -1.53 -27.75
N LEU B 426 8.85 -2.66 -27.08
CA LEU B 426 9.21 -3.92 -27.71
C LEU B 426 8.16 -4.36 -28.73
N GLY B 427 6.89 -4.24 -28.33
CA GLY B 427 5.75 -4.50 -29.21
C GLY B 427 5.73 -3.66 -30.47
N ARG B 428 6.06 -2.37 -30.34
CA ARG B 428 6.15 -1.47 -31.48
C ARG B 428 7.26 -1.90 -32.41
N GLU B 429 8.41 -2.23 -31.83
CA GLU B 429 9.60 -2.63 -32.58
C GLU B 429 9.34 -3.93 -33.31
N LEU B 430 8.53 -4.78 -32.69
CA LEU B 430 8.07 -6.02 -33.32
C LEU B 430 6.95 -5.80 -34.33
N GLY B 431 6.50 -4.55 -34.47
CA GLY B 431 5.54 -4.19 -35.51
C GLY B 431 4.08 -4.26 -35.12
N LEU B 432 3.81 -4.48 -33.85
CA LEU B 432 2.45 -4.43 -33.33
C LEU B 432 1.94 -3.00 -33.36
N PRO B 433 0.64 -2.81 -33.66
CA PRO B 433 -0.01 -1.50 -33.70
C PRO B 433 -0.04 -0.81 -32.35
N GLU B 434 0.06 0.52 -32.36
CA GLU B 434 0.00 1.35 -31.15
C GLU B 434 -1.29 1.17 -30.33
N GLU B 435 -2.42 0.97 -30.99
CA GLU B 435 -3.68 0.82 -30.27
C GLU B 435 -3.72 -0.51 -29.52
N LEU B 436 -2.88 -1.44 -29.96
CA LEU B 436 -2.83 -2.79 -29.41
C LEU B 436 -1.86 -2.93 -28.22
N VAL B 437 -0.66 -2.34 -28.33
CA VAL B 437 0.28 -2.35 -27.21
C VAL B 437 -0.13 -1.38 -26.10
N SER B 438 -1.08 -0.51 -26.41
CA SER B 438 -1.54 0.54 -25.50
C SER B 438 -2.76 0.18 -24.62
N ARG B 439 -3.37 -0.98 -24.86
CA ARG B 439 -4.58 -1.42 -24.13
C ARG B 439 -4.41 -1.59 -22.62
N HIS B 440 -5.41 -1.15 -21.87
CA HIS B 440 -5.45 -1.36 -20.43
C HIS B 440 -5.48 -2.85 -20.10
N PRO B 441 -5.10 -3.21 -18.87
CA PRO B 441 -5.20 -4.65 -18.55
C PRO B 441 -6.66 -5.13 -18.54
N PHE B 442 -6.85 -6.40 -18.80
CA PHE B 442 -8.16 -6.98 -18.82
C PHE B 442 -8.00 -8.35 -18.18
N PRO B 443 -8.77 -8.64 -17.11
CA PRO B 443 -8.54 -9.83 -16.31
C PRO B 443 -8.85 -11.13 -17.06
N GLY B 444 -8.10 -12.17 -16.74
CA GLY B 444 -8.40 -13.53 -17.21
C GLY B 444 -9.87 -13.89 -17.36
N PRO B 445 -10.66 -13.78 -16.26
CA PRO B 445 -12.06 -14.19 -16.31
C PRO B 445 -12.97 -13.20 -17.01
N GLY B 446 -12.38 -12.13 -17.55
CA GLY B 446 -13.12 -11.12 -18.31
C GLY B 446 -14.41 -10.66 -17.69
N LEU B 447 -15.45 -10.59 -18.52
CA LEU B 447 -16.74 -10.06 -18.09
C LEU B 447 -17.44 -10.88 -16.98
N ALA B 448 -16.96 -12.09 -16.76
CA ALA B 448 -17.60 -12.98 -15.78
C ALA B 448 -17.63 -12.37 -14.39
N ILE B 449 -16.58 -11.62 -14.03
CA ILE B 449 -16.53 -10.93 -12.74
C ILE B 449 -17.05 -9.49 -12.81
N ARG B 450 -17.73 -9.15 -13.89
CA ARG B 450 -18.24 -7.79 -14.07
C ARG B 450 -19.75 -7.78 -14.19
N VAL B 451 -20.35 -8.95 -13.95
CA VAL B 451 -21.79 -9.06 -13.81
C VAL B 451 -22.09 -9.48 -12.38
N ILE B 452 -22.79 -8.63 -11.64
CA ILE B 452 -23.27 -9.05 -10.31
C ILE B 452 -24.45 -10.00 -10.51
N CYS B 453 -24.19 -11.28 -10.23
CA CYS B 453 -25.17 -12.31 -10.44
C CYS B 453 -25.99 -12.48 -9.18
N ALA B 454 -27.30 -12.64 -9.34
CA ALA B 454 -28.18 -12.76 -8.19
C ALA B 454 -29.50 -13.44 -8.53
N GLU B 455 -30.00 -14.21 -7.57
CA GLU B 455 -31.38 -14.69 -7.58
C GLU B 455 -32.19 -13.94 -6.51
N GLU B 456 -31.55 -13.73 -5.35
CA GLU B 456 -32.18 -13.05 -4.20
C GLU B 456 -31.51 -11.68 -3.90
N PRO B 457 -32.30 -10.71 -3.42
CA PRO B 457 -31.71 -9.48 -2.91
C PRO B 457 -30.75 -9.76 -1.75
N TYR B 458 -29.64 -9.02 -1.67
CA TYR B 458 -28.71 -9.15 -0.55
C TYR B 458 -29.15 -8.21 0.58
N ILE B 459 -29.66 -8.78 1.67
CA ILE B 459 -30.21 -8.00 2.79
C ILE B 459 -29.97 -8.70 4.13
N CYS B 460 -29.24 -8.04 5.02
CA CYS B 460 -28.94 -8.61 6.33
C CYS B 460 -29.70 -7.87 7.42
N LYS B 461 -29.46 -8.28 8.68
CA LYS B 461 -30.13 -7.68 9.82
C LYS B 461 -29.81 -6.19 9.98
N ASP B 462 -28.61 -5.79 9.55
CA ASP B 462 -28.15 -4.40 9.66
C ASP B 462 -28.75 -3.45 8.60
N PHE B 463 -29.52 -4.00 7.66
CA PHE B 463 -30.08 -3.23 6.52
C PHE B 463 -30.87 -1.94 6.88
N PRO B 464 -31.92 -2.03 7.75
CA PRO B 464 -32.68 -0.82 8.11
C PRO B 464 -31.88 0.21 8.92
N GLU B 465 -31.04 -0.25 9.83
CA GLU B 465 -30.20 0.63 10.64
C GLU B 465 -29.26 1.44 9.76
N THR B 466 -28.57 0.74 8.86
CA THR B 466 -27.64 1.36 7.94
C THR B 466 -28.33 2.39 7.04
N ASN B 467 -29.53 2.08 6.56
CA ASN B 467 -30.31 3.04 5.76
C ASN B 467 -30.73 4.29 6.53
N ASN B 468 -31.01 4.13 7.81
CA ASN B 468 -31.31 5.27 8.66
C ASN B 468 -30.08 6.16 8.87
N ILE B 469 -28.92 5.54 9.02
CA ILE B 469 -27.68 6.28 9.14
C ILE B 469 -27.43 7.05 7.85
N LEU B 470 -27.62 6.40 6.72
CA LEU B 470 -27.37 7.04 5.42
C LEU B 470 -28.36 8.18 5.15
N LYS B 471 -29.61 7.97 5.56
CA LYS B 471 -30.63 9.02 5.48
C LYS B 471 -30.16 10.30 6.21
N ILE B 472 -29.63 10.12 7.43
CA ILE B 472 -29.13 11.25 8.22
C ILE B 472 -27.89 11.90 7.60
N VAL B 473 -26.99 11.10 7.07
CA VAL B 473 -25.82 11.63 6.38
C VAL B 473 -26.21 12.51 5.20
N ALA B 474 -27.10 12.00 4.35
CA ALA B 474 -27.53 12.69 3.14
C ALA B 474 -28.28 13.97 3.47
N ASP B 475 -28.98 13.95 4.60
CA ASP B 475 -29.85 15.04 4.99
C ASP B 475 -29.32 15.72 6.27
N PHE B 476 -28.01 15.87 6.36
CA PHE B 476 -27.36 16.24 7.61
C PHE B 476 -27.74 17.62 8.17
N SER B 477 -27.60 18.69 7.38
CA SER B 477 -27.95 20.03 7.87
C SER B 477 -29.42 20.17 8.29
N ALA B 478 -30.32 19.48 7.59
CA ALA B 478 -31.74 19.46 7.94
C ALA B 478 -32.02 18.56 9.15
N SER B 479 -31.24 17.49 9.27
CA SER B 479 -31.37 16.53 10.36
C SER B 479 -30.91 17.18 11.65
N VAL B 480 -29.81 17.93 11.56
CA VAL B 480 -29.24 18.69 12.68
C VAL B 480 -30.25 19.70 13.26
N LYS B 481 -31.10 20.24 12.39
CA LYS B 481 -32.16 21.17 12.78
C LYS B 481 -33.26 20.52 13.62
N LYS B 482 -33.48 19.21 13.42
CA LYS B 482 -34.43 18.44 14.25
C LYS B 482 -33.79 17.16 14.84
N PRO B 483 -32.90 17.34 15.85
CA PRO B 483 -32.04 16.27 16.40
C PRO B 483 -32.74 15.15 17.19
N HIS B 484 -32.35 13.92 16.88
CA HIS B 484 -32.77 12.74 17.63
C HIS B 484 -31.57 11.87 17.96
N THR B 485 -31.83 10.75 18.63
CA THR B 485 -30.78 9.89 19.17
C THR B 485 -29.77 9.45 18.13
N LEU B 486 -30.26 9.06 16.95
CA LEU B 486 -29.39 8.58 15.87
C LEU B 486 -28.43 9.66 15.35
N LEU B 487 -28.92 10.89 15.22
CA LEU B 487 -28.04 12.02 14.92
C LEU B 487 -26.89 12.09 15.92
N GLN B 488 -27.18 11.88 17.20
CA GLN B 488 -26.14 11.98 18.22
C GLN B 488 -25.06 10.91 18.00
N ARG B 489 -25.46 9.73 17.54
CA ARG B 489 -24.52 8.69 17.15
C ARG B 489 -23.64 9.11 15.98
N VAL B 490 -24.20 9.84 15.03
CA VAL B 490 -23.44 10.29 13.87
C VAL B 490 -22.40 11.37 14.23
N LYS B 491 -22.75 12.31 15.09
CA LYS B 491 -21.81 13.36 15.52
C LYS B 491 -20.68 12.76 16.36
N ALA B 492 -21.05 11.84 17.25
CA ALA B 492 -20.08 11.14 18.08
C ALA B 492 -19.02 10.34 17.30
N CYS B 493 -19.34 9.91 16.08
CA CYS B 493 -18.40 9.14 15.25
C CYS B 493 -17.74 9.91 14.10
N THR B 494 -18.12 11.17 13.92
CA THR B 494 -17.53 12.02 12.88
C THR B 494 -16.68 13.12 13.51
N THR B 495 -15.57 13.46 12.85
CA THR B 495 -14.73 14.57 13.28
C THR B 495 -15.50 15.87 13.10
N GLU B 496 -15.20 16.85 13.96
CA GLU B 496 -15.71 18.22 13.83
C GLU B 496 -15.62 18.70 12.38
N GLU B 497 -14.46 18.50 11.75
CA GLU B 497 -14.20 18.88 10.35
C GLU B 497 -15.15 18.21 9.36
N ASP B 498 -15.35 16.91 9.52
CA ASP B 498 -16.23 16.19 8.62
C ASP B 498 -17.68 16.62 8.76
N GLN B 499 -18.09 16.96 9.99
CA GLN B 499 -19.44 17.49 10.23
C GLN B 499 -19.66 18.83 9.54
N GLU B 500 -18.66 19.70 9.66
CA GLU B 500 -18.68 21.02 9.04
C GLU B 500 -18.80 20.83 7.53
N LYS B 501 -17.85 20.11 6.95
CA LYS B 501 -17.84 19.78 5.52
C LYS B 501 -19.16 19.18 5.05
N LEU B 502 -19.79 18.38 5.92
CA LEU B 502 -21.06 17.70 5.66
C LEU B 502 -22.26 18.62 5.81
N MET B 503 -22.15 19.62 6.67
CA MET B 503 -23.16 20.66 6.78
C MET B 503 -23.30 21.41 5.46
N GLN B 504 -22.18 21.89 4.91
CA GLN B 504 -22.20 22.64 3.65
C GLN B 504 -22.83 21.79 2.54
N ILE B 505 -22.19 20.65 2.26
CA ILE B 505 -22.61 19.73 1.20
C ILE B 505 -24.11 19.45 1.19
N THR B 506 -24.68 19.11 2.35
CA THR B 506 -26.08 18.67 2.42
C THR B 506 -27.08 19.83 2.53
N SER B 507 -26.59 21.05 2.64
CA SER B 507 -27.47 22.21 2.50
C SER B 507 -27.49 22.74 1.05
N LEU B 508 -26.36 22.63 0.34
CA LEU B 508 -26.26 23.09 -1.05
C LEU B 508 -26.98 22.18 -2.05
N HIS B 509 -27.03 20.90 -1.75
CA HIS B 509 -27.65 19.94 -2.65
C HIS B 509 -28.63 19.13 -1.84
N SER B 510 -29.66 18.64 -2.50
CA SER B 510 -30.56 17.67 -1.89
C SER B 510 -30.17 16.30 -2.39
N LEU B 511 -29.73 15.47 -1.46
CA LEU B 511 -29.15 14.18 -1.79
C LEU B 511 -29.93 13.11 -1.06
N ASN B 512 -30.04 11.94 -1.68
CA ASN B 512 -30.51 10.73 -1.01
C ASN B 512 -29.36 9.73 -0.94
N ALA B 513 -29.31 8.95 0.13
CA ALA B 513 -28.33 7.88 0.25
C ALA B 513 -29.01 6.66 0.84
N PHE B 514 -28.61 5.48 0.36
CA PHE B 514 -29.31 4.25 0.69
C PHE B 514 -28.48 3.06 0.24
N LEU B 515 -28.69 1.91 0.89
CA LEU B 515 -28.03 0.69 0.44
C LEU B 515 -28.71 0.13 -0.79
N LEU B 516 -27.92 -0.51 -1.65
CA LEU B 516 -28.45 -1.28 -2.75
C LEU B 516 -28.38 -2.74 -2.33
N PRO B 517 -29.42 -3.55 -2.66
CA PRO B 517 -29.48 -4.93 -2.14
C PRO B 517 -28.59 -5.92 -2.90
N ILE B 518 -27.32 -5.54 -3.08
CA ILE B 518 -26.32 -6.35 -3.76
C ILE B 518 -24.97 -6.38 -3.02
N LYS B 519 -24.14 -7.35 -3.42
CA LYS B 519 -22.84 -7.65 -2.83
C LYS B 519 -21.73 -7.24 -3.75
N THR B 520 -20.66 -6.71 -3.17
CA THR B 520 -19.47 -6.38 -3.94
C THR B 520 -18.26 -6.61 -3.05
N VAL B 521 -17.14 -6.93 -3.67
CA VAL B 521 -15.92 -7.15 -2.93
C VAL B 521 -15.30 -5.81 -2.46
N GLY B 522 -14.60 -5.88 -1.34
CA GLY B 522 -13.86 -4.74 -0.82
C GLY B 522 -12.73 -5.25 0.03
N VAL B 523 -11.74 -4.40 0.22
CA VAL B 523 -10.61 -4.77 1.05
C VAL B 523 -10.58 -3.80 2.21
N GLN B 524 -10.69 -4.34 3.41
CA GLN B 524 -10.57 -3.57 4.66
C GLN B 524 -9.39 -4.16 5.44
N GLY B 525 -8.37 -3.33 5.65
CA GLY B 525 -7.16 -3.78 6.32
C GLY B 525 -6.51 -4.87 5.51
N ASP B 526 -6.29 -6.03 6.13
CA ASP B 526 -5.63 -7.13 5.44
C ASP B 526 -6.56 -7.99 4.55
N CYS B 527 -7.87 -7.84 4.71
CA CYS B 527 -8.78 -8.90 4.26
C CYS B 527 -9.85 -8.53 3.25
N ARG B 528 -10.11 -9.44 2.31
CA ARG B 528 -11.24 -9.29 1.38
C ARG B 528 -12.61 -9.47 2.05
N SER B 529 -13.59 -8.76 1.53
CA SER B 529 -14.91 -8.79 2.12
C SER B 529 -15.92 -8.63 1.03
N TYR B 530 -17.08 -9.27 1.21
CA TYR B 530 -18.22 -9.08 0.31
C TYR B 530 -19.36 -8.44 1.08
N SER B 531 -19.71 -7.21 0.67
CA SER B 531 -20.73 -6.44 1.36
C SER B 531 -21.42 -5.37 0.50
N TYR B 532 -22.27 -4.57 1.12
CA TYR B 532 -23.16 -3.62 0.47
C TYR B 532 -22.51 -2.59 -0.43
N VAL B 533 -23.30 -2.14 -1.40
CA VAL B 533 -23.02 -0.95 -2.18
C VAL B 533 -23.97 0.11 -1.65
N CYS B 534 -23.47 1.32 -1.42
CA CYS B 534 -24.34 2.44 -1.09
C CYS B 534 -24.59 3.28 -2.33
N GLY B 535 -25.84 3.73 -2.52
CA GLY B 535 -26.17 4.58 -3.65
C GLY B 535 -26.46 6.01 -3.23
N ILE B 536 -26.08 6.97 -4.08
CA ILE B 536 -26.45 8.37 -3.87
C ILE B 536 -27.03 8.96 -5.15
N SER B 537 -28.20 9.60 -5.04
CA SER B 537 -28.72 10.41 -6.12
C SER B 537 -28.93 11.85 -5.64
N SER B 538 -29.17 12.75 -6.59
CA SER B 538 -29.38 14.15 -6.27
C SER B 538 -30.44 14.77 -7.17
N LYS B 539 -31.17 15.74 -6.61
CA LYS B 539 -32.11 16.56 -7.38
C LYS B 539 -31.37 17.36 -8.45
N ASP B 540 -30.20 17.90 -8.09
CA ASP B 540 -29.43 18.79 -8.95
C ASP B 540 -28.25 18.11 -9.66
N GLU B 541 -27.53 18.88 -10.48
CA GLU B 541 -26.28 18.42 -11.08
C GLU B 541 -25.31 17.91 -10.01
N PRO B 542 -24.54 16.88 -10.35
CA PRO B 542 -23.65 16.31 -9.35
C PRO B 542 -22.47 17.23 -9.05
N ASP B 543 -22.21 17.47 -7.77
CA ASP B 543 -20.95 18.08 -7.39
C ASP B 543 -19.96 16.98 -7.06
N TRP B 544 -18.95 16.84 -7.90
CA TRP B 544 -18.12 15.64 -7.91
C TRP B 544 -17.18 15.45 -6.74
N GLU B 545 -16.61 16.56 -6.26
CA GLU B 545 -15.71 16.52 -5.11
C GLU B 545 -16.48 16.29 -3.81
N SER B 546 -17.72 16.76 -3.77
CA SER B 546 -18.60 16.51 -2.63
C SER B 546 -18.99 15.06 -2.58
N LEU B 547 -19.32 14.50 -3.73
CA LEU B 547 -19.68 13.10 -3.84
C LEU B 547 -18.48 12.22 -3.45
N ILE B 548 -17.31 12.60 -3.94
CA ILE B 548 -16.08 11.89 -3.60
C ILE B 548 -15.76 11.92 -2.10
N PHE B 549 -16.05 13.05 -1.45
CA PHE B 549 -15.92 13.16 -0.02
C PHE B 549 -16.89 12.20 0.65
N LEU B 550 -18.13 12.22 0.16
CA LEU B 550 -19.15 11.36 0.73
C LEU B 550 -18.75 9.91 0.57
N ALA B 551 -18.16 9.60 -0.59
CA ALA B 551 -17.66 8.25 -0.90
C ALA B 551 -16.60 7.76 0.09
N ARG B 552 -15.83 8.67 0.66
CA ARG B 552 -14.81 8.30 1.64
C ARG B 552 -15.36 8.29 3.05
N LEU B 553 -16.32 9.18 3.32
CA LEU B 553 -16.89 9.31 4.66
C LEU B 553 -17.72 8.10 5.04
N ILE B 554 -18.67 7.75 4.17
CA ILE B 554 -19.65 6.70 4.44
C ILE B 554 -19.01 5.35 4.80
N PRO B 555 -18.01 4.88 4.03
CA PRO B 555 -17.30 3.66 4.43
C PRO B 555 -16.49 3.78 5.74
N ARG B 556 -16.08 4.98 6.13
CA ARG B 556 -15.44 5.18 7.44
C ARG B 556 -16.45 5.04 8.58
N MET B 557 -17.68 5.50 8.35
CA MET B 557 -18.72 5.39 9.38
C MET B 557 -19.33 3.99 9.42
N CYS B 558 -19.48 3.40 8.25
CA CYS B 558 -20.18 2.14 8.10
C CYS B 558 -19.26 1.16 7.39
N HIS B 559 -18.60 0.32 8.20
CA HIS B 559 -17.65 -0.66 7.69
C HIS B 559 -18.36 -1.84 7.03
N ASN B 560 -19.68 -1.90 7.16
CA ASN B 560 -20.50 -2.85 6.38
C ASN B 560 -20.79 -2.35 4.95
N VAL B 561 -20.15 -1.25 4.54
CA VAL B 561 -20.30 -0.69 3.20
C VAL B 561 -18.97 -0.67 2.42
N ASN B 562 -18.93 -1.34 1.26
CA ASN B 562 -17.67 -1.49 0.51
C ASN B 562 -17.48 -0.49 -0.61
N ARG B 563 -18.57 0.17 -1.02
CA ARG B 563 -18.56 1.03 -2.18
C ARG B 563 -19.63 2.08 -2.09
N VAL B 564 -19.36 3.20 -2.71
CA VAL B 564 -20.32 4.26 -2.83
C VAL B 564 -20.36 4.68 -4.30
N VAL B 565 -21.55 4.65 -4.88
CA VAL B 565 -21.73 5.02 -6.28
C VAL B 565 -22.68 6.20 -6.40
N TYR B 566 -22.45 7.01 -7.42
CA TYR B 566 -23.42 8.01 -7.85
C TYR B 566 -24.32 7.44 -8.94
N ILE B 567 -25.62 7.50 -8.70
CA ILE B 567 -26.62 7.07 -9.67
C ILE B 567 -27.10 8.27 -10.48
N PHE B 568 -26.87 8.27 -11.79
CA PHE B 568 -27.28 9.37 -12.66
C PHE B 568 -28.79 9.41 -12.91
N GLY B 569 -29.32 10.62 -13.05
CA GLY B 569 -30.73 10.84 -13.39
C GLY B 569 -31.50 11.46 -12.25
N PRO B 570 -32.84 11.49 -12.36
CA PRO B 570 -33.66 12.12 -11.33
C PRO B 570 -33.41 11.46 -9.96
N PRO B 571 -33.86 12.10 -8.87
CA PRO B 571 -33.69 11.48 -7.55
C PRO B 571 -34.28 10.07 -7.51
N VAL B 572 -33.61 9.17 -6.81
CA VAL B 572 -34.17 7.87 -6.53
C VAL B 572 -34.96 7.98 -5.22
N LYS B 573 -36.28 8.13 -5.35
CA LYS B 573 -37.16 8.34 -4.18
C LYS B 573 -37.36 7.05 -3.39
N GLU B 574 -37.73 5.97 -4.07
CA GLU B 574 -37.94 4.68 -3.41
C GLU B 574 -36.95 3.64 -3.92
N PRO B 575 -35.79 3.48 -3.24
CA PRO B 575 -34.80 2.48 -3.67
C PRO B 575 -35.41 1.07 -3.73
N PRO B 576 -34.98 0.24 -4.70
CA PRO B 576 -35.50 -1.13 -4.82
C PRO B 576 -35.00 -2.06 -3.72
N THR B 577 -35.86 -2.95 -3.26
CA THR B 577 -35.49 -3.96 -2.28
C THR B 577 -35.54 -5.32 -2.95
N ASP B 578 -35.72 -5.31 -4.26
CA ASP B 578 -35.73 -6.53 -5.05
C ASP B 578 -34.64 -6.44 -6.13
N VAL B 579 -34.30 -7.58 -6.69
CA VAL B 579 -33.29 -7.63 -7.73
C VAL B 579 -33.82 -8.33 -8.96
N THR B 580 -33.33 -7.92 -10.13
CA THR B 580 -33.62 -8.63 -11.36
C THR B 580 -32.75 -9.88 -11.38
N PRO B 581 -33.36 -11.08 -11.45
CA PRO B 581 -32.53 -12.30 -11.46
C PRO B 581 -31.56 -12.30 -12.64
N THR B 582 -30.30 -12.63 -12.36
CA THR B 582 -29.20 -12.36 -13.28
C THR B 582 -28.06 -13.35 -13.12
N PHE B 583 -27.68 -13.97 -14.22
CA PHE B 583 -26.63 -14.96 -14.22
C PHE B 583 -25.77 -14.74 -15.43
N LEU B 584 -24.70 -15.51 -15.53
CA LEU B 584 -23.79 -15.40 -16.67
C LEU B 584 -24.40 -16.09 -17.90
N THR B 585 -25.41 -15.46 -18.49
CA THR B 585 -26.12 -15.99 -19.66
C THR B 585 -25.87 -15.14 -20.89
N THR B 586 -26.01 -15.75 -22.08
CA THR B 586 -25.60 -15.11 -23.36
C THR B 586 -26.21 -13.72 -23.61
N GLY B 587 -27.48 -13.54 -23.26
CA GLY B 587 -28.15 -12.23 -23.38
C GLY B 587 -27.64 -11.19 -22.39
N VAL B 588 -27.37 -11.61 -21.16
CA VAL B 588 -26.78 -10.73 -20.15
C VAL B 588 -25.38 -10.30 -20.61
N LEU B 589 -24.59 -11.27 -21.07
CA LEU B 589 -23.27 -10.97 -21.61
C LEU B 589 -23.34 -10.07 -22.84
N SER B 590 -24.34 -10.27 -23.69
CA SER B 590 -24.50 -9.46 -24.89
C SER B 590 -24.73 -8.00 -24.52
N THR B 591 -25.59 -7.78 -23.55
CA THR B 591 -25.88 -6.45 -23.01
C THR B 591 -24.64 -5.75 -22.43
N LEU B 592 -23.94 -6.41 -21.51
CA LEU B 592 -22.76 -5.81 -20.90
C LEU B 592 -21.66 -5.57 -21.93
N ARG B 593 -21.51 -6.53 -22.86
CA ARG B 593 -20.50 -6.40 -23.89
C ARG B 593 -20.75 -5.10 -24.64
N GLN B 594 -22.03 -4.80 -24.90
CA GLN B 594 -22.42 -3.59 -25.61
C GLN B 594 -22.15 -2.33 -24.77
N ALA B 595 -22.57 -2.36 -23.51
CA ALA B 595 -22.29 -1.28 -22.57
C ALA B 595 -20.80 -1.00 -22.44
N ASP B 596 -20.02 -2.06 -22.24
CA ASP B 596 -18.56 -1.96 -22.15
C ASP B 596 -17.96 -1.33 -23.40
N PHE B 597 -18.43 -1.76 -24.58
CA PHE B 597 -17.97 -1.25 -25.87
C PHE B 597 -18.18 0.26 -25.98
N GLU B 598 -19.41 0.70 -25.74
CA GLU B 598 -19.77 2.11 -25.84
C GLU B 598 -18.96 2.96 -24.89
N ALA B 599 -18.95 2.59 -23.61
CA ALA B 599 -18.16 3.28 -22.59
C ALA B 599 -16.72 3.47 -23.05
N HIS B 600 -16.07 2.37 -23.43
CA HIS B 600 -14.66 2.41 -23.85
C HIS B 600 -14.39 3.17 -25.14
N ASN B 601 -15.35 3.14 -26.07
CA ASN B 601 -15.22 3.89 -27.32
C ASN B 601 -15.24 5.39 -27.09
N ILE B 602 -16.17 5.83 -26.26
CA ILE B 602 -16.27 7.23 -25.89
C ILE B 602 -14.98 7.68 -25.22
N LEU B 603 -14.48 6.85 -24.30
CA LEU B 603 -13.25 7.13 -23.58
C LEU B 603 -12.05 7.27 -24.54
N ARG B 604 -12.03 6.40 -25.55
CA ARG B 604 -10.90 6.34 -26.49
C ARG B 604 -10.95 7.47 -27.50
N GLU B 605 -12.14 7.80 -27.98
CA GLU B 605 -12.32 8.82 -29.01
C GLU B 605 -12.27 10.25 -28.45
N SER B 606 -12.12 10.37 -27.14
CA SER B 606 -12.05 11.67 -26.48
C SER B 606 -10.61 11.99 -26.08
N GLY B 607 -9.73 11.00 -26.18
CA GLY B 607 -8.30 11.17 -25.95
C GLY B 607 -7.78 10.92 -24.54
N TYR B 608 -8.68 10.55 -23.64
CA TYR B 608 -8.34 10.41 -22.22
C TYR B 608 -8.12 8.97 -21.77
N ALA B 609 -8.20 8.04 -22.71
CA ALA B 609 -7.96 6.62 -22.44
C ALA B 609 -6.70 6.40 -21.63
N GLY B 610 -5.61 7.08 -22.00
CA GLY B 610 -4.33 6.95 -21.32
C GLY B 610 -4.27 7.62 -19.95
N LYS B 611 -5.27 8.42 -19.63
CA LYS B 611 -5.32 9.11 -18.33
C LYS B 611 -5.90 8.25 -17.21
N ILE B 612 -6.57 7.16 -17.56
CA ILE B 612 -7.03 6.22 -16.54
C ILE B 612 -6.31 4.87 -16.70
N SER B 613 -6.13 4.14 -15.60
CA SER B 613 -5.39 2.88 -15.62
C SER B 613 -6.24 1.69 -16.12
N GLN B 614 -7.54 1.74 -15.84
CA GLN B 614 -8.48 0.64 -16.12
C GLN B 614 -9.89 1.12 -15.83
N MET B 615 -10.82 0.66 -16.67
CA MET B 615 -12.22 1.03 -16.53
C MET B 615 -13.14 -0.18 -16.62
N PRO B 616 -13.28 -0.93 -15.50
CA PRO B 616 -14.34 -1.93 -15.47
C PRO B 616 -15.70 -1.28 -15.73
N VAL B 617 -16.51 -1.94 -16.56
CA VAL B 617 -17.91 -1.56 -16.73
C VAL B 617 -18.72 -2.77 -16.25
N ILE B 618 -19.63 -2.53 -15.31
CA ILE B 618 -20.26 -3.59 -14.52
C ILE B 618 -21.78 -3.57 -14.67
N LEU B 619 -22.36 -4.74 -14.83
CA LEU B 619 -23.81 -4.87 -14.89
C LEU B 619 -24.39 -5.32 -13.56
N THR B 620 -25.36 -4.56 -13.05
CA THR B 620 -25.99 -4.84 -11.77
C THR B 620 -27.48 -5.21 -11.94
N PRO B 621 -27.96 -6.16 -11.14
CA PRO B 621 -29.34 -6.69 -11.24
C PRO B 621 -30.40 -5.73 -10.69
N LEU B 622 -30.31 -4.45 -11.07
CA LEU B 622 -31.12 -3.40 -10.45
C LEU B 622 -32.03 -2.59 -11.39
N HIS B 623 -33.32 -2.62 -11.05
CA HIS B 623 -34.38 -1.93 -11.78
C HIS B 623 -34.95 -0.79 -10.92
N PHE B 624 -34.65 0.43 -11.33
CA PHE B 624 -35.11 1.63 -10.64
C PHE B 624 -36.39 2.21 -11.26
N ASP B 625 -36.98 3.18 -10.57
CA ASP B 625 -38.10 4.00 -11.08
C ASP B 625 -39.44 3.28 -11.29
N ARG B 626 -39.63 2.17 -10.59
CA ARG B 626 -40.91 1.47 -10.61
C ARG B 626 -41.76 1.98 -9.46
N ASP B 627 -43.00 2.33 -9.79
CA ASP B 627 -43.95 2.82 -8.80
C ASP B 627 -44.27 1.71 -7.80
N PRO B 628 -43.81 1.85 -6.54
CA PRO B 628 -43.92 0.78 -5.53
C PRO B 628 -45.34 0.29 -5.27
N LEU B 629 -46.32 1.20 -5.40
CA LEU B 629 -47.74 0.87 -5.24
C LEU B 629 -48.33 0.31 -6.54
N GLN B 630 -47.68 -0.71 -7.11
CA GLN B 630 -48.04 -1.21 -8.45
C GLN B 630 -47.51 -2.63 -8.71
N LYS B 631 -46.55 -3.06 -7.90
CA LYS B 631 -45.97 -4.42 -7.96
C LYS B 631 -45.45 -4.88 -9.33
N GLN B 632 -44.83 -3.98 -10.08
CA GLN B 632 -44.11 -4.34 -11.32
C GLN B 632 -42.87 -5.17 -10.97
N PRO B 633 -42.65 -6.31 -11.65
CA PRO B 633 -41.49 -7.15 -11.33
C PRO B 633 -40.16 -6.51 -11.78
N SER B 634 -39.07 -6.87 -11.09
CA SER B 634 -37.73 -6.41 -11.47
C SER B 634 -37.24 -7.18 -12.70
N CYS B 635 -37.00 -6.45 -13.79
CA CYS B 635 -36.61 -7.09 -15.05
C CYS B 635 -35.52 -6.32 -15.83
N GLN B 636 -35.26 -5.08 -15.45
CA GLN B 636 -34.20 -4.31 -16.07
C GLN B 636 -32.92 -4.35 -15.23
N ARG B 637 -31.81 -3.91 -15.82
CA ARG B 637 -30.52 -3.91 -15.13
C ARG B 637 -29.81 -2.54 -15.18
N SER B 638 -28.85 -2.32 -14.30
CA SER B 638 -28.15 -1.04 -14.25
C SER B 638 -26.64 -1.18 -14.43
N VAL B 639 -26.04 -0.18 -15.05
CA VAL B 639 -24.63 -0.26 -15.44
C VAL B 639 -23.77 0.65 -14.55
N VAL B 640 -22.64 0.13 -14.10
CA VAL B 640 -21.68 0.93 -13.35
C VAL B 640 -20.43 1.20 -14.17
N ILE B 641 -20.08 2.47 -14.28
CA ILE B 641 -18.79 2.88 -14.77
C ILE B 641 -17.82 2.96 -13.60
N ARG B 642 -16.71 2.25 -13.71
CA ARG B 642 -15.70 2.19 -12.65
C ARG B 642 -14.37 2.66 -13.22
N THR B 643 -14.15 3.98 -13.23
CA THR B 643 -12.86 4.54 -13.63
C THR B 643 -11.85 4.29 -12.51
N PHE B 644 -10.62 3.93 -12.87
CA PHE B 644 -9.61 3.67 -11.85
C PHE B 644 -8.22 4.16 -12.23
N ILE B 645 -7.54 4.78 -11.26
CA ILE B 645 -6.21 5.36 -11.46
C ILE B 645 -5.23 4.84 -10.39
N THR B 646 -4.15 4.23 -10.82
CA THR B 646 -3.23 3.57 -9.89
C THR B 646 -1.79 3.48 -10.40
N SER B 647 -0.85 3.30 -9.47
CA SER B 647 0.53 3.00 -9.86
C SER B 647 0.78 1.52 -9.94
N ASP B 648 0.16 0.76 -9.03
CA ASP B 648 0.54 -0.65 -8.81
C ASP B 648 -0.65 -1.59 -8.60
N PHE B 649 -1.86 -1.03 -8.55
CA PHE B 649 -3.11 -1.78 -8.30
C PHE B 649 -3.31 -2.25 -6.86
N MET B 650 -2.43 -1.81 -5.96
CA MET B 650 -2.59 -2.09 -4.53
C MET B 650 -3.50 -1.06 -3.89
N THR B 651 -3.35 0.19 -4.33
CA THR B 651 -4.24 1.28 -3.93
C THR B 651 -4.52 2.08 -5.17
N GLY B 652 -5.60 2.84 -5.15
CA GLY B 652 -5.90 3.71 -6.28
C GLY B 652 -7.13 4.54 -6.05
N ILE B 653 -7.42 5.41 -7.01
CA ILE B 653 -8.58 6.29 -6.90
C ILE B 653 -9.46 6.23 -8.15
N PRO B 654 -10.75 6.57 -8.00
CA PRO B 654 -11.54 6.80 -9.21
C PRO B 654 -11.08 8.09 -9.87
N ALA B 655 -11.36 8.24 -11.16
CA ALA B 655 -11.24 9.52 -11.82
C ALA B 655 -12.40 10.36 -11.32
N THR B 656 -12.11 11.60 -10.92
CA THR B 656 -13.13 12.55 -10.57
C THR B 656 -13.52 13.24 -11.88
N PRO B 657 -14.80 13.10 -12.30
CA PRO B 657 -15.24 13.84 -13.48
C PRO B 657 -15.00 15.33 -13.30
N GLY B 658 -14.36 15.95 -14.29
CA GLY B 658 -14.00 17.35 -14.24
C GLY B 658 -12.60 17.55 -13.71
N ASN B 659 -11.89 16.44 -13.47
CA ASN B 659 -10.55 16.46 -12.91
C ASN B 659 -9.59 15.72 -13.85
N GLU B 660 -9.48 14.39 -13.71
CA GLU B 660 -8.59 13.61 -14.60
C GLU B 660 -9.29 13.27 -15.91
N ILE B 661 -10.60 13.50 -15.94
CA ILE B 661 -11.43 13.13 -17.07
C ILE B 661 -12.54 14.17 -17.17
N PRO B 662 -12.88 14.62 -18.40
CA PRO B 662 -13.91 15.65 -18.56
C PRO B 662 -15.31 15.14 -18.21
N VAL B 663 -16.06 15.95 -17.46
CA VAL B 663 -17.45 15.69 -17.12
C VAL B 663 -18.25 15.26 -18.34
N GLU B 664 -18.04 15.95 -19.45
CA GLU B 664 -18.82 15.78 -20.68
C GLU B 664 -18.60 14.39 -21.31
N VAL B 665 -17.41 13.84 -21.13
CA VAL B 665 -17.10 12.49 -21.61
C VAL B 665 -17.88 11.44 -20.81
N VAL B 666 -17.92 11.61 -19.50
CA VAL B 666 -18.69 10.70 -18.64
C VAL B 666 -20.18 10.78 -18.96
N LEU B 667 -20.68 12.00 -19.12
CA LEU B 667 -22.09 12.20 -19.45
C LEU B 667 -22.48 11.60 -20.81
N LYS B 668 -21.52 11.47 -21.72
CA LYS B 668 -21.83 10.86 -23.01
C LYS B 668 -22.01 9.34 -22.90
N MET B 669 -21.19 8.70 -22.07
CA MET B 669 -21.35 7.28 -21.74
C MET B 669 -22.75 7.06 -21.16
N VAL B 670 -23.15 7.94 -20.25
CA VAL B 670 -24.46 7.89 -19.63
C VAL B 670 -25.57 7.96 -20.68
N THR B 671 -25.53 8.98 -21.54
CA THR B 671 -26.51 9.15 -22.61
C THR B 671 -26.55 7.92 -23.51
N GLU B 672 -25.37 7.48 -23.95
CA GLU B 672 -25.29 6.38 -24.89
C GLU B 672 -25.70 5.02 -24.30
N ILE B 673 -25.22 4.72 -23.09
CA ILE B 673 -25.46 3.40 -22.51
C ILE B 673 -26.93 3.23 -22.13
N LYS B 674 -27.56 4.33 -21.72
CA LYS B 674 -28.99 4.35 -21.38
C LYS B 674 -29.90 3.85 -22.53
N LYS B 675 -29.44 4.07 -23.77
CA LYS B 675 -30.22 3.67 -24.96
C LYS B 675 -30.31 2.16 -25.16
N ILE B 676 -29.30 1.42 -24.69
CA ILE B 676 -29.28 -0.04 -24.79
C ILE B 676 -30.52 -0.66 -24.14
N PRO B 677 -31.22 -1.54 -24.89
CA PRO B 677 -32.42 -2.18 -24.33
C PRO B 677 -32.14 -2.89 -23.00
N GLY B 678 -33.03 -2.70 -22.03
CA GLY B 678 -32.95 -3.39 -20.74
C GLY B 678 -32.22 -2.64 -19.64
N ILE B 679 -31.81 -1.41 -19.92
CA ILE B 679 -30.98 -0.65 -18.98
C ILE B 679 -31.76 0.42 -18.24
N SER B 680 -31.88 0.23 -16.93
CA SER B 680 -32.53 1.15 -16.02
C SER B 680 -31.64 2.38 -15.74
N ARG B 681 -30.72 2.29 -14.78
CA ARG B 681 -29.85 3.45 -14.48
C ARG B 681 -28.39 3.25 -14.80
N ILE B 682 -27.67 4.36 -14.90
CA ILE B 682 -26.22 4.33 -14.95
C ILE B 682 -25.66 4.82 -13.61
N MET B 683 -24.54 4.24 -13.22
CA MET B 683 -23.90 4.57 -11.98
C MET B 683 -22.41 4.85 -12.18
N TYR B 684 -21.87 5.68 -11.29
CA TYR B 684 -20.46 6.03 -11.32
C TYR B 684 -19.82 5.62 -9.99
N ASP B 685 -18.83 4.71 -10.04
CA ASP B 685 -18.13 4.28 -8.82
C ASP B 685 -17.23 5.38 -8.25
N LEU B 686 -17.50 5.79 -7.02
CA LEU B 686 -16.79 6.89 -6.37
C LEU B 686 -15.73 6.43 -5.38
N THR B 687 -15.60 5.11 -5.23
CA THR B 687 -14.79 4.50 -4.19
C THR B 687 -13.31 4.36 -4.61
N SER B 688 -12.42 4.62 -3.67
CA SER B 688 -11.00 4.40 -3.84
C SER B 688 -10.67 3.03 -3.27
N LYS B 689 -9.46 2.54 -3.60
CA LYS B 689 -8.94 1.32 -3.00
C LYS B 689 -7.85 1.70 -2.02
N PRO B 690 -8.01 1.35 -0.74
CA PRO B 690 -9.19 0.72 -0.14
C PRO B 690 -10.24 1.82 0.14
N PRO B 691 -11.46 1.47 0.58
CA PRO B 691 -12.04 0.14 0.90
C PRO B 691 -12.50 -0.61 -0.32
N GLY B 692 -12.46 0.04 -1.47
CA GLY B 692 -12.93 -0.56 -2.71
C GLY B 692 -11.84 -1.45 -3.29
N THR B 693 -12.13 -2.04 -4.45
CA THR B 693 -11.09 -2.61 -5.27
C THR B 693 -11.34 -2.17 -6.70
N THR B 694 -10.47 -2.62 -7.60
CA THR B 694 -10.61 -2.23 -9.00
C THR B 694 -11.90 -2.87 -9.52
N GLU B 695 -11.97 -4.19 -9.42
CA GLU B 695 -13.11 -4.95 -9.85
C GLU B 695 -14.16 -5.00 -8.74
N TRP B 696 -15.40 -5.30 -9.12
CA TRP B 696 -16.51 -5.37 -8.18
C TRP B 696 -16.69 -6.75 -7.55
N GLU B 697 -15.97 -7.72 -8.09
CA GLU B 697 -16.00 -9.08 -7.55
C GLU B 697 -14.60 -9.64 -7.44
#